data_2LJH
#
_entry.id   2LJH
#
_entity_poly.entity_id   1
_entity_poly.type   'polypeptide(L)'
_entity_poly.pdbx_seq_one_letter_code
;MGSSHHHHHHSSGLVPRGSHMSDPKKKMCKERIPQPKNTVAMLNELRHGLIYKLESQTGPVHAPLFTISVEVDGQKYLGQ
GRSKKVARIEAAATALRSFIQFKDGAVLSPLKPA
;
_entity_poly.pdbx_strand_id   A
#
# COMPACT_ATOMS: atom_id res chain seq x y z
N SER A 22 4.79 -4.78 -23.04
CA SER A 22 3.72 -5.79 -22.94
C SER A 22 2.56 -5.25 -22.11
N ASP A 23 2.82 -5.03 -20.82
CA ASP A 23 1.82 -4.51 -19.88
C ASP A 23 0.69 -5.51 -19.68
N PRO A 24 0.82 -6.40 -18.69
CA PRO A 24 -0.24 -7.34 -18.34
C PRO A 24 -1.35 -6.66 -17.55
N LYS A 25 -2.38 -6.23 -18.26
CA LYS A 25 -3.46 -5.48 -17.63
C LYS A 25 -4.46 -6.40 -16.97
N LYS A 26 -4.31 -6.55 -15.65
CA LYS A 26 -5.26 -7.31 -14.84
C LYS A 26 -6.60 -6.60 -14.83
N LYS A 27 -7.54 -7.13 -15.60
CA LYS A 27 -8.86 -6.51 -15.75
C LYS A 27 -9.84 -7.09 -14.75
N MET A 28 -9.56 -8.30 -14.30
CA MET A 28 -10.44 -8.98 -13.35
C MET A 28 -10.21 -8.46 -11.94
N CYS A 29 -11.23 -7.82 -11.38
CA CYS A 29 -11.16 -7.29 -10.04
C CYS A 29 -12.25 -7.92 -9.15
N LYS A 30 -12.91 -8.95 -9.68
CA LYS A 30 -13.95 -9.64 -8.92
C LYS A 30 -13.36 -10.78 -8.11
N GLU A 31 -12.11 -11.10 -8.38
CA GLU A 31 -11.39 -12.09 -7.60
C GLU A 31 -10.84 -11.45 -6.33
N ARG A 32 -11.11 -12.09 -5.21
CA ARG A 32 -10.83 -11.49 -3.91
C ARG A 32 -9.40 -11.80 -3.46
N ILE A 33 -9.00 -13.05 -3.62
CA ILE A 33 -7.78 -13.56 -3.03
C ILE A 33 -7.82 -13.29 -1.52
N PRO A 34 -8.65 -14.05 -0.80
CA PRO A 34 -8.97 -13.79 0.60
C PRO A 34 -7.77 -13.83 1.51
N GLN A 35 -7.27 -12.65 1.85
CA GLN A 35 -6.15 -12.50 2.76
C GLN A 35 -6.37 -11.27 3.64
N PRO A 36 -7.10 -11.43 4.75
CA PRO A 36 -7.29 -10.37 5.74
C PRO A 36 -6.02 -10.11 6.53
N LYS A 37 -6.12 -9.30 7.58
CA LYS A 37 -4.97 -8.93 8.41
C LYS A 37 -4.00 -8.06 7.59
N ASN A 38 -4.56 -7.44 6.56
CA ASN A 38 -3.81 -6.59 5.65
C ASN A 38 -3.75 -5.16 6.18
N THR A 39 -2.64 -4.52 5.90
CA THR A 39 -2.34 -3.19 6.39
C THR A 39 -3.35 -2.15 5.91
N VAL A 40 -3.96 -2.38 4.75
CA VAL A 40 -4.89 -1.43 4.18
C VAL A 40 -6.13 -1.33 5.06
N ALA A 41 -6.46 -2.42 5.74
CA ALA A 41 -7.57 -2.45 6.67
C ALA A 41 -7.19 -1.68 7.94
N MET A 42 -5.94 -1.86 8.35
CA MET A 42 -5.38 -1.14 9.49
C MET A 42 -5.47 0.36 9.29
N LEU A 43 -5.09 0.81 8.10
CA LEU A 43 -5.13 2.24 7.76
C LEU A 43 -6.55 2.79 7.86
N ASN A 44 -7.54 1.98 7.49
CA ASN A 44 -8.93 2.42 7.52
C ASN A 44 -9.42 2.56 8.95
N GLU A 45 -8.72 1.90 9.87
CA GLU A 45 -9.04 2.00 11.28
C GLU A 45 -8.38 3.24 11.89
N LEU A 46 -7.34 3.72 11.22
CA LEU A 46 -6.60 4.87 11.70
C LEU A 46 -7.16 6.18 11.15
N ARG A 47 -6.96 6.41 9.86
CA ARG A 47 -7.31 7.69 9.24
C ARG A 47 -8.15 7.47 8.00
N HIS A 48 -9.16 8.30 7.81
CA HIS A 48 -9.94 8.28 6.58
C HIS A 48 -9.36 9.29 5.60
N GLY A 49 -9.86 9.29 4.37
CA GLY A 49 -9.33 10.16 3.36
C GLY A 49 -8.20 9.50 2.61
N LEU A 50 -8.03 8.20 2.84
CA LEU A 50 -6.98 7.42 2.22
C LEU A 50 -7.42 6.94 0.84
N ILE A 51 -6.70 7.38 -0.17
CA ILE A 51 -7.01 6.99 -1.54
C ILE A 51 -5.95 6.06 -2.08
N TYR A 52 -6.32 4.79 -2.29
CA TYR A 52 -5.41 3.83 -2.92
C TYR A 52 -5.59 3.87 -4.42
N LYS A 53 -4.60 4.41 -5.11
CA LYS A 53 -4.66 4.59 -6.55
C LYS A 53 -3.44 3.98 -7.23
N LEU A 54 -3.67 3.26 -8.31
CA LEU A 54 -2.58 2.66 -9.06
C LEU A 54 -1.94 3.72 -9.94
N GLU A 55 -0.84 4.29 -9.47
CA GLU A 55 -0.22 5.40 -10.18
C GLU A 55 0.59 4.91 -11.37
N SER A 56 1.11 3.70 -11.27
CA SER A 56 1.89 3.12 -12.35
C SER A 56 1.79 1.60 -12.32
N GLN A 57 1.73 0.99 -13.49
CA GLN A 57 1.71 -0.46 -13.60
C GLN A 57 2.74 -0.90 -14.63
N THR A 58 3.64 -1.78 -14.21
CA THR A 58 4.73 -2.24 -15.05
C THR A 58 5.07 -3.70 -14.71
N GLY A 59 6.25 -4.15 -15.14
CA GLY A 59 6.75 -5.44 -14.71
C GLY A 59 6.58 -6.53 -15.75
N PRO A 60 7.09 -7.73 -15.46
CA PRO A 60 6.91 -8.90 -16.32
C PRO A 60 5.49 -9.45 -16.28
N VAL A 61 5.24 -10.57 -16.93
CA VAL A 61 3.91 -11.18 -16.92
C VAL A 61 3.83 -12.25 -15.83
N HIS A 62 4.97 -12.83 -15.48
CA HIS A 62 5.02 -13.86 -14.46
C HIS A 62 4.90 -13.24 -13.08
N ALA A 63 5.26 -11.95 -12.97
CA ALA A 63 5.20 -11.24 -11.72
C ALA A 63 5.32 -9.74 -11.95
N PRO A 64 4.25 -9.09 -12.42
CA PRO A 64 4.28 -7.67 -12.76
C PRO A 64 4.48 -6.80 -11.53
N LEU A 65 4.84 -5.55 -11.75
CA LEU A 65 5.06 -4.62 -10.67
C LEU A 65 3.97 -3.56 -10.68
N PHE A 66 3.16 -3.58 -9.65
CA PHE A 66 2.08 -2.64 -9.49
C PHE A 66 2.47 -1.59 -8.46
N THR A 67 2.25 -0.33 -8.79
CA THR A 67 2.63 0.75 -7.91
C THR A 67 1.40 1.49 -7.41
N ILE A 68 1.01 1.19 -6.19
CA ILE A 68 -0.15 1.80 -5.57
C ILE A 68 0.28 2.95 -4.68
N SER A 69 -0.34 4.09 -4.88
CA SER A 69 -0.07 5.25 -4.07
C SER A 69 -1.27 5.54 -3.19
N VAL A 70 -1.05 5.58 -1.89
CA VAL A 70 -2.10 5.97 -0.97
C VAL A 70 -1.76 7.32 -0.36
N GLU A 71 -2.67 8.25 -0.51
CA GLU A 71 -2.46 9.58 0.04
C GLU A 71 -3.23 9.71 1.33
N VAL A 72 -2.52 9.91 2.43
CA VAL A 72 -3.12 10.00 3.74
C VAL A 72 -2.62 11.21 4.48
N ASP A 73 -3.55 12.07 4.86
CA ASP A 73 -3.24 13.28 5.61
C ASP A 73 -2.23 14.17 4.89
N GLY A 74 -2.17 14.03 3.57
CA GLY A 74 -1.27 14.86 2.78
C GLY A 74 0.05 14.17 2.48
N GLN A 75 0.24 12.99 3.04
CA GLN A 75 1.43 12.23 2.77
C GLN A 75 1.12 11.05 1.85
N LYS A 76 1.84 10.98 0.75
CA LYS A 76 1.64 9.93 -0.21
C LYS A 76 2.58 8.77 0.10
N TYR A 77 2.01 7.65 0.48
CA TYR A 77 2.77 6.46 0.77
C TYR A 77 2.71 5.52 -0.43
N LEU A 78 3.84 4.97 -0.82
CA LEU A 78 3.91 4.18 -2.03
C LEU A 78 4.10 2.70 -1.71
N GLY A 79 3.43 1.86 -2.46
CA GLY A 79 3.58 0.43 -2.29
C GLY A 79 3.70 -0.27 -3.63
N GLN A 80 4.71 -1.12 -3.75
CA GLN A 80 4.98 -1.79 -5.01
C GLN A 80 4.94 -3.30 -4.84
N GLY A 81 3.95 -3.93 -5.44
CA GLY A 81 3.78 -5.36 -5.30
C GLY A 81 3.56 -6.02 -6.63
N ARG A 82 3.32 -7.33 -6.61
CA ARG A 82 3.15 -8.10 -7.84
C ARG A 82 1.69 -8.12 -8.29
N SER A 83 0.87 -7.37 -7.60
CA SER A 83 -0.55 -7.25 -7.91
C SER A 83 -1.10 -6.00 -7.24
N LYS A 84 -2.26 -5.52 -7.70
CA LYS A 84 -2.90 -4.35 -7.11
C LYS A 84 -3.07 -4.54 -5.59
N LYS A 85 -3.47 -5.75 -5.22
CA LYS A 85 -3.73 -6.10 -3.84
C LYS A 85 -2.46 -5.98 -3.01
N VAL A 86 -1.40 -6.64 -3.47
CA VAL A 86 -0.09 -6.59 -2.79
C VAL A 86 0.40 -5.16 -2.68
N ALA A 87 0.38 -4.43 -3.79
CA ALA A 87 0.86 -3.06 -3.84
C ALA A 87 0.09 -2.16 -2.88
N ARG A 88 -1.21 -2.40 -2.79
CA ARG A 88 -2.08 -1.64 -1.91
C ARG A 88 -1.66 -1.86 -0.45
N ILE A 89 -1.45 -3.13 -0.09
CA ILE A 89 -0.92 -3.51 1.23
C ILE A 89 0.42 -2.81 1.52
N GLU A 90 1.33 -2.89 0.56
CA GLU A 90 2.66 -2.28 0.71
C GLU A 90 2.55 -0.79 0.99
N ALA A 91 1.65 -0.12 0.29
CA ALA A 91 1.44 1.31 0.45
C ALA A 91 0.98 1.64 1.87
N ALA A 92 0.03 0.87 2.35
CA ALA A 92 -0.56 1.10 3.67
C ALA A 92 0.43 0.79 4.78
N ALA A 93 1.33 -0.15 4.54
CA ALA A 93 2.34 -0.53 5.53
C ALA A 93 3.21 0.66 5.90
N THR A 94 3.68 1.37 4.89
CA THR A 94 4.48 2.58 5.09
C THR A 94 3.70 3.62 5.89
N ALA A 95 2.41 3.75 5.57
CA ALA A 95 1.55 4.70 6.24
C ALA A 95 1.41 4.38 7.72
N LEU A 96 1.26 3.10 8.04
CA LEU A 96 1.05 2.66 9.41
C LEU A 96 2.19 3.11 10.31
N ARG A 97 3.43 2.81 9.90
CA ARG A 97 4.60 3.12 10.71
C ARG A 97 4.81 4.64 10.79
N SER A 98 4.19 5.37 9.87
CA SER A 98 4.24 6.82 9.88
C SER A 98 3.38 7.38 11.02
N PHE A 99 2.33 6.67 11.38
CA PHE A 99 1.45 7.10 12.47
C PHE A 99 1.94 6.57 13.79
N ILE A 100 1.93 5.25 13.93
CA ILE A 100 2.41 4.61 15.14
C ILE A 100 3.69 3.85 14.86
N GLN A 101 4.63 3.95 15.77
CA GLN A 101 5.95 3.40 15.56
C GLN A 101 6.49 2.84 16.85
N PHE A 102 6.47 1.52 16.94
CA PHE A 102 7.00 0.81 18.10
C PHE A 102 8.49 0.60 17.92
N LYS A 103 9.10 -0.23 18.75
CA LYS A 103 10.50 -0.56 18.60
C LYS A 103 10.69 -1.53 17.44
N ASP A 104 10.40 -1.05 16.26
CA ASP A 104 10.59 -1.80 15.03
C ASP A 104 12.00 -1.60 14.51
N GLY A 105 12.33 -0.33 14.28
CA GLY A 105 13.65 0.03 13.78
C GLY A 105 14.11 -0.78 12.60
N ALA A 106 13.18 -1.20 11.76
CA ALA A 106 13.52 -2.02 10.61
C ALA A 106 13.93 -1.15 9.42
N VAL A 107 14.99 -1.56 8.75
CA VAL A 107 15.50 -0.81 7.60
C VAL A 107 14.92 -1.35 6.31
N LEU A 108 13.84 -2.10 6.45
CA LEU A 108 13.14 -2.64 5.30
C LEU A 108 12.26 -1.55 4.70
N SER A 109 12.84 -0.78 3.81
CA SER A 109 12.12 0.33 3.18
C SER A 109 12.73 0.61 1.80
N PRO A 110 12.07 0.13 0.74
CA PRO A 110 12.53 0.31 -0.63
C PRO A 110 12.43 1.77 -1.06
N LEU A 111 13.58 2.41 -1.24
CA LEU A 111 13.62 3.79 -1.68
C LEU A 111 13.82 3.87 -3.19
N LYS A 112 12.72 3.90 -3.92
CA LYS A 112 12.72 3.93 -5.38
C LYS A 112 13.57 2.80 -5.98
N PRO A 113 13.03 1.57 -5.95
CA PRO A 113 13.72 0.42 -6.49
C PRO A 113 13.40 0.18 -7.97
N ALA A 114 14.33 0.55 -8.83
CA ALA A 114 14.14 0.37 -10.26
C ALA A 114 14.80 -0.92 -10.72
N SER A 22 -31.72 -11.10 -23.94
CA SER A 22 -31.46 -10.20 -22.81
C SER A 22 -30.09 -9.55 -22.96
N ASP A 23 -29.96 -8.32 -22.49
CA ASP A 23 -28.70 -7.58 -22.58
C ASP A 23 -27.77 -8.01 -21.46
N PRO A 24 -26.65 -8.66 -21.81
CA PRO A 24 -25.73 -9.23 -20.84
C PRO A 24 -24.64 -8.24 -20.40
N LYS A 25 -24.93 -7.49 -19.34
CA LYS A 25 -23.94 -6.61 -18.76
C LYS A 25 -23.13 -7.34 -17.71
N LYS A 26 -22.02 -7.91 -18.15
CA LYS A 26 -21.12 -8.63 -17.27
C LYS A 26 -20.32 -7.64 -16.44
N LYS A 27 -20.23 -7.88 -15.14
CA LYS A 27 -19.45 -7.00 -14.29
C LYS A 27 -18.04 -7.56 -14.13
N MET A 28 -17.05 -6.69 -14.27
CA MET A 28 -15.66 -7.11 -14.24
C MET A 28 -15.00 -6.75 -12.92
N CYS A 29 -14.42 -7.74 -12.28
CA CYS A 29 -13.66 -7.52 -11.07
C CYS A 29 -12.23 -8.02 -11.26
N LYS A 30 -11.28 -7.10 -11.28
CA LYS A 30 -9.87 -7.45 -11.41
C LYS A 30 -9.17 -7.15 -10.09
N GLU A 31 -9.97 -7.07 -9.05
CA GLU A 31 -9.48 -6.72 -7.73
C GLU A 31 -10.03 -7.69 -6.70
N ARG A 32 -9.17 -8.16 -5.81
CA ARG A 32 -9.60 -9.00 -4.70
C ARG A 32 -9.27 -8.32 -3.38
N ILE A 33 -10.26 -8.21 -2.51
CA ILE A 33 -10.07 -7.59 -1.21
C ILE A 33 -9.39 -8.57 -0.27
N PRO A 34 -8.24 -8.16 0.30
CA PRO A 34 -7.49 -8.99 1.25
C PRO A 34 -8.36 -9.46 2.41
N GLN A 35 -8.39 -10.77 2.61
CA GLN A 35 -9.23 -11.38 3.63
C GLN A 35 -8.64 -11.25 5.04
N PRO A 36 -7.32 -11.49 5.24
CA PRO A 36 -6.68 -11.28 6.54
C PRO A 36 -6.66 -9.80 6.94
N LYS A 37 -6.13 -9.53 8.13
CA LYS A 37 -5.98 -8.16 8.59
C LYS A 37 -4.88 -7.44 7.82
N ASN A 38 -5.25 -6.93 6.66
CA ASN A 38 -4.36 -6.15 5.81
C ASN A 38 -4.16 -4.77 6.38
N THR A 39 -2.99 -4.21 6.12
CA THR A 39 -2.64 -2.88 6.54
C THR A 39 -3.63 -1.86 6.00
N VAL A 40 -4.21 -2.18 4.85
CA VAL A 40 -5.24 -1.35 4.23
C VAL A 40 -6.41 -1.14 5.19
N ALA A 41 -6.88 -2.23 5.77
CA ALA A 41 -7.97 -2.18 6.73
C ALA A 41 -7.54 -1.42 7.97
N MET A 42 -6.28 -1.61 8.36
CA MET A 42 -5.72 -0.92 9.52
C MET A 42 -5.76 0.59 9.32
N LEU A 43 -5.38 1.04 8.13
CA LEU A 43 -5.38 2.46 7.80
C LEU A 43 -6.79 3.03 7.87
N ASN A 44 -7.78 2.20 7.51
CA ASN A 44 -9.18 2.62 7.56
C ASN A 44 -9.65 2.78 8.99
N GLU A 45 -8.93 2.14 9.92
CA GLU A 45 -9.25 2.24 11.33
C GLU A 45 -8.58 3.48 11.93
N LEU A 46 -7.56 3.98 11.25
CA LEU A 46 -6.81 5.13 11.74
C LEU A 46 -7.33 6.44 11.13
N ARG A 47 -7.17 6.59 9.82
CA ARG A 47 -7.55 7.83 9.15
C ARG A 47 -8.64 7.60 8.12
N HIS A 48 -9.16 8.68 7.57
CA HIS A 48 -10.13 8.62 6.48
C HIS A 48 -9.63 9.45 5.31
N GLY A 49 -10.22 9.26 4.13
CA GLY A 49 -9.78 9.99 2.97
C GLY A 49 -8.54 9.37 2.36
N LEU A 50 -8.34 8.10 2.68
CA LEU A 50 -7.20 7.35 2.17
C LEU A 50 -7.53 6.78 0.80
N ILE A 51 -7.01 7.42 -0.23
CA ILE A 51 -7.28 6.99 -1.60
C ILE A 51 -6.18 6.06 -2.10
N TYR A 52 -6.52 4.80 -2.30
CA TYR A 52 -5.60 3.86 -2.92
C TYR A 52 -5.78 3.89 -4.42
N LYS A 53 -4.79 4.44 -5.09
CA LYS A 53 -4.86 4.64 -6.54
C LYS A 53 -3.63 4.05 -7.21
N LEU A 54 -3.86 3.23 -8.22
CA LEU A 54 -2.77 2.60 -8.97
C LEU A 54 -2.14 3.63 -9.89
N GLU A 55 -1.02 4.20 -9.47
CA GLU A 55 -0.41 5.27 -10.23
C GLU A 55 0.44 4.72 -11.38
N SER A 56 0.98 3.52 -11.20
CA SER A 56 1.82 2.90 -12.21
C SER A 56 1.75 1.38 -12.14
N GLN A 57 1.92 0.75 -13.29
CA GLN A 57 2.02 -0.71 -13.36
C GLN A 57 2.91 -1.10 -14.53
N THR A 58 4.02 -1.76 -14.23
CA THR A 58 4.97 -2.19 -15.25
C THR A 58 5.71 -3.44 -14.77
N GLY A 59 6.20 -4.24 -15.69
CA GLY A 59 6.98 -5.41 -15.33
C GLY A 59 6.67 -6.62 -16.16
N PRO A 60 7.41 -7.72 -15.95
CA PRO A 60 7.19 -8.98 -16.68
C PRO A 60 5.85 -9.63 -16.31
N VAL A 61 5.49 -10.68 -17.03
CA VAL A 61 4.23 -11.35 -16.78
C VAL A 61 4.34 -12.32 -15.60
N HIS A 62 5.56 -12.84 -15.37
CA HIS A 62 5.78 -13.76 -14.27
C HIS A 62 5.80 -13.01 -12.93
N ALA A 63 6.18 -11.73 -12.98
CA ALA A 63 6.23 -10.90 -11.79
C ALA A 63 6.04 -9.44 -12.16
N PRO A 64 4.80 -9.01 -12.44
CA PRO A 64 4.50 -7.64 -12.78
C PRO A 64 4.45 -6.76 -11.54
N LEU A 65 4.92 -5.55 -11.66
CA LEU A 65 4.96 -4.65 -10.52
C LEU A 65 3.78 -3.69 -10.57
N PHE A 66 3.11 -3.58 -9.45
CA PHE A 66 1.99 -2.66 -9.30
C PHE A 66 2.37 -1.60 -8.30
N THR A 67 2.05 -0.36 -8.61
CA THR A 67 2.43 0.75 -7.77
C THR A 67 1.19 1.49 -7.31
N ILE A 68 0.79 1.22 -6.08
CA ILE A 68 -0.38 1.85 -5.50
C ILE A 68 0.03 3.02 -4.63
N SER A 69 -0.59 4.16 -4.89
CA SER A 69 -0.32 5.36 -4.13
C SER A 69 -1.49 5.64 -3.21
N VAL A 70 -1.23 5.75 -1.93
CA VAL A 70 -2.26 6.12 -0.98
C VAL A 70 -1.91 7.44 -0.33
N GLU A 71 -2.86 8.35 -0.36
CA GLU A 71 -2.63 9.67 0.19
C GLU A 71 -3.30 9.78 1.56
N VAL A 72 -2.48 9.89 2.58
CA VAL A 72 -2.98 9.89 3.95
C VAL A 72 -2.35 11.03 4.73
N ASP A 73 -3.19 11.89 5.30
CA ASP A 73 -2.76 13.01 6.12
C ASP A 73 -1.88 13.98 5.33
N GLY A 74 -2.01 13.93 4.01
CA GLY A 74 -1.21 14.79 3.15
C GLY A 74 0.05 14.11 2.67
N GLN A 75 0.39 12.99 3.31
CA GLN A 75 1.54 12.21 2.93
C GLN A 75 1.16 11.13 1.95
N LYS A 76 1.86 11.08 0.84
CA LYS A 76 1.61 10.09 -0.17
C LYS A 76 2.52 8.90 0.05
N TYR A 77 1.93 7.82 0.54
CA TYR A 77 2.67 6.60 0.79
C TYR A 77 2.57 5.69 -0.40
N LEU A 78 3.70 5.17 -0.84
CA LEU A 78 3.73 4.35 -2.04
C LEU A 78 3.88 2.88 -1.68
N GLY A 79 3.15 2.04 -2.38
CA GLY A 79 3.25 0.62 -2.19
C GLY A 79 3.46 -0.10 -3.49
N GLN A 80 4.51 -0.90 -3.55
CA GLN A 80 4.83 -1.62 -4.77
C GLN A 80 4.81 -3.11 -4.52
N GLY A 81 3.99 -3.81 -5.28
CA GLY A 81 3.86 -5.24 -5.11
C GLY A 81 3.69 -5.94 -6.44
N ARG A 82 3.48 -7.25 -6.40
CA ARG A 82 3.37 -8.03 -7.64
C ARG A 82 1.92 -8.05 -8.13
N SER A 83 1.04 -7.35 -7.42
CA SER A 83 -0.37 -7.28 -7.76
C SER A 83 -0.99 -6.06 -7.08
N LYS A 84 -2.19 -5.68 -7.50
CA LYS A 84 -2.92 -4.57 -6.87
C LYS A 84 -3.10 -4.84 -5.38
N LYS A 85 -3.44 -6.10 -5.09
CA LYS A 85 -3.63 -6.57 -3.72
C LYS A 85 -2.39 -6.27 -2.87
N VAL A 86 -1.25 -6.72 -3.34
CA VAL A 86 0.01 -6.56 -2.63
C VAL A 86 0.37 -5.07 -2.52
N ALA A 87 0.34 -4.39 -3.65
CA ALA A 87 0.74 -2.99 -3.72
C ALA A 87 -0.08 -2.11 -2.78
N ARG A 88 -1.38 -2.38 -2.70
CA ARG A 88 -2.27 -1.62 -1.84
C ARG A 88 -1.90 -1.84 -0.37
N ILE A 89 -1.66 -3.09 -0.01
CA ILE A 89 -1.18 -3.44 1.33
C ILE A 89 0.15 -2.75 1.63
N GLU A 90 1.09 -2.87 0.70
CA GLU A 90 2.41 -2.26 0.86
C GLU A 90 2.30 -0.75 1.06
N ALA A 91 1.39 -0.11 0.32
CA ALA A 91 1.16 1.31 0.43
C ALA A 91 0.69 1.67 1.84
N ALA A 92 -0.27 0.92 2.33
CA ALA A 92 -0.81 1.14 3.66
C ALA A 92 0.22 0.81 4.72
N ALA A 93 1.06 -0.17 4.43
CA ALA A 93 2.14 -0.56 5.35
C ALA A 93 3.12 0.59 5.52
N THR A 94 3.39 1.30 4.45
CA THR A 94 4.26 2.47 4.49
C THR A 94 3.65 3.54 5.39
N ALA A 95 2.33 3.70 5.28
CA ALA A 95 1.60 4.65 6.09
C ALA A 95 1.65 4.28 7.57
N LEU A 96 1.28 3.03 7.87
CA LEU A 96 1.25 2.55 9.25
C LEU A 96 2.59 2.73 9.94
N ARG A 97 3.65 2.31 9.27
CA ARG A 97 4.99 2.36 9.86
C ARG A 97 5.46 3.81 10.00
N SER A 98 4.79 4.72 9.30
CA SER A 98 5.11 6.14 9.39
C SER A 98 4.41 6.73 10.63
N PHE A 99 3.29 6.14 11.01
CA PHE A 99 2.56 6.59 12.16
C PHE A 99 3.19 6.05 13.45
N ILE A 100 3.31 4.73 13.53
CA ILE A 100 3.84 4.09 14.72
C ILE A 100 4.92 3.07 14.37
N GLN A 101 5.87 2.90 15.28
CA GLN A 101 6.90 1.88 15.15
C GLN A 101 7.22 1.28 16.51
N PHE A 102 7.58 0.00 16.51
CA PHE A 102 7.86 -0.71 17.74
C PHE A 102 9.36 -0.87 17.94
N LYS A 103 10.12 0.07 17.38
CA LYS A 103 11.57 0.04 17.47
C LYS A 103 12.13 1.40 17.06
N ASP A 104 13.41 1.63 17.34
CA ASP A 104 14.07 2.87 16.95
C ASP A 104 14.08 3.04 15.44
N GLY A 105 14.34 1.95 14.73
CA GLY A 105 14.41 2.00 13.28
C GLY A 105 15.61 2.81 12.81
N ALA A 106 16.68 2.77 13.61
CA ALA A 106 17.89 3.50 13.29
C ALA A 106 18.57 2.89 12.07
N VAL A 107 19.14 3.76 11.23
CA VAL A 107 19.70 3.35 9.96
C VAL A 107 18.59 2.77 9.08
N LEU A 108 17.70 3.65 8.65
CA LEU A 108 16.57 3.26 7.83
C LEU A 108 16.85 3.54 6.37
N SER A 109 16.89 2.48 5.58
CA SER A 109 17.08 2.62 4.15
C SER A 109 15.75 3.05 3.51
N PRO A 110 15.80 3.95 2.51
CA PRO A 110 14.59 4.39 1.81
C PRO A 110 13.86 3.24 1.13
N LEU A 111 12.88 2.68 1.83
CA LEU A 111 12.13 1.55 1.32
C LEU A 111 10.88 2.05 0.60
N LYS A 112 10.81 1.76 -0.70
CA LYS A 112 9.70 2.18 -1.56
C LYS A 112 9.78 3.69 -1.81
N PRO A 113 9.88 4.09 -3.09
CA PRO A 113 10.02 5.49 -3.49
C PRO A 113 8.94 6.41 -2.91
N ALA A 114 9.33 7.20 -1.94
CA ALA A 114 8.43 8.17 -1.33
C ALA A 114 9.11 9.53 -1.29
N SER A 22 -2.40 -4.70 -24.39
CA SER A 22 -3.30 -5.40 -23.45
C SER A 22 -3.51 -4.56 -22.20
N ASP A 23 -2.43 -4.35 -21.43
CA ASP A 23 -2.43 -3.51 -20.22
C ASP A 23 -3.33 -4.08 -19.11
N PRO A 24 -2.74 -4.36 -17.94
CA PRO A 24 -3.43 -4.99 -16.82
C PRO A 24 -4.22 -4.03 -15.94
N LYS A 25 -4.50 -2.83 -16.40
CA LYS A 25 -5.33 -1.91 -15.64
C LYS A 25 -6.80 -2.18 -15.91
N LYS A 26 -7.50 -2.64 -14.89
CA LYS A 26 -8.91 -2.95 -15.01
C LYS A 26 -9.74 -1.70 -14.72
N LYS A 27 -10.57 -1.32 -15.69
CA LYS A 27 -11.39 -0.11 -15.60
C LYS A 27 -12.16 -0.05 -14.29
N MET A 28 -12.87 -1.12 -13.97
CA MET A 28 -13.66 -1.16 -12.76
C MET A 28 -13.26 -2.34 -11.89
N CYS A 29 -12.27 -2.10 -11.03
CA CYS A 29 -11.87 -3.09 -10.04
C CYS A 29 -12.81 -3.03 -8.86
N LYS A 30 -13.88 -3.80 -8.92
CA LYS A 30 -14.89 -3.78 -7.87
C LYS A 30 -14.48 -4.68 -6.72
N GLU A 31 -13.59 -4.17 -5.88
CA GLU A 31 -13.13 -4.91 -4.73
C GLU A 31 -13.93 -4.50 -3.50
N ARG A 32 -15.06 -5.17 -3.31
CA ARG A 32 -15.94 -4.91 -2.18
C ARG A 32 -15.95 -6.11 -1.25
N ILE A 33 -15.13 -7.10 -1.59
CA ILE A 33 -15.00 -8.31 -0.79
C ILE A 33 -14.39 -8.01 0.57
N PRO A 34 -14.77 -8.77 1.60
CA PRO A 34 -14.20 -8.63 2.93
C PRO A 34 -12.76 -9.10 2.95
N GLN A 35 -11.83 -8.14 2.95
CA GLN A 35 -10.42 -8.46 2.89
C GLN A 35 -9.81 -8.32 4.28
N PRO A 36 -9.39 -9.45 4.88
CA PRO A 36 -8.76 -9.47 6.19
C PRO A 36 -7.23 -9.51 6.11
N LYS A 37 -6.60 -9.38 7.27
CA LYS A 37 -5.14 -9.52 7.42
C LYS A 37 -4.37 -8.57 6.51
N ASN A 38 -4.80 -7.32 6.45
CA ASN A 38 -4.11 -6.33 5.62
C ASN A 38 -4.01 -4.99 6.31
N THR A 39 -2.98 -4.26 5.95
CA THR A 39 -2.70 -2.96 6.49
C THR A 39 -3.69 -1.92 5.96
N VAL A 40 -4.38 -2.28 4.89
CA VAL A 40 -5.41 -1.44 4.29
C VAL A 40 -6.53 -1.19 5.29
N ALA A 41 -7.00 -2.27 5.90
CA ALA A 41 -8.02 -2.18 6.94
C ALA A 41 -7.49 -1.40 8.14
N MET A 42 -6.23 -1.67 8.47
CA MET A 42 -5.55 -0.97 9.56
C MET A 42 -5.57 0.55 9.35
N LEU A 43 -5.32 0.97 8.11
CA LEU A 43 -5.29 2.40 7.77
C LEU A 43 -6.66 3.03 8.00
N ASN A 44 -7.71 2.28 7.69
CA ASN A 44 -9.08 2.76 7.87
C ASN A 44 -9.37 2.98 9.35
N GLU A 45 -8.63 2.28 10.20
CA GLU A 45 -8.80 2.39 11.64
C GLU A 45 -7.97 3.54 12.19
N LEU A 46 -6.97 3.98 11.43
CA LEU A 46 -6.08 5.05 11.86
C LEU A 46 -6.51 6.40 11.33
N ARG A 47 -6.47 6.56 10.02
CA ARG A 47 -6.72 7.85 9.40
C ARG A 47 -7.64 7.70 8.20
N HIS A 48 -8.81 8.32 8.29
CA HIS A 48 -9.74 8.37 7.17
C HIS A 48 -9.23 9.37 6.11
N GLY A 49 -9.72 9.22 4.89
CA GLY A 49 -9.23 10.04 3.81
C GLY A 49 -8.10 9.35 3.07
N LEU A 50 -8.16 8.04 3.05
CA LEU A 50 -7.15 7.23 2.38
C LEU A 50 -7.62 6.81 0.99
N ILE A 51 -6.92 7.30 -0.03
CA ILE A 51 -7.30 7.00 -1.41
C ILE A 51 -6.22 6.18 -2.09
N TYR A 52 -6.51 4.92 -2.37
CA TYR A 52 -5.56 4.05 -3.07
C TYR A 52 -5.78 4.14 -4.58
N LYS A 53 -4.73 4.50 -5.29
CA LYS A 53 -4.79 4.61 -6.74
C LYS A 53 -3.60 3.89 -7.37
N LEU A 54 -3.82 3.27 -8.51
CA LEU A 54 -2.76 2.60 -9.24
C LEU A 54 -2.07 3.60 -10.15
N GLU A 55 -0.92 4.10 -9.73
CA GLU A 55 -0.26 5.17 -10.46
C GLU A 55 0.61 4.63 -11.58
N SER A 56 1.11 3.41 -11.41
CA SER A 56 1.98 2.80 -12.40
C SER A 56 1.97 1.29 -12.30
N GLN A 57 2.24 0.64 -13.41
CA GLN A 57 2.30 -0.81 -13.48
C GLN A 57 3.30 -1.20 -14.56
N THR A 58 4.37 -1.88 -14.15
CA THR A 58 5.48 -2.20 -15.05
C THR A 58 6.12 -3.53 -14.66
N GLY A 59 6.78 -4.18 -15.59
CA GLY A 59 7.55 -5.37 -15.26
C GLY A 59 7.23 -6.54 -16.17
N PRO A 60 7.64 -7.75 -15.77
CA PRO A 60 7.36 -8.97 -16.51
C PRO A 60 5.91 -9.42 -16.34
N VAL A 61 5.52 -10.48 -17.02
CA VAL A 61 4.16 -10.97 -16.94
C VAL A 61 4.04 -12.03 -15.84
N HIS A 62 5.14 -12.72 -15.56
CA HIS A 62 5.15 -13.75 -14.54
C HIS A 62 5.15 -13.12 -13.16
N ALA A 63 5.64 -11.89 -13.06
CA ALA A 63 5.68 -11.16 -11.80
C ALA A 63 5.69 -9.67 -12.04
N PRO A 64 4.55 -9.09 -12.47
CA PRO A 64 4.46 -7.68 -12.77
C PRO A 64 4.51 -6.84 -11.50
N LEU A 65 5.10 -5.66 -11.60
CA LEU A 65 5.22 -4.76 -10.47
C LEU A 65 4.12 -3.71 -10.54
N PHE A 66 3.25 -3.75 -9.55
CA PHE A 66 2.14 -2.81 -9.46
C PHE A 66 2.50 -1.73 -8.44
N THR A 67 2.21 -0.49 -8.77
CA THR A 67 2.57 0.62 -7.91
C THR A 67 1.33 1.38 -7.47
N ILE A 68 0.92 1.15 -6.22
CA ILE A 68 -0.25 1.79 -5.66
C ILE A 68 0.18 2.94 -4.77
N SER A 69 -0.40 4.10 -5.01
CA SER A 69 -0.15 5.24 -4.17
C SER A 69 -1.38 5.58 -3.35
N VAL A 70 -1.15 5.90 -2.09
CA VAL A 70 -2.24 6.33 -1.22
C VAL A 70 -1.83 7.57 -0.46
N GLU A 71 -2.66 8.59 -0.51
CA GLU A 71 -2.42 9.79 0.24
C GLU A 71 -3.20 9.75 1.54
N VAL A 72 -2.48 9.71 2.64
CA VAL A 72 -3.09 9.60 3.95
C VAL A 72 -2.65 10.76 4.83
N ASP A 73 -3.62 11.53 5.30
CA ASP A 73 -3.36 12.68 6.17
C ASP A 73 -2.61 13.79 5.42
N GLY A 74 -2.36 13.56 4.14
CA GLY A 74 -1.64 14.52 3.34
C GLY A 74 -0.37 13.94 2.77
N GLN A 75 0.11 12.85 3.36
CA GLN A 75 1.33 12.20 2.88
C GLN A 75 1.03 11.13 1.87
N LYS A 76 1.77 11.13 0.78
CA LYS A 76 1.54 10.21 -0.31
C LYS A 76 2.49 9.02 -0.19
N TYR A 77 1.97 7.93 0.34
CA TYR A 77 2.75 6.73 0.53
C TYR A 77 2.68 5.84 -0.71
N LEU A 78 3.75 5.13 -0.99
CA LEU A 78 3.81 4.30 -2.18
C LEU A 78 3.98 2.83 -1.80
N GLY A 79 3.25 1.98 -2.49
CA GLY A 79 3.34 0.56 -2.24
C GLY A 79 3.51 -0.22 -3.52
N GLN A 80 4.48 -1.11 -3.55
CA GLN A 80 4.80 -1.85 -4.77
C GLN A 80 4.70 -3.35 -4.54
N GLY A 81 3.90 -4.01 -5.36
CA GLY A 81 3.70 -5.44 -5.21
C GLY A 81 3.52 -6.13 -6.53
N ARG A 82 3.34 -7.45 -6.50
CA ARG A 82 3.22 -8.23 -7.73
C ARG A 82 1.77 -8.31 -8.21
N SER A 83 0.90 -7.55 -7.54
CA SER A 83 -0.51 -7.48 -7.90
C SER A 83 -1.09 -6.21 -7.29
N LYS A 84 -2.29 -5.82 -7.72
CA LYS A 84 -2.92 -4.61 -7.22
C LYS A 84 -3.12 -4.71 -5.72
N LYS A 85 -3.50 -5.90 -5.27
CA LYS A 85 -3.75 -6.17 -3.85
C LYS A 85 -2.48 -5.97 -3.04
N VAL A 86 -1.41 -6.65 -3.45
CA VAL A 86 -0.13 -6.55 -2.75
C VAL A 86 0.29 -5.09 -2.64
N ALA A 87 0.26 -4.38 -3.77
CA ALA A 87 0.71 -3.00 -3.82
C ALA A 87 -0.14 -2.11 -2.91
N ARG A 88 -1.44 -2.33 -2.90
CA ARG A 88 -2.35 -1.55 -2.06
C ARG A 88 -2.03 -1.76 -0.59
N ILE A 89 -1.76 -3.00 -0.22
CA ILE A 89 -1.37 -3.34 1.14
C ILE A 89 0.00 -2.72 1.49
N GLU A 90 0.97 -2.88 0.61
CA GLU A 90 2.31 -2.33 0.83
C GLU A 90 2.28 -0.82 1.03
N ALA A 91 1.42 -0.14 0.28
CA ALA A 91 1.25 1.30 0.42
C ALA A 91 0.72 1.64 1.82
N ALA A 92 -0.26 0.88 2.26
CA ALA A 92 -0.86 1.08 3.58
C ALA A 92 0.13 0.76 4.69
N ALA A 93 0.96 -0.25 4.46
CA ALA A 93 1.97 -0.66 5.44
C ALA A 93 2.93 0.47 5.72
N THR A 94 3.29 1.20 4.66
CA THR A 94 4.20 2.32 4.78
C THR A 94 3.54 3.45 5.57
N ALA A 95 2.26 3.69 5.29
CA ALA A 95 1.49 4.71 5.99
C ALA A 95 1.45 4.42 7.48
N LEU A 96 1.15 3.16 7.83
CA LEU A 96 1.02 2.75 9.23
C LEU A 96 2.26 3.13 10.04
N ARG A 97 3.43 2.80 9.53
CA ARG A 97 4.67 3.02 10.26
C ARG A 97 4.95 4.51 10.43
N SER A 98 4.40 5.32 9.53
CA SER A 98 4.58 6.75 9.59
C SER A 98 3.75 7.35 10.73
N PHE A 99 2.70 6.64 11.11
CA PHE A 99 1.88 7.05 12.25
C PHE A 99 2.45 6.47 13.53
N ILE A 100 2.62 5.15 13.56
CA ILE A 100 3.13 4.47 14.74
C ILE A 100 4.15 3.40 14.35
N GLN A 101 5.11 3.17 15.24
CA GLN A 101 6.09 2.11 15.03
C GLN A 101 6.32 1.36 16.34
N PHE A 102 5.39 0.49 16.68
CA PHE A 102 5.45 -0.26 17.91
C PHE A 102 5.86 -1.70 17.64
N LYS A 103 6.00 -2.49 18.70
CA LYS A 103 6.38 -3.91 18.65
C LYS A 103 7.58 -4.15 17.75
N ASP A 104 8.43 -3.12 17.61
CA ASP A 104 9.62 -3.22 16.78
C ASP A 104 10.86 -3.21 17.67
N GLY A 105 10.84 -2.33 18.66
CA GLY A 105 12.00 -2.15 19.51
C GLY A 105 12.92 -1.09 18.94
N ALA A 106 12.39 -0.35 17.97
CA ALA A 106 13.13 0.69 17.28
C ALA A 106 13.68 1.72 18.27
N VAL A 107 14.93 2.11 18.07
CA VAL A 107 15.60 3.02 19.00
C VAL A 107 15.84 4.37 18.36
N LEU A 108 15.68 5.42 19.15
CA LEU A 108 16.00 6.77 18.72
C LEU A 108 17.05 7.36 19.64
N SER A 109 17.60 6.49 20.47
CA SER A 109 18.62 6.86 21.43
C SER A 109 20.00 6.80 20.78
N PRO A 110 20.94 7.62 21.27
CA PRO A 110 22.32 7.62 20.77
C PRO A 110 23.06 6.34 21.14
N LEU A 111 23.31 5.50 20.15
CA LEU A 111 24.06 4.27 20.37
C LEU A 111 25.49 4.45 19.89
N LYS A 112 26.42 3.83 20.60
CA LYS A 112 27.83 3.92 20.25
C LYS A 112 28.23 2.81 19.28
N PRO A 113 28.82 3.18 18.14
CA PRO A 113 29.40 2.21 17.20
C PRO A 113 30.80 1.76 17.65
N ALA A 114 31.62 1.32 16.71
CA ALA A 114 33.00 0.96 17.01
C ALA A 114 33.83 2.20 17.30
N SER A 22 -3.63 12.19 -14.20
CA SER A 22 -3.57 10.78 -13.80
C SER A 22 -4.16 10.58 -12.42
N ASP A 23 -4.07 11.61 -11.58
CA ASP A 23 -4.63 11.57 -10.24
C ASP A 23 -6.16 11.55 -10.32
N PRO A 24 -6.78 10.47 -9.84
CA PRO A 24 -8.23 10.33 -9.86
C PRO A 24 -8.88 10.92 -8.62
N LYS A 25 -9.64 11.99 -8.81
CA LYS A 25 -10.40 12.58 -7.71
C LYS A 25 -11.53 11.63 -7.31
N LYS A 26 -11.38 11.03 -6.14
CA LYS A 26 -12.36 10.08 -5.66
C LYS A 26 -13.39 10.77 -4.78
N LYS A 27 -14.63 10.79 -5.23
CA LYS A 27 -15.70 11.46 -4.50
C LYS A 27 -16.24 10.56 -3.39
N MET A 28 -16.41 9.29 -3.72
CA MET A 28 -16.89 8.32 -2.74
C MET A 28 -16.41 6.92 -3.10
N CYS A 29 -15.84 6.24 -2.13
CA CYS A 29 -15.40 4.87 -2.29
C CYS A 29 -15.53 4.15 -0.96
N LYS A 30 -16.69 3.56 -0.73
CA LYS A 30 -16.96 2.89 0.52
C LYS A 30 -16.49 1.44 0.47
N GLU A 31 -15.26 1.22 0.92
CA GLU A 31 -14.69 -0.12 0.94
C GLU A 31 -13.77 -0.27 2.15
N ARG A 32 -14.30 -0.01 3.33
CA ARG A 32 -13.54 -0.24 4.55
C ARG A 32 -13.62 -1.70 4.94
N ILE A 33 -12.55 -2.43 4.65
CA ILE A 33 -12.48 -3.84 4.98
C ILE A 33 -11.44 -4.11 6.05
N PRO A 34 -11.83 -3.99 7.34
CA PRO A 34 -10.95 -4.23 8.47
C PRO A 34 -11.03 -5.69 8.94
N GLN A 35 -11.51 -6.54 8.05
CA GLN A 35 -11.69 -7.95 8.36
C GLN A 35 -10.36 -8.72 8.31
N PRO A 36 -9.58 -8.61 7.20
CA PRO A 36 -8.28 -9.28 7.10
C PRO A 36 -7.21 -8.58 7.93
N LYS A 37 -5.98 -9.08 7.86
CA LYS A 37 -4.88 -8.51 8.62
C LYS A 37 -4.01 -7.64 7.72
N ASN A 38 -4.50 -7.40 6.52
CA ASN A 38 -3.83 -6.52 5.56
C ASN A 38 -3.67 -5.12 6.13
N THR A 39 -2.55 -4.52 5.83
CA THR A 39 -2.21 -3.18 6.29
C THR A 39 -3.27 -2.17 5.86
N VAL A 40 -3.94 -2.48 4.75
CA VAL A 40 -5.05 -1.66 4.26
C VAL A 40 -6.12 -1.52 5.32
N ALA A 41 -6.47 -2.64 5.95
CA ALA A 41 -7.46 -2.66 7.00
C ALA A 41 -6.99 -1.80 8.17
N MET A 42 -5.72 -1.93 8.50
CA MET A 42 -5.10 -1.17 9.58
C MET A 42 -5.21 0.32 9.32
N LEU A 43 -4.95 0.72 8.08
CA LEU A 43 -5.03 2.13 7.68
C LEU A 43 -6.46 2.66 7.84
N ASN A 44 -7.44 1.82 7.54
CA ASN A 44 -8.85 2.23 7.60
C ASN A 44 -9.28 2.45 9.05
N GLU A 45 -8.52 1.87 9.96
CA GLU A 45 -8.78 2.01 11.39
C GLU A 45 -8.11 3.26 11.95
N LEU A 46 -7.02 3.67 11.29
CA LEU A 46 -6.21 4.79 11.78
C LEU A 46 -6.74 6.13 11.29
N ARG A 47 -6.77 6.31 9.97
CA ARG A 47 -7.17 7.59 9.39
C ARG A 47 -8.31 7.41 8.39
N HIS A 48 -8.83 8.53 7.91
CA HIS A 48 -9.84 8.53 6.87
C HIS A 48 -9.33 9.33 5.68
N GLY A 49 -9.92 9.11 4.52
CA GLY A 49 -9.46 9.79 3.33
C GLY A 49 -8.21 9.16 2.77
N LEU A 50 -8.15 7.83 2.84
CA LEU A 50 -7.02 7.08 2.31
C LEU A 50 -7.34 6.60 0.90
N ILE A 51 -7.02 7.44 -0.07
CA ILE A 51 -7.31 7.12 -1.47
C ILE A 51 -6.16 6.36 -2.10
N TYR A 52 -6.37 5.07 -2.35
CA TYR A 52 -5.39 4.26 -3.05
C TYR A 52 -5.54 4.46 -4.56
N LYS A 53 -4.49 4.93 -5.18
CA LYS A 53 -4.51 5.19 -6.61
C LYS A 53 -3.33 4.49 -7.28
N LEU A 54 -3.58 3.81 -8.38
CA LEU A 54 -2.50 3.17 -9.11
C LEU A 54 -1.80 4.19 -9.99
N GLU A 55 -0.54 4.45 -9.71
CA GLU A 55 0.18 5.46 -10.48
C GLU A 55 0.93 4.85 -11.66
N SER A 56 1.35 3.59 -11.52
CA SER A 56 2.08 2.93 -12.57
C SER A 56 1.98 1.41 -12.46
N GLN A 57 1.94 0.75 -13.61
CA GLN A 57 1.95 -0.70 -13.67
C GLN A 57 3.09 -1.16 -14.57
N THR A 58 3.96 -2.00 -14.03
CA THR A 58 5.14 -2.48 -14.74
C THR A 58 5.46 -3.92 -14.34
N GLY A 59 6.67 -4.36 -14.65
CA GLY A 59 7.14 -5.65 -14.16
C GLY A 59 6.92 -6.77 -15.15
N PRO A 60 7.41 -7.99 -14.83
CA PRO A 60 7.20 -9.18 -15.66
C PRO A 60 5.74 -9.63 -15.66
N VAL A 61 5.45 -10.75 -16.28
CA VAL A 61 4.09 -11.24 -16.31
C VAL A 61 3.87 -12.29 -15.24
N HIS A 62 4.95 -12.95 -14.83
CA HIS A 62 4.87 -13.97 -13.80
C HIS A 62 4.74 -13.32 -12.42
N ALA A 63 5.24 -12.09 -12.32
CA ALA A 63 5.18 -11.33 -11.09
C ALA A 63 5.35 -9.85 -11.37
N PRO A 64 4.32 -9.20 -11.92
CA PRO A 64 4.42 -7.80 -12.31
C PRO A 64 4.60 -6.89 -11.11
N LEU A 65 4.96 -5.65 -11.39
CA LEU A 65 5.17 -4.68 -10.35
C LEU A 65 4.10 -3.59 -10.47
N PHE A 66 3.23 -3.56 -9.49
CA PHE A 66 2.16 -2.59 -9.43
C PHE A 66 2.51 -1.53 -8.41
N THR A 67 2.38 -0.27 -8.78
CA THR A 67 2.72 0.81 -7.88
C THR A 67 1.48 1.60 -7.46
N ILE A 68 1.06 1.36 -6.23
CA ILE A 68 -0.10 2.04 -5.67
C ILE A 68 0.35 3.19 -4.78
N SER A 69 -0.22 4.35 -5.01
CA SER A 69 0.02 5.50 -4.20
C SER A 69 -1.20 5.80 -3.34
N VAL A 70 -1.03 5.79 -2.03
CA VAL A 70 -2.14 6.09 -1.15
C VAL A 70 -1.92 7.44 -0.47
N GLU A 71 -2.89 8.31 -0.62
CA GLU A 71 -2.80 9.63 -0.03
C GLU A 71 -3.53 9.61 1.29
N VAL A 72 -2.79 9.78 2.38
CA VAL A 72 -3.35 9.70 3.71
C VAL A 72 -2.86 10.85 4.56
N ASP A 73 -3.80 11.62 5.11
CA ASP A 73 -3.49 12.72 6.01
C ASP A 73 -2.68 13.80 5.29
N GLY A 74 -2.70 13.74 3.96
CA GLY A 74 -1.96 14.70 3.16
C GLY A 74 -0.61 14.17 2.72
N GLN A 75 -0.21 13.04 3.31
CA GLN A 75 1.03 12.40 2.93
C GLN A 75 0.77 11.28 1.93
N LYS A 76 1.56 11.25 0.87
CA LYS A 76 1.42 10.21 -0.12
C LYS A 76 2.39 9.08 0.17
N TYR A 77 1.84 7.93 0.50
CA TYR A 77 2.65 6.74 0.76
C TYR A 77 2.61 5.83 -0.46
N LEU A 78 3.74 5.21 -0.77
CA LEU A 78 3.84 4.41 -1.98
C LEU A 78 4.02 2.93 -1.64
N GLY A 79 3.43 2.08 -2.46
CA GLY A 79 3.57 0.65 -2.27
C GLY A 79 3.68 -0.07 -3.59
N GLN A 80 4.60 -1.01 -3.68
CA GLN A 80 4.86 -1.72 -4.92
C GLN A 80 4.72 -3.22 -4.71
N GLY A 81 3.70 -3.81 -5.32
CA GLY A 81 3.42 -5.21 -5.12
C GLY A 81 3.34 -5.97 -6.44
N ARG A 82 2.93 -7.24 -6.37
CA ARG A 82 2.85 -8.08 -7.56
C ARG A 82 1.47 -7.98 -8.20
N SER A 83 0.59 -7.23 -7.55
CA SER A 83 -0.78 -7.05 -8.00
C SER A 83 -1.30 -5.74 -7.42
N LYS A 84 -2.41 -5.24 -7.93
CA LYS A 84 -2.99 -4.00 -7.41
C LYS A 84 -3.30 -4.15 -5.92
N LYS A 85 -3.84 -5.30 -5.57
CA LYS A 85 -4.18 -5.62 -4.19
C LYS A 85 -2.94 -5.62 -3.32
N VAL A 86 -1.90 -6.31 -3.78
CA VAL A 86 -0.65 -6.42 -3.05
C VAL A 86 -0.03 -5.03 -2.90
N ALA A 87 0.02 -4.29 -4.00
CA ALA A 87 0.58 -2.94 -4.00
C ALA A 87 -0.17 -2.04 -3.04
N ARG A 88 -1.48 -2.21 -2.99
CA ARG A 88 -2.34 -1.46 -2.08
C ARG A 88 -1.92 -1.75 -0.62
N ILE A 89 -1.65 -3.02 -0.34
CA ILE A 89 -1.15 -3.44 0.97
C ILE A 89 0.21 -2.79 1.25
N GLU A 90 1.14 -2.91 0.32
CA GLU A 90 2.47 -2.37 0.48
C GLU A 90 2.43 -0.86 0.73
N ALA A 91 1.54 -0.17 0.02
CA ALA A 91 1.35 1.27 0.17
C ALA A 91 0.88 1.60 1.58
N ALA A 92 -0.08 0.84 2.06
CA ALA A 92 -0.63 1.03 3.40
C ALA A 92 0.41 0.71 4.46
N ALA A 93 1.32 -0.20 4.15
CA ALA A 93 2.39 -0.58 5.05
C ALA A 93 3.28 0.62 5.36
N THR A 94 3.58 1.40 4.34
CA THR A 94 4.38 2.61 4.51
C THR A 94 3.66 3.62 5.40
N ALA A 95 2.35 3.75 5.18
CA ALA A 95 1.55 4.68 5.95
C ALA A 95 1.56 4.30 7.43
N LEU A 96 1.40 3.02 7.71
CA LEU A 96 1.35 2.53 9.09
C LEU A 96 2.61 2.90 9.86
N ARG A 97 3.77 2.70 9.23
CA ARG A 97 5.04 2.93 9.91
C ARG A 97 5.24 4.41 10.19
N SER A 98 4.52 5.26 9.46
CA SER A 98 4.57 6.69 9.68
C SER A 98 3.72 7.09 10.87
N PHE A 99 2.68 6.31 11.17
CA PHE A 99 1.77 6.63 12.25
C PHE A 99 2.23 6.02 13.56
N ILE A 100 2.39 4.71 13.59
CA ILE A 100 2.80 4.02 14.80
C ILE A 100 4.14 3.34 14.59
N GLN A 101 4.90 3.20 15.66
CA GLN A 101 6.18 2.53 15.60
C GLN A 101 6.27 1.49 16.70
N PHE A 102 7.12 0.50 16.50
CA PHE A 102 7.26 -0.57 17.46
C PHE A 102 8.65 -0.56 18.05
N LYS A 103 8.75 -0.69 19.36
CA LYS A 103 10.03 -0.74 20.03
C LYS A 103 10.53 -2.18 20.06
N ASP A 104 11.26 -2.54 19.01
CA ASP A 104 11.71 -3.91 18.82
C ASP A 104 13.23 -4.01 18.89
N GLY A 105 13.91 -2.89 18.61
CA GLY A 105 15.36 -2.90 18.60
C GLY A 105 15.91 -3.77 17.48
N ALA A 106 15.10 -3.98 16.45
CA ALA A 106 15.47 -4.84 15.34
C ALA A 106 15.89 -4.03 14.13
N VAL A 107 16.47 -4.71 13.15
CA VAL A 107 16.94 -4.06 11.94
C VAL A 107 16.23 -4.62 10.71
N LEU A 108 15.00 -5.07 10.91
CA LEU A 108 14.23 -5.66 9.83
C LEU A 108 13.29 -4.64 9.21
N SER A 109 13.69 -4.09 8.08
CA SER A 109 12.87 -3.13 7.36
C SER A 109 13.18 -3.17 5.87
N PRO A 110 12.59 -4.14 5.14
CA PRO A 110 12.78 -4.28 3.70
C PRO A 110 11.98 -3.24 2.93
N LEU A 111 12.64 -2.14 2.58
CA LEU A 111 11.99 -1.06 1.85
C LEU A 111 12.02 -1.34 0.35
N LYS A 112 11.25 -0.56 -0.40
CA LYS A 112 11.16 -0.72 -1.84
C LYS A 112 12.34 -0.02 -2.52
N PRO A 113 12.60 -0.32 -3.80
CA PRO A 113 13.55 0.44 -4.60
C PRO A 113 13.15 1.91 -4.69
N ALA A 114 14.12 2.79 -4.88
CA ALA A 114 13.86 4.21 -4.89
C ALA A 114 13.17 4.63 -6.19
N SER A 22 -0.99 1.85 -17.21
CA SER A 22 -2.46 2.03 -17.24
C SER A 22 -3.04 1.31 -18.44
N ASP A 23 -2.44 1.54 -19.61
CA ASP A 23 -2.69 0.71 -20.80
C ASP A 23 -4.08 0.97 -21.38
N PRO A 24 -4.41 0.36 -22.54
CA PRO A 24 -5.72 0.54 -23.17
C PRO A 24 -6.82 -0.29 -22.51
N LYS A 25 -6.46 -1.05 -21.48
CA LYS A 25 -7.43 -1.85 -20.77
C LYS A 25 -7.27 -1.67 -19.26
N LYS A 26 -8.31 -1.15 -18.63
CA LYS A 26 -8.31 -0.96 -17.19
C LYS A 26 -9.36 -1.85 -16.56
N LYS A 27 -8.95 -3.03 -16.14
CA LYS A 27 -9.87 -3.97 -15.54
C LYS A 27 -10.16 -3.60 -14.10
N MET A 28 -11.36 -3.08 -13.88
CA MET A 28 -11.80 -2.68 -12.55
C MET A 28 -12.12 -3.91 -11.71
N CYS A 29 -11.26 -4.18 -10.74
CA CYS A 29 -11.46 -5.30 -9.84
C CYS A 29 -12.43 -4.89 -8.74
N LYS A 30 -13.37 -5.75 -8.42
CA LYS A 30 -14.34 -5.46 -7.37
C LYS A 30 -13.77 -5.83 -6.01
N GLU A 31 -13.17 -4.85 -5.35
CA GLU A 31 -12.66 -5.04 -4.00
C GLU A 31 -13.80 -5.37 -3.05
N ARG A 32 -13.90 -6.63 -2.69
CA ARG A 32 -14.96 -7.10 -1.82
C ARG A 32 -14.48 -7.13 -0.39
N ILE A 33 -15.27 -6.56 0.51
CA ILE A 33 -14.91 -6.44 1.92
C ILE A 33 -14.48 -7.77 2.53
N PRO A 34 -13.17 -7.92 2.78
CA PRO A 34 -12.60 -9.14 3.32
C PRO A 34 -12.43 -9.07 4.83
N GLN A 35 -11.73 -10.06 5.38
CA GLN A 35 -11.43 -10.08 6.79
C GLN A 35 -10.18 -9.25 7.06
N PRO A 36 -10.24 -8.34 8.05
CA PRO A 36 -9.14 -7.43 8.37
C PRO A 36 -7.84 -8.16 8.75
N LYS A 37 -7.00 -8.38 7.75
CA LYS A 37 -5.68 -8.95 7.95
C LYS A 37 -4.65 -8.13 7.19
N ASN A 38 -5.14 -7.12 6.49
CA ASN A 38 -4.32 -6.27 5.64
C ASN A 38 -4.16 -4.90 6.26
N THR A 39 -3.03 -4.27 5.95
CA THR A 39 -2.70 -2.95 6.47
C THR A 39 -3.67 -1.91 5.91
N VAL A 40 -4.25 -2.22 4.75
CA VAL A 40 -5.25 -1.36 4.13
C VAL A 40 -6.42 -1.10 5.09
N ALA A 41 -6.88 -2.18 5.70
CA ALA A 41 -7.96 -2.10 6.67
C ALA A 41 -7.52 -1.29 7.89
N MET A 42 -6.28 -1.51 8.29
CA MET A 42 -5.70 -0.81 9.43
C MET A 42 -5.69 0.70 9.21
N LEU A 43 -5.40 1.11 7.99
CA LEU A 43 -5.37 2.52 7.65
C LEU A 43 -6.75 3.15 7.75
N ASN A 44 -7.77 2.37 7.44
CA ASN A 44 -9.15 2.85 7.50
C ASN A 44 -9.59 3.04 8.94
N GLU A 45 -8.86 2.38 9.85
CA GLU A 45 -9.11 2.51 11.27
C GLU A 45 -8.40 3.75 11.83
N LEU A 46 -7.32 4.16 11.16
CA LEU A 46 -6.48 5.25 11.65
C LEU A 46 -6.85 6.58 11.02
N ARG A 47 -7.01 6.60 9.70
CA ARG A 47 -7.35 7.84 9.00
C ARG A 47 -8.52 7.62 8.05
N HIS A 48 -9.14 8.72 7.67
CA HIS A 48 -10.18 8.71 6.66
C HIS A 48 -9.79 9.65 5.54
N GLY A 49 -10.29 9.40 4.34
CA GLY A 49 -9.93 10.21 3.20
C GLY A 49 -8.76 9.63 2.45
N LEU A 50 -8.49 8.36 2.70
CA LEU A 50 -7.40 7.65 2.04
C LEU A 50 -7.86 7.12 0.68
N ILE A 51 -7.06 7.34 -0.35
CA ILE A 51 -7.42 6.90 -1.69
C ILE A 51 -6.31 6.04 -2.28
N TYR A 52 -6.56 4.76 -2.42
CA TYR A 52 -5.61 3.86 -3.05
C TYR A 52 -5.82 3.86 -4.56
N LYS A 53 -4.81 4.25 -5.29
CA LYS A 53 -4.90 4.31 -6.74
C LYS A 53 -3.69 3.66 -7.39
N LEU A 54 -3.95 2.85 -8.41
CA LEU A 54 -2.89 2.23 -9.18
C LEU A 54 -2.31 3.25 -10.15
N GLU A 55 -1.18 3.84 -9.80
CA GLU A 55 -0.61 4.91 -10.60
C GLU A 55 0.38 4.38 -11.63
N SER A 56 0.91 3.19 -11.39
CA SER A 56 1.85 2.58 -12.32
C SER A 56 1.71 1.08 -12.28
N GLN A 57 1.81 0.46 -13.44
CA GLN A 57 1.75 -0.99 -13.54
C GLN A 57 2.62 -1.44 -14.71
N THR A 58 3.79 -1.96 -14.39
CA THR A 58 4.76 -2.35 -15.39
C THR A 58 5.58 -3.54 -14.92
N GLY A 59 6.27 -4.19 -15.84
CA GLY A 59 7.16 -5.27 -15.46
C GLY A 59 6.93 -6.52 -16.25
N PRO A 60 7.49 -7.65 -15.80
CA PRO A 60 7.31 -8.94 -16.45
C PRO A 60 5.93 -9.53 -16.18
N VAL A 61 5.60 -10.62 -16.85
CA VAL A 61 4.31 -11.24 -16.66
C VAL A 61 4.37 -12.29 -15.54
N HIS A 62 5.57 -12.73 -15.20
CA HIS A 62 5.74 -13.69 -14.12
C HIS A 62 5.68 -12.99 -12.77
N ALA A 63 5.97 -11.70 -12.77
CA ALA A 63 5.94 -10.90 -11.55
C ALA A 63 5.84 -9.42 -11.89
N PRO A 64 4.64 -8.96 -12.29
CA PRO A 64 4.42 -7.57 -12.65
C PRO A 64 4.50 -6.66 -11.43
N LEU A 65 5.01 -5.46 -11.64
CA LEU A 65 5.15 -4.52 -10.55
C LEU A 65 3.98 -3.53 -10.57
N PHE A 66 3.18 -3.60 -9.52
CA PHE A 66 2.04 -2.71 -9.38
C PHE A 66 2.42 -1.62 -8.39
N THR A 67 2.09 -0.39 -8.73
CA THR A 67 2.44 0.75 -7.90
C THR A 67 1.18 1.48 -7.44
N ILE A 68 0.81 1.25 -6.19
CA ILE A 68 -0.35 1.88 -5.60
C ILE A 68 0.08 3.06 -4.74
N SER A 69 -0.52 4.20 -4.95
CA SER A 69 -0.24 5.35 -4.12
C SER A 69 -1.48 5.72 -3.31
N VAL A 70 -1.26 5.98 -2.04
CA VAL A 70 -2.34 6.42 -1.18
C VAL A 70 -1.89 7.63 -0.37
N GLU A 71 -2.69 8.68 -0.41
CA GLU A 71 -2.37 9.88 0.33
C GLU A 71 -3.13 9.86 1.65
N VAL A 72 -2.39 9.73 2.73
CA VAL A 72 -2.98 9.61 4.05
C VAL A 72 -2.46 10.69 4.96
N ASP A 73 -3.38 11.47 5.53
CA ASP A 73 -3.05 12.51 6.53
C ASP A 73 -2.28 13.67 5.88
N GLY A 74 -2.08 13.59 4.57
CA GLY A 74 -1.32 14.60 3.87
C GLY A 74 -0.06 14.03 3.25
N GLN A 75 0.34 12.86 3.73
CA GLN A 75 1.53 12.19 3.22
C GLN A 75 1.16 11.14 2.20
N LYS A 76 1.94 11.07 1.13
CA LYS A 76 1.66 10.14 0.06
C LYS A 76 2.55 8.92 0.18
N TYR A 77 1.94 7.81 0.54
CA TYR A 77 2.66 6.58 0.72
C TYR A 77 2.54 5.72 -0.53
N LEU A 78 3.67 5.24 -1.02
CA LEU A 78 3.69 4.47 -2.25
C LEU A 78 3.94 3.00 -1.95
N GLY A 79 3.19 2.13 -2.61
CA GLY A 79 3.33 0.71 -2.38
C GLY A 79 3.55 -0.04 -3.67
N GLN A 80 4.57 -0.89 -3.71
CA GLN A 80 4.91 -1.59 -4.92
C GLN A 80 4.93 -3.09 -4.69
N GLY A 81 4.02 -3.78 -5.35
CA GLY A 81 3.89 -5.22 -5.16
C GLY A 81 3.69 -5.94 -6.48
N ARG A 82 3.39 -7.23 -6.40
CA ARG A 82 3.23 -8.05 -7.60
C ARG A 82 1.79 -8.09 -8.07
N SER A 83 0.93 -7.39 -7.35
CA SER A 83 -0.48 -7.31 -7.69
C SER A 83 -1.08 -6.06 -7.04
N LYS A 84 -2.28 -5.66 -7.48
CA LYS A 84 -2.96 -4.50 -6.91
C LYS A 84 -3.07 -4.65 -5.40
N LYS A 85 -3.42 -5.85 -4.98
CA LYS A 85 -3.59 -6.18 -3.58
C LYS A 85 -2.28 -5.99 -2.80
N VAL A 86 -1.22 -6.62 -3.29
CA VAL A 86 0.09 -6.53 -2.65
C VAL A 86 0.55 -5.08 -2.55
N ALA A 87 0.47 -4.37 -3.66
CA ALA A 87 0.92 -2.97 -3.73
C ALA A 87 0.11 -2.09 -2.80
N ARG A 88 -1.19 -2.37 -2.71
CA ARG A 88 -2.10 -1.62 -1.87
C ARG A 88 -1.71 -1.79 -0.40
N ILE A 89 -1.55 -3.05 -0.01
CA ILE A 89 -1.06 -3.40 1.33
C ILE A 89 0.30 -2.75 1.61
N GLU A 90 1.22 -2.81 0.64
CA GLU A 90 2.53 -2.19 0.78
C GLU A 90 2.42 -0.69 1.06
N ALA A 91 1.55 -0.02 0.30
CA ALA A 91 1.34 1.42 0.49
C ALA A 91 0.81 1.71 1.88
N ALA A 92 -0.16 0.90 2.32
CA ALA A 92 -0.76 1.07 3.63
C ALA A 92 0.24 0.74 4.74
N ALA A 93 1.09 -0.26 4.51
CA ALA A 93 2.10 -0.64 5.48
C ALA A 93 3.08 0.50 5.71
N THR A 94 3.39 1.21 4.63
CA THR A 94 4.27 2.36 4.70
C THR A 94 3.64 3.47 5.55
N ALA A 95 2.34 3.65 5.40
CA ALA A 95 1.61 4.63 6.18
C ALA A 95 1.62 4.27 7.65
N LEU A 96 1.30 3.02 7.94
CA LEU A 96 1.25 2.54 9.32
C LEU A 96 2.59 2.75 10.03
N ARG A 97 3.67 2.37 9.35
CA ARG A 97 5.00 2.46 9.95
C ARG A 97 5.46 3.92 10.04
N SER A 98 4.73 4.81 9.37
CA SER A 98 5.01 6.23 9.47
C SER A 98 4.33 6.80 10.71
N PHE A 99 3.25 6.15 11.14
CA PHE A 99 2.53 6.57 12.32
C PHE A 99 3.15 5.93 13.56
N ILE A 100 3.15 4.61 13.60
CA ILE A 100 3.58 3.87 14.77
C ILE A 100 4.61 2.83 14.41
N GLN A 101 5.00 2.03 15.38
CA GLN A 101 5.97 0.97 15.16
C GLN A 101 5.41 -0.36 15.66
N PHE A 102 6.30 -1.23 16.17
CA PHE A 102 5.93 -2.59 16.57
C PHE A 102 5.62 -3.42 15.33
N LYS A 103 6.67 -3.93 14.72
CA LYS A 103 6.57 -4.59 13.44
C LYS A 103 6.52 -6.10 13.58
N ASP A 104 5.44 -6.71 13.11
CA ASP A 104 5.33 -8.16 13.08
C ASP A 104 6.26 -8.73 12.00
N GLY A 105 6.09 -8.24 10.78
CA GLY A 105 7.02 -8.56 9.72
C GLY A 105 6.80 -9.92 9.09
N ALA A 106 5.68 -10.56 9.41
CA ALA A 106 5.35 -11.85 8.84
C ALA A 106 5.04 -11.73 7.36
N VAL A 107 5.25 -12.81 6.62
CA VAL A 107 5.03 -12.81 5.19
C VAL A 107 3.56 -13.06 4.86
N LEU A 108 2.83 -11.98 4.65
CA LEU A 108 1.43 -12.08 4.25
C LEU A 108 1.34 -12.04 2.73
N SER A 109 2.44 -11.63 2.14
CA SER A 109 2.56 -11.47 0.69
C SER A 109 4.04 -11.39 0.34
N PRO A 110 4.41 -11.61 -0.93
CA PRO A 110 5.80 -11.43 -1.39
C PRO A 110 6.22 -9.97 -1.32
N LEU A 111 6.72 -9.57 -0.16
CA LEU A 111 7.14 -8.19 0.08
C LEU A 111 8.09 -8.12 1.26
N LYS A 112 8.78 -7.00 1.38
CA LYS A 112 9.68 -6.76 2.51
C LYS A 112 9.23 -5.53 3.28
N PRO A 113 8.72 -5.72 4.50
CA PRO A 113 8.23 -4.64 5.33
C PRO A 113 9.35 -3.97 6.11
N ALA A 114 9.42 -2.65 6.01
CA ALA A 114 10.41 -1.88 6.74
C ALA A 114 9.99 -1.74 8.20
N SER A 22 -6.55 24.42 -2.02
CA SER A 22 -7.99 24.63 -1.75
C SER A 22 -8.80 23.46 -2.27
N ASP A 23 -8.44 22.25 -1.85
CA ASP A 23 -9.11 21.04 -2.34
C ASP A 23 -10.01 20.43 -1.28
N PRO A 24 -11.32 20.67 -1.38
CA PRO A 24 -12.31 20.06 -0.50
C PRO A 24 -12.79 18.72 -1.06
N LYS A 25 -12.00 18.16 -1.97
CA LYS A 25 -12.33 16.89 -2.61
C LYS A 25 -12.20 15.76 -1.60
N LYS A 26 -13.09 14.78 -1.72
CA LYS A 26 -13.08 13.63 -0.84
C LYS A 26 -13.14 12.34 -1.64
N LYS A 27 -12.38 12.30 -2.73
CA LYS A 27 -12.30 11.11 -3.59
C LYS A 27 -11.47 10.01 -2.92
N MET A 28 -11.83 9.65 -1.70
CA MET A 28 -11.10 8.64 -0.96
C MET A 28 -11.71 7.26 -1.21
N CYS A 29 -10.88 6.24 -1.14
CA CYS A 29 -11.32 4.89 -1.40
C CYS A 29 -11.86 4.26 -0.13
N LYS A 30 -13.18 4.23 0.01
CA LYS A 30 -13.81 3.60 1.15
C LYS A 30 -13.78 2.09 1.00
N GLU A 31 -12.68 1.49 1.44
CA GLU A 31 -12.52 0.05 1.35
C GLU A 31 -12.68 -0.58 2.73
N ARG A 32 -13.77 -1.31 2.91
CA ARG A 32 -14.04 -1.98 4.17
C ARG A 32 -14.36 -3.44 3.92
N ILE A 33 -13.39 -4.30 4.19
CA ILE A 33 -13.57 -5.73 4.04
C ILE A 33 -13.38 -6.42 5.37
N PRO A 34 -13.96 -7.62 5.54
CA PRO A 34 -13.77 -8.43 6.73
C PRO A 34 -12.33 -8.93 6.85
N GLN A 35 -11.94 -9.34 8.05
CA GLN A 35 -10.59 -9.86 8.31
C GLN A 35 -9.55 -8.75 8.16
N PRO A 36 -9.30 -7.99 9.24
CA PRO A 36 -8.34 -6.88 9.26
C PRO A 36 -6.89 -7.36 9.28
N LYS A 37 -6.58 -8.34 8.45
CA LYS A 37 -5.23 -8.90 8.34
C LYS A 37 -4.38 -8.03 7.42
N ASN A 38 -5.05 -7.22 6.62
CA ASN A 38 -4.39 -6.32 5.69
C ASN A 38 -4.17 -4.96 6.31
N THR A 39 -3.03 -4.39 6.02
CA THR A 39 -2.64 -3.08 6.50
C THR A 39 -3.63 -2.01 6.05
N VAL A 40 -4.34 -2.30 4.96
CA VAL A 40 -5.37 -1.42 4.44
C VAL A 40 -6.44 -1.15 5.49
N ALA A 41 -6.94 -2.22 6.11
CA ALA A 41 -7.97 -2.09 7.13
C ALA A 41 -7.42 -1.37 8.36
N MET A 42 -6.13 -1.58 8.61
CA MET A 42 -5.45 -0.89 9.70
C MET A 42 -5.48 0.62 9.48
N LEU A 43 -5.27 1.02 8.23
CA LEU A 43 -5.34 2.44 7.86
C LEU A 43 -6.75 2.98 8.05
N ASN A 44 -7.75 2.12 7.83
CA ASN A 44 -9.14 2.52 7.93
C ASN A 44 -9.46 2.96 9.34
N GLU A 45 -8.80 2.34 10.29
CA GLU A 45 -9.02 2.60 11.70
C GLU A 45 -8.22 3.81 12.17
N LEU A 46 -7.14 4.11 11.46
CA LEU A 46 -6.26 5.21 11.84
C LEU A 46 -6.74 6.54 11.27
N ARG A 47 -6.62 6.70 9.96
CA ARG A 47 -6.88 7.99 9.33
C ARG A 47 -7.78 7.82 8.10
N HIS A 48 -8.70 8.74 7.89
CA HIS A 48 -9.54 8.73 6.71
C HIS A 48 -8.95 9.62 5.63
N GLY A 49 -9.57 9.65 4.46
CA GLY A 49 -9.06 10.42 3.34
C GLY A 49 -8.05 9.62 2.56
N LEU A 50 -7.94 8.34 2.87
CA LEU A 50 -6.97 7.47 2.22
C LEU A 50 -7.45 7.06 0.82
N ILE A 51 -6.65 7.39 -0.17
CA ILE A 51 -6.97 7.06 -1.56
C ILE A 51 -5.97 6.06 -2.13
N TYR A 52 -6.40 4.83 -2.38
CA TYR A 52 -5.54 3.85 -3.03
C TYR A 52 -5.71 3.94 -4.54
N LYS A 53 -4.68 4.40 -5.21
CA LYS A 53 -4.72 4.55 -6.66
C LYS A 53 -3.47 3.98 -7.30
N LEU A 54 -3.64 3.15 -8.30
CA LEU A 54 -2.52 2.61 -9.04
C LEU A 54 -1.93 3.71 -9.91
N GLU A 55 -0.77 4.19 -9.54
CA GLU A 55 -0.16 5.30 -10.28
C GLU A 55 0.76 4.79 -11.38
N SER A 56 1.23 3.55 -11.24
CA SER A 56 2.11 2.95 -12.23
C SER A 56 1.96 1.44 -12.24
N GLN A 57 2.00 0.84 -13.42
CA GLN A 57 1.93 -0.60 -13.56
C GLN A 57 2.97 -1.07 -14.56
N THR A 58 4.04 -1.66 -14.05
CA THR A 58 5.15 -2.11 -14.86
C THR A 58 5.61 -3.50 -14.43
N GLY A 59 6.80 -3.90 -14.85
CA GLY A 59 7.39 -5.12 -14.35
C GLY A 59 7.33 -6.27 -15.33
N PRO A 60 7.75 -7.47 -14.92
CA PRO A 60 7.68 -8.66 -15.77
C PRO A 60 6.25 -9.16 -15.93
N VAL A 61 6.07 -10.25 -16.65
CA VAL A 61 4.73 -10.81 -16.84
C VAL A 61 4.46 -11.90 -15.82
N HIS A 62 5.52 -12.52 -15.31
CA HIS A 62 5.38 -13.56 -14.30
C HIS A 62 5.04 -12.95 -12.94
N ALA A 63 5.43 -11.70 -12.76
CA ALA A 63 5.20 -10.99 -11.51
C ALA A 63 5.33 -9.50 -11.71
N PRO A 64 4.34 -8.85 -12.33
CA PRO A 64 4.41 -7.44 -12.63
C PRO A 64 4.48 -6.59 -11.37
N LEU A 65 5.11 -5.44 -11.49
CA LEU A 65 5.25 -4.54 -10.36
C LEU A 65 4.14 -3.50 -10.41
N PHE A 66 3.28 -3.55 -9.42
CA PHE A 66 2.18 -2.62 -9.31
C PHE A 66 2.54 -1.56 -8.29
N THR A 67 2.31 -0.30 -8.65
CA THR A 67 2.66 0.80 -7.79
C THR A 67 1.39 1.51 -7.33
N ILE A 68 0.94 1.16 -6.15
CA ILE A 68 -0.25 1.77 -5.58
C ILE A 68 0.16 2.91 -4.67
N SER A 69 -0.43 4.04 -4.91
CA SER A 69 -0.18 5.20 -4.09
C SER A 69 -1.38 5.47 -3.22
N VAL A 70 -1.18 5.48 -1.91
CA VAL A 70 -2.25 5.82 -1.02
C VAL A 70 -1.93 7.11 -0.31
N GLU A 71 -2.74 8.11 -0.57
CA GLU A 71 -2.55 9.40 0.03
C GLU A 71 -3.34 9.49 1.31
N VAL A 72 -2.65 9.50 2.43
CA VAL A 72 -3.28 9.45 3.73
C VAL A 72 -2.93 10.70 4.53
N ASP A 73 -3.97 11.40 4.96
CA ASP A 73 -3.82 12.61 5.76
C ASP A 73 -3.02 13.69 5.02
N GLY A 74 -2.90 13.51 3.70
CA GLY A 74 -2.15 14.46 2.90
C GLY A 74 -0.79 13.92 2.48
N GLN A 75 -0.39 12.81 3.08
CA GLN A 75 0.90 12.21 2.74
C GLN A 75 0.69 11.04 1.81
N LYS A 76 1.36 11.06 0.66
CA LYS A 76 1.22 9.98 -0.30
C LYS A 76 2.23 8.88 -0.03
N TYR A 77 1.72 7.75 0.44
CA TYR A 77 2.54 6.58 0.73
C TYR A 77 2.51 5.65 -0.46
N LEU A 78 3.68 5.14 -0.83
CA LEU A 78 3.78 4.31 -2.03
C LEU A 78 3.95 2.84 -1.65
N GLY A 79 3.24 1.98 -2.36
CA GLY A 79 3.34 0.56 -2.12
C GLY A 79 3.53 -0.20 -3.41
N GLN A 80 4.54 -1.05 -3.45
CA GLN A 80 4.87 -1.75 -4.67
C GLN A 80 4.78 -3.26 -4.47
N GLY A 81 3.86 -3.87 -5.20
CA GLY A 81 3.63 -5.29 -5.07
C GLY A 81 3.53 -5.98 -6.43
N ARG A 82 3.11 -7.23 -6.44
CA ARG A 82 3.05 -8.00 -7.68
C ARG A 82 1.63 -8.05 -8.21
N SER A 83 0.75 -7.29 -7.56
CA SER A 83 -0.64 -7.16 -7.97
C SER A 83 -1.20 -5.89 -7.33
N LYS A 84 -2.33 -5.40 -7.83
CA LYS A 84 -3.00 -4.24 -7.22
C LYS A 84 -3.29 -4.56 -5.76
N LYS A 85 -3.74 -5.78 -5.53
CA LYS A 85 -4.03 -6.28 -4.19
C LYS A 85 -2.83 -6.13 -3.28
N VAL A 86 -1.70 -6.66 -3.74
CA VAL A 86 -0.46 -6.62 -2.98
C VAL A 86 -0.01 -5.18 -2.76
N ALA A 87 0.12 -4.45 -3.86
CA ALA A 87 0.64 -3.08 -3.83
C ALA A 87 -0.19 -2.18 -2.92
N ARG A 88 -1.50 -2.41 -2.91
CA ARG A 88 -2.42 -1.67 -2.06
C ARG A 88 -2.06 -1.88 -0.58
N ILE A 89 -1.88 -3.13 -0.22
CA ILE A 89 -1.43 -3.50 1.12
C ILE A 89 -0.04 -2.93 1.43
N GLU A 90 0.89 -3.08 0.50
CA GLU A 90 2.25 -2.59 0.67
C GLU A 90 2.27 -1.08 0.90
N ALA A 91 1.37 -0.38 0.20
CA ALA A 91 1.23 1.06 0.37
C ALA A 91 0.79 1.40 1.78
N ALA A 92 -0.25 0.72 2.23
CA ALA A 92 -0.79 0.91 3.57
C ALA A 92 0.24 0.53 4.63
N ALA A 93 1.07 -0.45 4.32
CA ALA A 93 2.13 -0.88 5.23
C ALA A 93 3.10 0.27 5.51
N THR A 94 3.43 1.03 4.47
CA THR A 94 4.31 2.18 4.62
C THR A 94 3.62 3.28 5.42
N ALA A 95 2.33 3.45 5.17
CA ALA A 95 1.53 4.42 5.90
C ALA A 95 1.57 4.14 7.40
N LEU A 96 1.31 2.89 7.77
CA LEU A 96 1.30 2.48 9.17
C LEU A 96 2.62 2.79 9.84
N ARG A 97 3.71 2.33 9.23
CA ARG A 97 5.03 2.48 9.83
C ARG A 97 5.52 3.93 9.82
N SER A 98 4.74 4.80 9.18
CA SER A 98 5.06 6.21 9.20
C SER A 98 4.28 6.89 10.32
N PHE A 99 3.19 6.26 10.76
CA PHE A 99 2.41 6.79 11.87
C PHE A 99 2.99 6.35 13.20
N ILE A 100 3.34 5.08 13.29
CA ILE A 100 3.97 4.56 14.50
C ILE A 100 5.26 3.83 14.16
N GLN A 101 6.23 3.92 15.04
CA GLN A 101 7.51 3.25 14.86
C GLN A 101 7.80 2.34 16.03
N PHE A 102 8.39 1.20 15.74
CA PHE A 102 8.76 0.25 16.77
C PHE A 102 10.22 0.42 17.10
N LYS A 103 11.08 -0.13 16.24
CA LYS A 103 12.53 0.05 16.33
C LYS A 103 13.22 -0.80 15.27
N ASP A 104 14.33 -0.29 14.76
CA ASP A 104 15.15 -1.04 13.82
C ASP A 104 16.29 -1.70 14.57
N GLY A 105 16.73 -1.04 15.64
CA GLY A 105 17.82 -1.54 16.44
C GLY A 105 19.16 -1.17 15.87
N ALA A 106 19.22 -1.11 14.54
CA ALA A 106 20.45 -0.77 13.85
C ALA A 106 20.44 0.71 13.48
N VAL A 107 21.60 1.34 13.55
CA VAL A 107 21.70 2.76 13.25
C VAL A 107 21.90 2.98 11.75
N LEU A 108 21.16 3.91 11.20
CA LEU A 108 21.28 4.25 9.79
C LEU A 108 21.89 5.64 9.63
N SER A 109 23.19 5.66 9.43
CA SER A 109 23.93 6.92 9.36
C SER A 109 23.73 7.58 8.00
N PRO A 110 23.15 8.79 7.98
CA PRO A 110 23.00 9.57 6.75
C PRO A 110 24.36 10.04 6.24
N LEU A 111 24.89 9.36 5.23
CA LEU A 111 26.21 9.65 4.70
C LEU A 111 26.14 9.87 3.20
N LYS A 112 27.23 10.36 2.63
CA LYS A 112 27.32 10.54 1.19
C LYS A 112 27.94 9.30 0.55
N PRO A 113 29.16 8.89 0.96
CA PRO A 113 29.77 7.65 0.47
C PRO A 113 29.41 6.46 1.36
N ALA A 114 28.11 6.26 1.55
CA ALA A 114 27.60 5.21 2.41
C ALA A 114 27.89 3.83 1.84
N SER A 22 -23.09 18.20 10.69
CA SER A 22 -22.74 17.73 12.05
C SER A 22 -21.40 17.01 12.06
N ASP A 23 -21.18 16.15 11.07
CA ASP A 23 -19.96 15.36 11.00
C ASP A 23 -19.65 15.00 9.55
N PRO A 24 -18.42 14.56 9.25
CA PRO A 24 -18.02 14.14 7.90
C PRO A 24 -18.99 13.10 7.32
N LYS A 25 -18.89 11.87 7.84
CA LYS A 25 -19.86 10.80 7.51
C LYS A 25 -19.81 10.40 6.03
N LYS A 26 -18.93 11.02 5.26
CA LYS A 26 -18.82 10.71 3.84
C LYS A 26 -17.78 9.62 3.59
N LYS A 27 -18.17 8.38 3.87
CA LYS A 27 -17.34 7.24 3.56
C LYS A 27 -17.69 6.74 2.16
N MET A 28 -16.68 6.62 1.31
CA MET A 28 -16.89 6.25 -0.10
C MET A 28 -17.68 4.94 -0.21
N CYS A 29 -17.41 4.02 0.69
CA CYS A 29 -18.09 2.74 0.72
C CYS A 29 -17.73 2.00 1.99
N LYS A 30 -18.64 1.18 2.50
CA LYS A 30 -18.32 0.35 3.65
C LYS A 30 -17.58 -0.89 3.18
N GLU A 31 -16.26 -0.80 3.18
CA GLU A 31 -15.44 -1.91 2.75
C GLU A 31 -15.44 -2.99 3.83
N ARG A 32 -16.25 -4.01 3.62
CA ARG A 32 -16.42 -5.09 4.58
C ARG A 32 -15.14 -5.89 4.71
N ILE A 33 -14.49 -5.77 5.86
CA ILE A 33 -13.25 -6.48 6.12
C ILE A 33 -13.51 -7.71 6.99
N PRO A 34 -13.01 -8.88 6.56
CA PRO A 34 -13.12 -10.12 7.34
C PRO A 34 -12.17 -10.10 8.53
N GLN A 35 -11.02 -9.47 8.34
CA GLN A 35 -9.99 -9.37 9.35
C GLN A 35 -9.01 -8.28 8.95
N PRO A 36 -8.69 -7.34 9.86
CA PRO A 36 -7.71 -6.27 9.59
C PRO A 36 -6.28 -6.77 9.56
N LYS A 37 -6.07 -7.94 8.95
CA LYS A 37 -4.75 -8.52 8.81
C LYS A 37 -4.00 -7.83 7.68
N ASN A 38 -4.75 -7.22 6.78
CA ASN A 38 -4.17 -6.37 5.76
C ASN A 38 -4.10 -4.96 6.27
N THR A 39 -3.00 -4.30 5.95
CA THR A 39 -2.71 -2.97 6.42
C THR A 39 -3.74 -1.96 5.91
N VAL A 40 -4.39 -2.31 4.80
CA VAL A 40 -5.43 -1.48 4.22
C VAL A 40 -6.56 -1.25 5.21
N ALA A 41 -7.00 -2.32 5.87
CA ALA A 41 -8.04 -2.23 6.88
C ALA A 41 -7.55 -1.46 8.09
N MET A 42 -6.28 -1.68 8.44
CA MET A 42 -5.65 -1.00 9.55
C MET A 42 -5.66 0.52 9.36
N LEU A 43 -5.36 0.95 8.14
CA LEU A 43 -5.32 2.37 7.81
C LEU A 43 -6.70 3.00 7.98
N ASN A 44 -7.74 2.25 7.65
CA ASN A 44 -9.11 2.75 7.74
C ASN A 44 -9.52 2.93 9.20
N GLU A 45 -8.83 2.21 10.07
CA GLU A 45 -9.08 2.29 11.50
C GLU A 45 -8.37 3.51 12.08
N LEU A 46 -7.21 3.82 11.52
CA LEU A 46 -6.39 4.93 12.02
C LEU A 46 -6.88 6.26 11.48
N ARG A 47 -6.86 6.40 10.16
CA ARG A 47 -7.19 7.68 9.54
C ARG A 47 -8.23 7.48 8.45
N HIS A 48 -8.85 8.57 8.01
CA HIS A 48 -9.79 8.53 6.90
C HIS A 48 -9.29 9.42 5.77
N GLY A 49 -9.84 9.24 4.58
CA GLY A 49 -9.39 10.01 3.44
C GLY A 49 -8.21 9.34 2.78
N LEU A 50 -8.19 8.01 2.84
CA LEU A 50 -7.11 7.23 2.26
C LEU A 50 -7.51 6.71 0.89
N ILE A 51 -7.03 7.35 -0.16
CA ILE A 51 -7.38 6.97 -1.51
C ILE A 51 -6.24 6.17 -2.15
N TYR A 52 -6.48 4.87 -2.36
CA TYR A 52 -5.50 4.03 -3.04
C TYR A 52 -5.70 4.12 -4.55
N LYS A 53 -4.62 4.38 -5.27
CA LYS A 53 -4.68 4.47 -6.72
C LYS A 53 -3.45 3.80 -7.33
N LEU A 54 -3.62 3.22 -8.50
CA LEU A 54 -2.49 2.64 -9.22
C LEU A 54 -1.82 3.71 -10.06
N GLU A 55 -0.67 4.19 -9.61
CA GLU A 55 0.00 5.28 -10.31
C GLU A 55 0.96 4.75 -11.36
N SER A 56 1.42 3.53 -11.21
CA SER A 56 2.35 2.94 -12.17
C SER A 56 2.23 1.42 -12.17
N GLN A 57 2.38 0.83 -13.35
CA GLN A 57 2.36 -0.62 -13.48
C GLN A 57 3.30 -1.04 -14.60
N THR A 58 4.39 -1.70 -14.23
CA THR A 58 5.40 -2.13 -15.19
C THR A 58 5.99 -3.47 -14.78
N GLY A 59 6.35 -4.29 -15.77
CA GLY A 59 7.05 -5.52 -15.47
C GLY A 59 6.53 -6.71 -16.25
N PRO A 60 7.13 -7.89 -16.04
CA PRO A 60 6.70 -9.14 -16.69
C PRO A 60 5.33 -9.59 -16.22
N VAL A 61 4.89 -10.73 -16.73
CA VAL A 61 3.58 -11.26 -16.35
C VAL A 61 3.68 -12.17 -15.13
N HIS A 62 4.82 -12.84 -14.99
CA HIS A 62 5.03 -13.71 -13.84
C HIS A 62 5.25 -12.90 -12.57
N ALA A 63 5.79 -11.70 -12.75
CA ALA A 63 6.01 -10.80 -11.64
C ALA A 63 5.88 -9.35 -12.08
N PRO A 64 4.64 -8.88 -12.29
CA PRO A 64 4.38 -7.50 -12.67
C PRO A 64 4.45 -6.57 -11.47
N LEU A 65 5.13 -5.45 -11.63
CA LEU A 65 5.28 -4.53 -10.52
C LEU A 65 4.17 -3.50 -10.55
N PHE A 66 3.34 -3.55 -9.54
CA PHE A 66 2.24 -2.61 -9.37
C PHE A 66 2.64 -1.55 -8.36
N THR A 67 2.38 -0.30 -8.68
CA THR A 67 2.73 0.79 -7.80
C THR A 67 1.48 1.53 -7.35
N ILE A 68 1.02 1.20 -6.16
CA ILE A 68 -0.17 1.80 -5.61
C ILE A 68 0.20 2.96 -4.69
N SER A 69 -0.41 4.09 -4.94
CA SER A 69 -0.18 5.26 -4.12
C SER A 69 -1.41 5.56 -3.28
N VAL A 70 -1.19 5.76 -2.00
CA VAL A 70 -2.27 6.11 -1.10
C VAL A 70 -1.94 7.42 -0.39
N GLU A 71 -2.83 8.37 -0.51
CA GLU A 71 -2.62 9.67 0.09
C GLU A 71 -3.35 9.73 1.42
N VAL A 72 -2.58 9.79 2.50
CA VAL A 72 -3.13 9.74 3.84
C VAL A 72 -2.68 10.94 4.65
N ASP A 73 -3.65 11.67 5.20
CA ASP A 73 -3.40 12.85 6.03
C ASP A 73 -2.66 13.95 5.26
N GLY A 74 -2.49 13.76 3.97
CA GLY A 74 -1.78 14.73 3.16
C GLY A 74 -0.48 14.18 2.61
N GLN A 75 -0.04 13.05 3.15
CA GLN A 75 1.18 12.42 2.72
C GLN A 75 0.86 11.33 1.70
N LYS A 76 1.59 11.29 0.60
CA LYS A 76 1.35 10.29 -0.42
C LYS A 76 2.32 9.12 -0.24
N TYR A 77 1.79 8.02 0.26
CA TYR A 77 2.58 6.82 0.52
C TYR A 77 2.56 5.90 -0.69
N LEU A 78 3.61 5.12 -0.85
CA LEU A 78 3.73 4.28 -2.03
C LEU A 78 3.91 2.82 -1.65
N GLY A 79 3.24 1.95 -2.39
CA GLY A 79 3.37 0.52 -2.17
C GLY A 79 3.57 -0.22 -3.46
N GLN A 80 4.53 -1.14 -3.47
CA GLN A 80 4.88 -1.86 -4.69
C GLN A 80 4.79 -3.37 -4.46
N GLY A 81 4.01 -4.04 -5.28
CA GLY A 81 3.83 -5.48 -5.17
C GLY A 81 3.67 -6.11 -6.53
N ARG A 82 3.50 -7.43 -6.57
CA ARG A 82 3.36 -8.13 -7.86
C ARG A 82 1.91 -8.08 -8.34
N SER A 83 1.08 -7.36 -7.60
CA SER A 83 -0.34 -7.21 -7.93
C SER A 83 -0.89 -5.99 -7.22
N LYS A 84 -2.04 -5.48 -7.69
CA LYS A 84 -2.70 -4.34 -7.05
C LYS A 84 -2.93 -4.64 -5.57
N LYS A 85 -3.35 -5.86 -5.28
CA LYS A 85 -3.62 -6.31 -3.93
C LYS A 85 -2.42 -6.08 -3.02
N VAL A 86 -1.28 -6.63 -3.41
CA VAL A 86 -0.07 -6.52 -2.62
C VAL A 86 0.41 -5.08 -2.54
N ALA A 87 0.39 -4.39 -3.68
CA ALA A 87 0.85 -3.02 -3.76
C ALA A 87 0.01 -2.10 -2.86
N ARG A 88 -1.28 -2.39 -2.80
CA ARG A 88 -2.20 -1.63 -1.97
C ARG A 88 -1.86 -1.81 -0.50
N ILE A 89 -1.63 -3.06 -0.11
CA ILE A 89 -1.23 -3.39 1.25
C ILE A 89 0.10 -2.74 1.60
N GLU A 90 1.09 -2.87 0.73
CA GLU A 90 2.39 -2.26 0.95
C GLU A 90 2.29 -0.75 1.07
N ALA A 91 1.40 -0.15 0.29
CA ALA A 91 1.15 1.28 0.38
C ALA A 91 0.64 1.64 1.76
N ALA A 92 -0.36 0.89 2.22
CA ALA A 92 -0.95 1.11 3.53
C ALA A 92 0.04 0.81 4.65
N ALA A 93 0.87 -0.21 4.44
CA ALA A 93 1.89 -0.58 5.41
C ALA A 93 2.88 0.55 5.62
N THR A 94 3.19 1.25 4.53
CA THR A 94 4.10 2.38 4.59
C THR A 94 3.48 3.51 5.42
N ALA A 95 2.17 3.69 5.28
CA ALA A 95 1.46 4.69 6.06
C ALA A 95 1.46 4.33 7.54
N LEU A 96 1.12 3.08 7.84
CA LEU A 96 1.07 2.60 9.21
C LEU A 96 2.39 2.83 9.93
N ARG A 97 3.48 2.42 9.28
CA ARG A 97 4.81 2.49 9.89
C ARG A 97 5.30 3.92 9.98
N SER A 98 4.63 4.83 9.28
CA SER A 98 4.92 6.23 9.37
C SER A 98 4.28 6.84 10.60
N PHE A 99 3.15 6.27 11.00
CA PHE A 99 2.42 6.78 12.16
C PHE A 99 3.03 6.24 13.44
N ILE A 100 3.13 4.92 13.54
CA ILE A 100 3.66 4.26 14.73
C ILE A 100 4.72 3.25 14.36
N GLN A 101 5.55 2.92 15.34
CA GLN A 101 6.62 1.98 15.12
C GLN A 101 6.73 1.06 16.34
N PHE A 102 7.11 -0.19 16.10
CA PHE A 102 7.15 -1.19 17.17
C PHE A 102 8.60 -1.54 17.50
N LYS A 103 9.50 -0.61 17.23
CA LYS A 103 10.92 -0.81 17.48
C LYS A 103 11.53 0.47 18.04
N ASP A 104 11.68 1.46 17.17
CA ASP A 104 12.22 2.78 17.55
C ASP A 104 13.64 2.67 18.08
N GLY A 105 14.34 1.63 17.68
CA GLY A 105 15.73 1.46 18.08
C GLY A 105 16.64 2.31 17.20
N ALA A 106 16.36 3.60 17.17
CA ALA A 106 17.09 4.52 16.32
C ALA A 106 18.03 5.38 17.15
N VAL A 107 18.96 6.04 16.47
CA VAL A 107 19.91 6.93 17.14
C VAL A 107 19.40 8.36 17.08
N LEU A 108 18.15 8.49 16.67
CA LEU A 108 17.53 9.78 16.48
C LEU A 108 16.31 9.92 17.37
N SER A 109 16.32 10.93 18.21
CA SER A 109 15.17 11.24 19.06
C SER A 109 14.10 11.94 18.22
N PRO A 110 12.83 11.92 18.68
CA PRO A 110 11.74 12.64 18.01
C PRO A 110 11.97 14.15 18.05
N LEU A 111 12.74 14.66 17.08
CA LEU A 111 13.06 16.06 17.03
C LEU A 111 11.90 16.87 16.47
N LYS A 112 10.99 17.24 17.36
CA LYS A 112 9.84 18.04 16.98
C LYS A 112 10.17 19.53 17.12
N PRO A 113 10.15 20.27 16.00
CA PRO A 113 10.45 21.70 16.00
C PRO A 113 9.40 22.50 16.78
N ALA A 114 8.14 22.22 16.53
CA ALA A 114 7.05 22.90 17.22
C ALA A 114 5.91 21.92 17.48
N SER A 22 -4.17 -19.23 -20.27
CA SER A 22 -3.15 -20.23 -19.90
C SER A 22 -2.46 -19.82 -18.61
N ASP A 23 -2.90 -18.72 -18.04
CA ASP A 23 -2.34 -18.19 -16.81
C ASP A 23 -3.31 -18.38 -15.66
N PRO A 24 -2.79 -18.57 -14.44
CA PRO A 24 -3.61 -18.79 -13.25
C PRO A 24 -4.18 -17.50 -12.69
N LYS A 25 -4.82 -17.58 -11.52
CA LYS A 25 -5.30 -16.39 -10.84
C LYS A 25 -4.13 -15.68 -10.16
N LYS A 26 -3.24 -15.17 -10.98
CA LYS A 26 -2.05 -14.45 -10.53
C LYS A 26 -2.41 -12.99 -10.29
N LYS A 27 -3.43 -12.53 -11.00
CA LYS A 27 -3.86 -11.14 -10.94
C LYS A 27 -5.31 -11.04 -10.49
N MET A 28 -5.54 -10.28 -9.43
CA MET A 28 -6.88 -10.10 -8.90
C MET A 28 -7.10 -8.64 -8.52
N CYS A 29 -8.35 -8.21 -8.53
CA CYS A 29 -8.69 -6.84 -8.20
C CYS A 29 -9.74 -6.80 -7.09
N LYS A 30 -10.71 -7.69 -7.18
CA LYS A 30 -11.76 -7.78 -6.17
C LYS A 30 -11.41 -8.86 -5.15
N GLU A 31 -11.55 -8.52 -3.88
CA GLU A 31 -11.24 -9.45 -2.81
C GLU A 31 -12.23 -9.28 -1.66
N ARG A 32 -12.02 -10.01 -0.59
CA ARG A 32 -12.88 -9.91 0.57
C ARG A 32 -12.07 -9.56 1.81
N ILE A 33 -12.49 -8.53 2.51
CA ILE A 33 -11.82 -8.10 3.73
C ILE A 33 -12.72 -8.32 4.94
N PRO A 34 -12.69 -9.53 5.53
CA PRO A 34 -13.45 -9.84 6.74
C PRO A 34 -12.74 -9.37 8.00
N GLN A 35 -11.47 -9.72 8.11
CA GLN A 35 -10.67 -9.36 9.26
C GLN A 35 -9.57 -8.37 8.87
N PRO A 36 -9.18 -7.48 9.80
CA PRO A 36 -8.12 -6.49 9.57
C PRO A 36 -6.73 -7.12 9.54
N LYS A 37 -6.57 -8.14 8.70
CA LYS A 37 -5.27 -8.80 8.53
C LYS A 37 -4.37 -7.97 7.62
N ASN A 38 -5.01 -7.15 6.78
CA ASN A 38 -4.28 -6.27 5.87
C ASN A 38 -4.06 -4.91 6.52
N THR A 39 -2.98 -4.28 6.11
CA THR A 39 -2.60 -2.98 6.61
C THR A 39 -3.60 -1.92 6.19
N VAL A 40 -4.30 -2.18 5.08
CA VAL A 40 -5.27 -1.23 4.55
C VAL A 40 -6.45 -1.08 5.50
N ALA A 41 -6.79 -2.16 6.20
CA ALA A 41 -7.87 -2.12 7.17
C ALA A 41 -7.39 -1.42 8.43
N MET A 42 -6.11 -1.58 8.75
CA MET A 42 -5.52 -0.89 9.90
C MET A 42 -5.56 0.62 9.67
N LEU A 43 -5.39 1.02 8.43
CA LEU A 43 -5.50 2.43 8.05
C LEU A 43 -6.91 2.94 8.27
N ASN A 44 -7.91 2.11 7.98
CA ASN A 44 -9.31 2.51 8.14
C ASN A 44 -9.66 2.65 9.61
N GLU A 45 -8.85 2.01 10.45
CA GLU A 45 -8.98 2.12 11.89
C GLU A 45 -8.35 3.41 12.38
N LEU A 46 -7.36 3.89 11.64
CA LEU A 46 -6.59 5.06 12.04
C LEU A 46 -7.14 6.33 11.42
N ARG A 47 -7.00 6.46 10.10
CA ARG A 47 -7.29 7.70 9.40
C ARG A 47 -8.12 7.44 8.16
N HIS A 48 -9.13 8.28 7.93
CA HIS A 48 -9.93 8.20 6.72
C HIS A 48 -9.29 9.02 5.61
N GLY A 49 -9.86 8.95 4.41
CA GLY A 49 -9.30 9.67 3.30
C GLY A 49 -8.11 8.96 2.71
N LEU A 50 -8.13 7.63 2.76
CA LEU A 50 -7.05 6.82 2.23
C LEU A 50 -7.37 6.38 0.81
N ILE A 51 -6.97 7.18 -0.16
CA ILE A 51 -7.25 6.89 -1.56
C ILE A 51 -6.11 6.12 -2.19
N TYR A 52 -6.34 4.83 -2.41
CA TYR A 52 -5.38 3.99 -3.12
C TYR A 52 -5.60 4.12 -4.62
N LYS A 53 -4.52 4.12 -5.39
CA LYS A 53 -4.63 4.18 -6.83
C LYS A 53 -3.40 3.57 -7.48
N LEU A 54 -3.60 2.85 -8.57
CA LEU A 54 -2.50 2.29 -9.33
C LEU A 54 -1.91 3.37 -10.22
N GLU A 55 -0.80 3.96 -9.77
CA GLU A 55 -0.20 5.06 -10.51
C GLU A 55 0.79 4.53 -11.55
N SER A 56 1.44 3.43 -11.23
CA SER A 56 2.45 2.87 -12.11
C SER A 56 2.34 1.35 -12.15
N GLN A 57 2.56 0.77 -13.32
CA GLN A 57 2.54 -0.68 -13.46
C GLN A 57 3.50 -1.10 -14.56
N THR A 58 4.58 -1.77 -14.17
CA THR A 58 5.60 -2.18 -15.12
C THR A 58 6.13 -3.57 -14.77
N GLY A 59 6.75 -4.24 -15.74
CA GLY A 59 7.40 -5.50 -15.47
C GLY A 59 6.89 -6.62 -16.36
N PRO A 60 7.42 -7.84 -16.18
CA PRO A 60 6.99 -9.01 -16.96
C PRO A 60 5.59 -9.47 -16.54
N VAL A 61 5.06 -10.47 -17.22
CA VAL A 61 3.72 -10.96 -16.93
C VAL A 61 3.78 -12.07 -15.88
N HIS A 62 4.94 -12.70 -15.74
CA HIS A 62 5.11 -13.75 -14.74
C HIS A 62 5.34 -13.14 -13.37
N ALA A 63 5.83 -11.90 -13.35
CA ALA A 63 6.06 -11.18 -12.11
C ALA A 63 6.04 -9.68 -12.35
N PRO A 64 4.86 -9.09 -12.55
CA PRO A 64 4.72 -7.66 -12.78
C PRO A 64 4.85 -6.86 -11.51
N LEU A 65 5.07 -5.57 -11.65
CA LEU A 65 5.19 -4.69 -10.51
C LEU A 65 4.09 -3.64 -10.55
N PHE A 66 3.25 -3.67 -9.54
CA PHE A 66 2.16 -2.71 -9.41
C PHE A 66 2.53 -1.67 -8.37
N THR A 67 2.29 -0.42 -8.68
CA THR A 67 2.64 0.68 -7.80
C THR A 67 1.38 1.45 -7.38
N ILE A 68 1.00 1.26 -6.13
CA ILE A 68 -0.18 1.92 -5.57
C ILE A 68 0.24 3.12 -4.74
N SER A 69 -0.33 4.27 -5.04
CA SER A 69 -0.08 5.47 -4.25
C SER A 69 -1.30 5.81 -3.40
N VAL A 70 -1.12 5.82 -2.09
CA VAL A 70 -2.19 6.19 -1.19
C VAL A 70 -1.83 7.49 -0.48
N GLU A 71 -2.75 8.43 -0.45
CA GLU A 71 -2.49 9.73 0.13
C GLU A 71 -3.27 9.88 1.42
N VAL A 72 -2.56 9.93 2.53
CA VAL A 72 -3.18 9.99 3.85
C VAL A 72 -2.66 11.17 4.62
N ASP A 73 -3.58 12.01 5.05
CA ASP A 73 -3.27 13.21 5.81
C ASP A 73 -2.30 14.12 5.06
N GLY A 74 -2.34 14.05 3.74
CA GLY A 74 -1.46 14.87 2.93
C GLY A 74 -0.18 14.17 2.56
N GLN A 75 0.11 13.07 3.24
CA GLN A 75 1.31 12.30 2.96
C GLN A 75 0.99 11.18 1.99
N LYS A 76 1.67 11.17 0.86
CA LYS A 76 1.47 10.14 -0.14
C LYS A 76 2.44 8.99 0.10
N TYR A 77 1.90 7.84 0.43
CA TYR A 77 2.69 6.64 0.66
C TYR A 77 2.63 5.75 -0.57
N LEU A 78 3.77 5.17 -0.94
CA LEU A 78 3.84 4.36 -2.13
C LEU A 78 4.02 2.89 -1.76
N GLY A 79 3.36 2.01 -2.50
CA GLY A 79 3.50 0.59 -2.26
C GLY A 79 3.64 -0.18 -3.56
N GLN A 80 4.54 -1.15 -3.59
CA GLN A 80 4.82 -1.88 -4.82
C GLN A 80 4.65 -3.38 -4.59
N GLY A 81 3.83 -4.02 -5.42
CA GLY A 81 3.57 -5.43 -5.25
C GLY A 81 3.33 -6.14 -6.57
N ARG A 82 2.99 -7.43 -6.50
CA ARG A 82 2.76 -8.24 -7.70
C ARG A 82 1.33 -8.07 -8.24
N SER A 83 0.53 -7.30 -7.52
CA SER A 83 -0.84 -7.03 -7.91
C SER A 83 -1.31 -5.77 -7.21
N LYS A 84 -2.45 -5.22 -7.64
CA LYS A 84 -3.03 -4.05 -6.99
C LYS A 84 -3.22 -4.31 -5.52
N LYS A 85 -3.66 -5.52 -5.20
CA LYS A 85 -3.92 -5.94 -3.83
C LYS A 85 -2.65 -5.85 -2.99
N VAL A 86 -1.58 -6.48 -3.46
CA VAL A 86 -0.32 -6.50 -2.74
C VAL A 86 0.20 -5.09 -2.55
N ALA A 87 0.24 -4.33 -3.64
CA ALA A 87 0.76 -2.97 -3.62
C ALA A 87 -0.06 -2.07 -2.71
N ARG A 88 -1.37 -2.31 -2.67
CA ARG A 88 -2.27 -1.58 -1.79
C ARG A 88 -1.86 -1.80 -0.34
N ILE A 89 -1.66 -3.06 0.02
CA ILE A 89 -1.20 -3.45 1.35
C ILE A 89 0.18 -2.84 1.66
N GLU A 90 1.11 -2.97 0.72
CA GLU A 90 2.45 -2.41 0.87
C GLU A 90 2.40 -0.91 1.13
N ALA A 91 1.55 -0.21 0.36
CA ALA A 91 1.38 1.22 0.52
C ALA A 91 0.85 1.57 1.91
N ALA A 92 -0.14 0.80 2.36
CA ALA A 92 -0.74 1.02 3.67
C ALA A 92 0.24 0.69 4.78
N ALA A 93 1.13 -0.26 4.52
CA ALA A 93 2.17 -0.62 5.49
C ALA A 93 3.08 0.56 5.75
N THR A 94 3.42 1.27 4.70
CA THR A 94 4.24 2.47 4.80
C THR A 94 3.47 3.57 5.54
N ALA A 95 2.16 3.62 5.31
CA ALA A 95 1.32 4.58 6.01
C ALA A 95 1.31 4.31 7.51
N LEU A 96 1.11 3.05 7.87
CA LEU A 96 1.08 2.65 9.27
C LEU A 96 2.38 3.02 9.99
N ARG A 97 3.51 2.66 9.39
CA ARG A 97 4.82 2.91 10.01
C ARG A 97 5.13 4.40 10.07
N SER A 98 4.36 5.18 9.34
CA SER A 98 4.49 6.63 9.38
C SER A 98 3.81 7.19 10.63
N PHE A 99 2.74 6.52 11.05
CA PHE A 99 1.99 6.96 12.22
C PHE A 99 2.62 6.39 13.49
N ILE A 100 2.86 5.09 13.48
CA ILE A 100 3.46 4.40 14.62
C ILE A 100 4.55 3.46 14.14
N GLN A 101 5.59 3.31 14.94
CA GLN A 101 6.72 2.48 14.57
C GLN A 101 6.74 1.22 15.43
N PHE A 102 6.85 0.07 14.78
CA PHE A 102 6.86 -1.22 15.48
C PHE A 102 8.04 -2.07 15.05
N LYS A 103 8.15 -3.23 15.68
CA LYS A 103 9.23 -4.16 15.39
C LYS A 103 8.63 -5.53 15.07
N ASP A 104 8.78 -5.95 13.82
CA ASP A 104 8.24 -7.24 13.39
C ASP A 104 9.36 -8.25 13.21
N GLY A 105 10.50 -7.77 12.73
CA GLY A 105 11.61 -8.66 12.45
C GLY A 105 11.72 -8.94 10.97
N ALA A 106 10.56 -8.95 10.31
CA ALA A 106 10.49 -9.15 8.87
C ALA A 106 11.18 -8.00 8.14
N VAL A 107 12.05 -8.34 7.21
CA VAL A 107 12.76 -7.33 6.44
C VAL A 107 11.91 -6.87 5.27
N LEU A 108 11.58 -5.58 5.26
CA LEU A 108 10.77 -5.01 4.20
C LEU A 108 11.63 -4.14 3.29
N SER A 109 12.09 -4.73 2.21
CA SER A 109 12.93 -4.05 1.25
C SER A 109 12.78 -4.71 -0.13
N PRO A 110 13.12 -3.99 -1.21
CA PRO A 110 13.01 -4.54 -2.57
C PRO A 110 14.07 -5.58 -2.88
N LEU A 111 13.95 -6.75 -2.25
CA LEU A 111 14.86 -7.85 -2.51
C LEU A 111 14.56 -8.44 -3.88
N LYS A 112 13.28 -8.55 -4.18
CA LYS A 112 12.83 -8.97 -5.49
C LYS A 112 12.21 -7.79 -6.23
N PRO A 113 12.91 -7.26 -7.23
CA PRO A 113 12.43 -6.15 -8.04
C PRO A 113 11.51 -6.63 -9.16
N ALA A 114 11.35 -5.84 -10.19
CA ALA A 114 10.56 -6.25 -11.34
C ALA A 114 11.47 -6.85 -12.40
N SER A 22 -5.35 5.84 -17.38
CA SER A 22 -5.32 6.21 -15.95
C SER A 22 -6.45 7.20 -15.65
N ASP A 23 -7.46 6.74 -14.95
CA ASP A 23 -8.61 7.59 -14.63
C ASP A 23 -8.91 7.57 -13.14
N PRO A 24 -8.79 8.73 -12.48
CA PRO A 24 -9.16 8.91 -11.09
C PRO A 24 -10.67 8.89 -10.91
N LYS A 25 -11.20 7.73 -10.55
CA LYS A 25 -12.63 7.52 -10.50
C LYS A 25 -13.03 6.98 -9.13
N LYS A 26 -13.66 7.83 -8.33
CA LYS A 26 -14.01 7.47 -6.95
C LYS A 26 -15.39 6.80 -6.90
N LYS A 27 -15.61 5.82 -7.75
CA LYS A 27 -16.85 5.07 -7.69
C LYS A 27 -16.76 4.05 -6.56
N MET A 28 -17.46 4.35 -5.47
CA MET A 28 -17.31 3.62 -4.23
C MET A 28 -17.80 2.18 -4.35
N CYS A 29 -16.86 1.26 -4.28
CA CYS A 29 -17.18 -0.15 -4.28
C CYS A 29 -16.88 -0.74 -2.90
N LYS A 30 -17.67 -1.71 -2.48
CA LYS A 30 -17.40 -2.42 -1.24
C LYS A 30 -16.27 -3.40 -1.50
N GLU A 31 -15.18 -3.26 -0.75
CA GLU A 31 -13.94 -4.00 -0.99
C GLU A 31 -14.19 -5.49 -1.19
N ARG A 32 -14.66 -6.16 -0.14
CA ARG A 32 -14.98 -7.58 -0.20
C ARG A 32 -13.74 -8.39 -0.55
N ILE A 33 -12.57 -7.84 -0.20
CA ILE A 33 -11.28 -8.41 -0.58
C ILE A 33 -11.06 -9.79 0.01
N PRO A 34 -10.71 -10.77 -0.83
CA PRO A 34 -10.37 -12.12 -0.37
C PRO A 34 -9.07 -12.14 0.42
N GLN A 35 -9.06 -12.88 1.53
CA GLN A 35 -7.89 -12.98 2.41
C GLN A 35 -7.59 -11.64 3.08
N PRO A 36 -8.06 -11.47 4.33
CA PRO A 36 -7.88 -10.23 5.11
C PRO A 36 -6.46 -10.07 5.64
N LYS A 37 -6.33 -9.55 6.86
CA LYS A 37 -5.02 -9.37 7.51
C LYS A 37 -4.22 -8.29 6.80
N ASN A 38 -4.93 -7.33 6.24
CA ASN A 38 -4.30 -6.29 5.44
C ASN A 38 -4.17 -4.97 6.19
N THR A 39 -3.05 -4.32 5.95
CA THR A 39 -2.73 -3.03 6.54
C THR A 39 -3.72 -1.96 6.09
N VAL A 40 -4.38 -2.22 4.97
CA VAL A 40 -5.39 -1.33 4.43
C VAL A 40 -6.54 -1.16 5.43
N ALA A 41 -6.97 -2.27 6.02
CA ALA A 41 -8.03 -2.22 7.03
C ALA A 41 -7.53 -1.47 8.26
N MET A 42 -6.29 -1.71 8.61
CA MET A 42 -5.63 -1.01 9.72
C MET A 42 -5.66 0.50 9.50
N LEU A 43 -5.30 0.91 8.29
CA LEU A 43 -5.26 2.33 7.93
C LEU A 43 -6.63 2.97 8.07
N ASN A 44 -7.68 2.24 7.74
CA ASN A 44 -9.05 2.75 7.79
C ASN A 44 -9.46 3.00 9.24
N GLU A 45 -8.79 2.34 10.17
CA GLU A 45 -9.03 2.56 11.58
C GLU A 45 -8.31 3.82 12.06
N LEU A 46 -7.15 4.10 11.45
CA LEU A 46 -6.30 5.19 11.89
C LEU A 46 -6.71 6.52 11.25
N ARG A 47 -6.52 6.62 9.95
CA ARG A 47 -6.77 7.87 9.24
C ARG A 47 -7.51 7.61 7.94
N HIS A 48 -8.78 7.98 7.90
CA HIS A 48 -9.57 7.86 6.69
C HIS A 48 -9.28 9.04 5.76
N GLY A 49 -9.78 8.97 4.54
CA GLY A 49 -9.37 9.91 3.52
C GLY A 49 -8.18 9.39 2.77
N LEU A 50 -8.06 8.06 2.80
CA LEU A 50 -6.96 7.37 2.17
C LEU A 50 -7.37 6.87 0.78
N ILE A 51 -6.85 7.50 -0.24
CA ILE A 51 -7.19 7.13 -1.60
C ILE A 51 -6.06 6.33 -2.24
N TYR A 52 -6.30 5.04 -2.45
CA TYR A 52 -5.33 4.19 -3.13
C TYR A 52 -5.49 4.31 -4.64
N LYS A 53 -4.42 4.64 -5.32
CA LYS A 53 -4.46 4.82 -6.76
C LYS A 53 -3.30 4.07 -7.42
N LEU A 54 -3.61 3.30 -8.45
CA LEU A 54 -2.59 2.60 -9.20
C LEU A 54 -1.93 3.57 -10.18
N GLU A 55 -0.76 4.06 -9.81
CA GLU A 55 -0.10 5.09 -10.59
C GLU A 55 0.78 4.50 -11.68
N SER A 56 1.35 3.34 -11.42
CA SER A 56 2.28 2.72 -12.35
C SER A 56 2.15 1.20 -12.32
N GLN A 57 2.03 0.60 -13.49
CA GLN A 57 2.03 -0.85 -13.60
C GLN A 57 2.97 -1.27 -14.71
N THR A 58 4.09 -1.86 -14.33
CA THR A 58 5.10 -2.28 -15.29
C THR A 58 5.73 -3.59 -14.86
N GLY A 59 6.00 -4.45 -15.82
CA GLY A 59 6.67 -5.71 -15.52
C GLY A 59 6.08 -6.86 -16.31
N PRO A 60 6.82 -7.96 -16.44
CA PRO A 60 6.37 -9.14 -17.17
C PRO A 60 5.15 -9.81 -16.53
N VAL A 61 4.55 -10.76 -17.24
CA VAL A 61 3.36 -11.43 -16.72
C VAL A 61 3.71 -12.36 -15.56
N HIS A 62 4.96 -12.84 -15.52
CA HIS A 62 5.38 -13.75 -14.46
C HIS A 62 5.77 -12.98 -13.21
N ALA A 63 6.20 -11.74 -13.39
CA ALA A 63 6.59 -10.90 -12.26
C ALA A 63 6.29 -9.42 -12.55
N PRO A 64 5.01 -9.04 -12.53
CA PRO A 64 4.61 -7.66 -12.76
C PRO A 64 4.71 -6.82 -11.50
N LEU A 65 5.08 -5.56 -11.68
CA LEU A 65 5.22 -4.64 -10.56
C LEU A 65 4.07 -3.65 -10.57
N PHE A 66 3.29 -3.67 -9.52
CA PHE A 66 2.16 -2.77 -9.36
C PHE A 66 2.53 -1.69 -8.35
N THR A 67 2.26 -0.45 -8.70
CA THR A 67 2.60 0.67 -7.85
C THR A 67 1.35 1.43 -7.42
N ILE A 68 0.95 1.24 -6.18
CA ILE A 68 -0.20 1.91 -5.61
C ILE A 68 0.26 3.03 -4.69
N SER A 69 -0.22 4.23 -4.95
CA SER A 69 0.04 5.35 -4.07
C SER A 69 -1.19 5.67 -3.25
N VAL A 70 -1.01 5.76 -1.95
CA VAL A 70 -2.10 6.12 -1.08
C VAL A 70 -1.81 7.43 -0.40
N GLU A 71 -2.75 8.35 -0.49
CA GLU A 71 -2.60 9.64 0.13
C GLU A 71 -3.37 9.67 1.42
N VAL A 72 -2.63 9.74 2.52
CA VAL A 72 -3.22 9.65 3.85
C VAL A 72 -2.85 10.87 4.67
N ASP A 73 -3.86 11.58 5.17
CA ASP A 73 -3.68 12.82 5.96
C ASP A 73 -3.10 13.95 5.11
N GLY A 74 -2.67 13.63 3.91
CA GLY A 74 -1.97 14.59 3.06
C GLY A 74 -0.56 14.13 2.75
N GLN A 75 -0.20 12.99 3.32
CA GLN A 75 1.09 12.37 3.05
C GLN A 75 0.88 11.26 2.03
N LYS A 76 1.75 11.18 1.04
CA LYS A 76 1.59 10.19 0.00
C LYS A 76 2.57 9.04 0.21
N TYR A 77 2.02 7.88 0.50
CA TYR A 77 2.80 6.68 0.71
C TYR A 77 2.71 5.77 -0.51
N LEU A 78 3.83 5.17 -0.89
CA LEU A 78 3.84 4.34 -2.08
C LEU A 78 3.97 2.87 -1.72
N GLY A 79 3.30 2.03 -2.48
CA GLY A 79 3.38 0.59 -2.28
C GLY A 79 3.61 -0.13 -3.58
N GLN A 80 4.63 -0.99 -3.61
CA GLN A 80 4.98 -1.67 -4.83
C GLN A 80 4.98 -3.19 -4.62
N GLY A 81 4.05 -3.86 -5.28
CA GLY A 81 3.91 -5.29 -5.11
C GLY A 81 3.71 -5.99 -6.44
N ARG A 82 3.52 -7.30 -6.39
CA ARG A 82 3.39 -8.10 -7.59
C ARG A 82 1.94 -8.25 -8.01
N SER A 83 1.08 -7.52 -7.32
CA SER A 83 -0.35 -7.50 -7.58
C SER A 83 -0.94 -6.20 -7.05
N LYS A 84 -2.13 -5.83 -7.51
CA LYS A 84 -2.78 -4.60 -7.08
C LYS A 84 -3.05 -4.64 -5.58
N LYS A 85 -3.41 -5.82 -5.09
CA LYS A 85 -3.70 -6.01 -3.68
C LYS A 85 -2.43 -5.85 -2.86
N VAL A 86 -1.37 -6.55 -3.28
CA VAL A 86 -0.07 -6.44 -2.63
C VAL A 86 0.39 -5.00 -2.56
N ALA A 87 0.37 -4.33 -3.71
CA ALA A 87 0.81 -2.94 -3.81
C ALA A 87 0.01 -2.03 -2.89
N ARG A 88 -1.30 -2.26 -2.84
CA ARG A 88 -2.18 -1.49 -1.96
C ARG A 88 -1.78 -1.68 -0.50
N ILE A 89 -1.49 -2.92 -0.14
CA ILE A 89 -1.10 -3.26 1.22
C ILE A 89 0.26 -2.65 1.58
N GLU A 90 1.22 -2.75 0.67
CA GLU A 90 2.54 -2.17 0.89
C GLU A 90 2.45 -0.66 1.10
N ALA A 91 1.55 -0.02 0.37
CA ALA A 91 1.33 1.42 0.52
C ALA A 91 0.79 1.73 1.90
N ALA A 92 -0.16 0.91 2.34
CA ALA A 92 -0.78 1.10 3.65
C ALA A 92 0.20 0.79 4.77
N ALA A 93 1.06 -0.20 4.56
CA ALA A 93 2.05 -0.58 5.55
C ALA A 93 3.00 0.58 5.84
N THR A 94 3.38 1.28 4.78
CA THR A 94 4.23 2.44 4.90
C THR A 94 3.54 3.55 5.68
N ALA A 95 2.24 3.70 5.46
CA ALA A 95 1.46 4.69 6.18
C ALA A 95 1.38 4.36 7.66
N LEU A 96 1.05 3.10 7.96
CA LEU A 96 0.93 2.64 9.34
C LEU A 96 2.20 2.93 10.14
N ARG A 97 3.34 2.55 9.58
CA ARG A 97 4.61 2.68 10.27
C ARG A 97 4.99 4.15 10.45
N SER A 98 4.36 5.01 9.65
CA SER A 98 4.58 6.42 9.74
C SER A 98 3.77 7.04 10.87
N PHE A 99 2.68 6.38 11.24
CA PHE A 99 1.86 6.84 12.34
C PHE A 99 2.38 6.26 13.64
N ILE A 100 2.57 4.94 13.66
CA ILE A 100 3.15 4.25 14.80
C ILE A 100 4.21 3.26 14.34
N GLN A 101 5.35 3.26 15.02
CA GLN A 101 6.45 2.42 14.61
C GLN A 101 6.61 1.24 15.57
N PHE A 102 6.45 0.04 15.04
CA PHE A 102 6.70 -1.18 15.79
C PHE A 102 7.94 -1.85 15.24
N LYS A 103 8.68 -1.08 14.44
CA LYS A 103 9.89 -1.54 13.80
C LYS A 103 10.84 -0.37 13.60
N ASP A 104 12.12 -0.69 13.46
CA ASP A 104 13.15 0.30 13.12
C ASP A 104 12.74 1.15 11.94
N GLY A 105 12.11 0.53 10.95
CA GLY A 105 11.69 1.23 9.76
C GLY A 105 12.79 1.30 8.75
N ALA A 106 13.76 0.40 8.89
CA ALA A 106 14.90 0.35 7.99
C ALA A 106 14.57 -0.51 6.78
N VAL A 107 14.62 0.10 5.61
CA VAL A 107 14.29 -0.58 4.37
C VAL A 107 15.43 -0.41 3.38
N LEU A 108 15.75 -1.45 2.63
CA LEU A 108 16.80 -1.38 1.64
C LEU A 108 16.29 -0.72 0.38
N SER A 109 16.42 0.59 0.32
CA SER A 109 16.08 1.36 -0.86
C SER A 109 16.97 0.93 -2.03
N PRO A 110 16.40 0.82 -3.23
CA PRO A 110 17.16 0.43 -4.42
C PRO A 110 18.21 1.47 -4.79
N LEU A 111 19.44 1.22 -4.38
CA LEU A 111 20.54 2.12 -4.68
C LEU A 111 21.10 1.79 -6.05
N LYS A 112 20.70 2.56 -7.05
CA LYS A 112 21.03 2.26 -8.43
C LYS A 112 21.97 3.31 -9.01
N PRO A 113 23.28 3.06 -8.92
CA PRO A 113 24.30 3.91 -9.51
C PRO A 113 24.77 3.38 -10.85
N ALA A 114 25.87 3.93 -11.35
CA ALA A 114 26.45 3.46 -12.59
C ALA A 114 27.95 3.26 -12.44
N SER A 22 -4.04 -1.91 -28.74
CA SER A 22 -2.85 -2.80 -28.66
C SER A 22 -2.07 -2.54 -27.37
N ASP A 23 -2.78 -2.12 -26.32
CA ASP A 23 -2.15 -1.83 -25.04
C ASP A 23 -2.04 -3.12 -24.23
N PRO A 24 -0.82 -3.66 -24.12
CA PRO A 24 -0.58 -5.02 -23.62
C PRO A 24 -0.41 -5.12 -22.10
N LYS A 25 -1.06 -4.24 -21.36
CA LYS A 25 -1.07 -4.38 -19.90
C LYS A 25 -2.14 -5.39 -19.50
N LYS A 26 -1.77 -6.66 -19.59
CA LYS A 26 -2.72 -7.73 -19.36
C LYS A 26 -2.84 -8.09 -17.88
N LYS A 27 -3.79 -7.46 -17.22
CA LYS A 27 -4.12 -7.80 -15.85
C LYS A 27 -5.41 -8.59 -15.80
N MET A 28 -5.29 -9.90 -15.69
CA MET A 28 -6.45 -10.79 -15.72
C MET A 28 -7.27 -10.67 -14.43
N CYS A 29 -6.63 -10.26 -13.35
CA CYS A 29 -7.30 -10.18 -12.07
C CYS A 29 -6.74 -9.03 -11.23
N LYS A 30 -7.56 -8.53 -10.32
CA LYS A 30 -7.17 -7.46 -9.43
C LYS A 30 -6.68 -8.04 -8.10
N GLU A 31 -7.59 -8.67 -7.37
CA GLU A 31 -7.24 -9.47 -6.21
C GLU A 31 -8.08 -10.74 -6.19
N ARG A 32 -7.48 -11.84 -5.75
CA ARG A 32 -8.16 -13.13 -5.75
C ARG A 32 -7.87 -13.89 -4.46
N ILE A 33 -6.68 -13.69 -3.91
CA ILE A 33 -6.31 -14.33 -2.66
C ILE A 33 -6.37 -13.33 -1.52
N PRO A 34 -7.08 -13.66 -0.43
CA PRO A 34 -7.21 -12.79 0.76
C PRO A 34 -5.87 -12.48 1.41
N GLN A 35 -5.88 -11.67 2.46
CA GLN A 35 -4.65 -11.25 3.10
C GLN A 35 -4.83 -11.09 4.60
N PRO A 36 -4.17 -11.95 5.39
CA PRO A 36 -4.07 -11.79 6.84
C PRO A 36 -3.36 -10.49 7.21
N LYS A 37 -3.76 -9.91 8.34
CA LYS A 37 -3.25 -8.62 8.83
C LYS A 37 -3.15 -7.58 7.71
N ASN A 38 -4.24 -7.41 6.98
CA ASN A 38 -4.33 -6.42 5.90
C ASN A 38 -4.05 -5.02 6.45
N THR A 39 -3.00 -4.43 5.94
CA THR A 39 -2.57 -3.11 6.37
C THR A 39 -3.52 -2.03 5.88
N VAL A 40 -4.18 -2.30 4.76
CA VAL A 40 -5.17 -1.38 4.21
C VAL A 40 -6.35 -1.28 5.15
N ALA A 41 -6.75 -2.42 5.69
CA ALA A 41 -7.82 -2.46 6.68
C ALA A 41 -7.39 -1.71 7.92
N MET A 42 -6.13 -1.86 8.30
CA MET A 42 -5.55 -1.17 9.45
C MET A 42 -5.61 0.35 9.25
N LEU A 43 -5.23 0.80 8.06
CA LEU A 43 -5.20 2.21 7.74
C LEU A 43 -6.58 2.85 7.85
N ASN A 44 -7.60 2.10 7.45
CA ASN A 44 -8.98 2.59 7.51
C ASN A 44 -9.40 2.79 8.95
N GLU A 45 -8.81 2.01 9.84
CA GLU A 45 -9.09 2.12 11.26
C GLU A 45 -8.36 3.31 11.85
N LEU A 46 -7.12 3.51 11.43
CA LEU A 46 -6.30 4.60 11.94
C LEU A 46 -6.83 5.96 11.48
N ARG A 47 -6.89 6.16 10.17
CA ARG A 47 -7.26 7.46 9.63
C ARG A 47 -8.34 7.33 8.57
N HIS A 48 -8.88 8.47 8.16
CA HIS A 48 -9.82 8.54 7.06
C HIS A 48 -9.29 9.48 6.00
N GLY A 49 -9.71 9.30 4.75
CA GLY A 49 -9.19 10.11 3.68
C GLY A 49 -8.00 9.46 3.02
N LEU A 50 -8.05 8.14 2.91
CA LEU A 50 -7.00 7.38 2.28
C LEU A 50 -7.43 6.89 0.91
N ILE A 51 -6.90 7.51 -0.13
CA ILE A 51 -7.27 7.17 -1.49
C ILE A 51 -6.15 6.39 -2.17
N TYR A 52 -6.43 5.15 -2.51
CA TYR A 52 -5.45 4.29 -3.19
C TYR A 52 -5.66 4.34 -4.69
N LYS A 53 -4.61 4.68 -5.43
CA LYS A 53 -4.70 4.76 -6.88
C LYS A 53 -3.47 4.13 -7.51
N LEU A 54 -3.66 3.47 -8.64
CA LEU A 54 -2.54 2.87 -9.35
C LEU A 54 -1.87 3.93 -10.21
N GLU A 55 -0.65 4.29 -9.85
CA GLU A 55 0.06 5.30 -10.60
C GLU A 55 0.98 4.69 -11.65
N SER A 56 1.40 3.45 -11.43
CA SER A 56 2.29 2.78 -12.36
C SER A 56 2.16 1.27 -12.28
N GLN A 57 2.30 0.62 -13.42
CA GLN A 57 2.32 -0.84 -13.48
C GLN A 57 3.35 -1.27 -14.52
N THR A 58 4.39 -1.95 -14.06
CA THR A 58 5.51 -2.34 -14.92
C THR A 58 6.11 -3.66 -14.46
N GLY A 59 6.48 -4.51 -15.40
CA GLY A 59 7.17 -5.73 -15.05
C GLY A 59 6.79 -6.90 -15.93
N PRO A 60 7.34 -8.09 -15.68
CA PRO A 60 7.03 -9.30 -16.46
C PRO A 60 5.61 -9.79 -16.18
N VAL A 61 5.13 -10.71 -16.99
CA VAL A 61 3.77 -11.21 -16.83
C VAL A 61 3.70 -12.23 -15.70
N HIS A 62 4.81 -12.89 -15.41
CA HIS A 62 4.84 -13.90 -14.36
C HIS A 62 4.92 -13.25 -12.98
N ALA A 63 5.47 -12.05 -12.92
CA ALA A 63 5.58 -11.30 -11.67
C ALA A 63 5.56 -9.80 -11.93
N PRO A 64 4.42 -9.26 -12.37
CA PRO A 64 4.30 -7.84 -12.68
C PRO A 64 4.32 -6.98 -11.44
N LEU A 65 4.91 -5.81 -11.53
CA LEU A 65 4.98 -4.92 -10.39
C LEU A 65 3.93 -3.82 -10.52
N PHE A 66 3.18 -3.64 -9.45
CA PHE A 66 2.14 -2.64 -9.39
C PHE A 66 2.55 -1.56 -8.42
N THR A 67 2.26 -0.32 -8.75
CA THR A 67 2.64 0.79 -7.91
C THR A 67 1.42 1.60 -7.51
N ILE A 68 0.98 1.38 -6.28
CA ILE A 68 -0.19 2.05 -5.75
C ILE A 68 0.24 3.23 -4.89
N SER A 69 -0.34 4.37 -5.16
CA SER A 69 -0.10 5.56 -4.39
C SER A 69 -1.31 5.87 -3.52
N VAL A 70 -1.09 6.01 -2.24
CA VAL A 70 -2.16 6.37 -1.34
C VAL A 70 -1.82 7.64 -0.59
N GLU A 71 -2.74 8.58 -0.60
CA GLU A 71 -2.56 9.80 0.15
C GLU A 71 -3.40 9.73 1.40
N VAL A 72 -2.73 9.69 2.54
CA VAL A 72 -3.39 9.55 3.82
C VAL A 72 -3.05 10.74 4.71
N ASP A 73 -4.09 11.46 5.13
CA ASP A 73 -3.95 12.59 6.05
C ASP A 73 -3.18 13.75 5.42
N GLY A 74 -2.76 13.59 4.18
CA GLY A 74 -1.97 14.60 3.51
C GLY A 74 -0.60 14.08 3.14
N GLN A 75 -0.32 12.82 3.46
CA GLN A 75 0.94 12.20 3.10
C GLN A 75 0.74 11.14 2.04
N LYS A 76 1.55 11.18 0.99
CA LYS A 76 1.42 10.26 -0.12
C LYS A 76 2.44 9.14 0.00
N TYR A 77 1.96 7.97 0.37
CA TYR A 77 2.82 6.80 0.51
C TYR A 77 2.79 5.97 -0.76
N LEU A 78 3.85 5.24 -1.03
CA LEU A 78 3.94 4.44 -2.24
C LEU A 78 4.09 2.97 -1.90
N GLY A 79 3.35 2.13 -2.61
CA GLY A 79 3.42 0.70 -2.37
C GLY A 79 3.57 -0.07 -3.66
N GLN A 80 4.48 -1.03 -3.67
CA GLN A 80 4.77 -1.79 -4.88
C GLN A 80 4.70 -3.29 -4.59
N GLY A 81 3.87 -3.98 -5.35
CA GLY A 81 3.69 -5.41 -5.18
C GLY A 81 3.40 -6.10 -6.49
N ARG A 82 3.25 -7.42 -6.48
CA ARG A 82 3.05 -8.18 -7.72
C ARG A 82 1.58 -8.16 -8.16
N SER A 83 0.78 -7.33 -7.51
CA SER A 83 -0.63 -7.17 -7.83
C SER A 83 -1.16 -5.92 -7.15
N LYS A 84 -2.33 -5.44 -7.59
CA LYS A 84 -2.95 -4.28 -6.98
C LYS A 84 -3.19 -4.53 -5.50
N LYS A 85 -3.50 -5.78 -5.16
CA LYS A 85 -3.69 -6.19 -3.78
C LYS A 85 -2.44 -5.86 -2.96
N VAL A 86 -1.33 -6.45 -3.36
CA VAL A 86 -0.08 -6.32 -2.62
C VAL A 86 0.40 -4.87 -2.63
N ALA A 87 0.34 -4.23 -3.80
CA ALA A 87 0.79 -2.85 -3.93
C ALA A 87 0.01 -1.93 -3.01
N ARG A 88 -1.29 -2.15 -2.91
CA ARG A 88 -2.14 -1.38 -2.02
C ARG A 88 -1.73 -1.62 -0.56
N ILE A 89 -1.48 -2.88 -0.24
CA ILE A 89 -1.07 -3.29 1.09
C ILE A 89 0.28 -2.68 1.48
N GLU A 90 1.26 -2.78 0.58
CA GLU A 90 2.58 -2.23 0.81
C GLU A 90 2.52 -0.73 1.08
N ALA A 91 1.68 -0.03 0.33
CA ALA A 91 1.50 1.40 0.51
C ALA A 91 0.94 1.69 1.90
N ALA A 92 -0.06 0.92 2.29
CA ALA A 92 -0.69 1.08 3.59
C ALA A 92 0.26 0.70 4.72
N ALA A 93 1.09 -0.31 4.48
CA ALA A 93 2.06 -0.75 5.48
C ALA A 93 3.04 0.37 5.81
N THR A 94 3.47 1.08 4.78
CA THR A 94 4.37 2.21 4.94
C THR A 94 3.68 3.33 5.73
N ALA A 95 2.40 3.54 5.43
CA ALA A 95 1.62 4.56 6.12
C ALA A 95 1.52 4.24 7.61
N LEU A 96 1.24 2.98 7.93
CA LEU A 96 1.09 2.55 9.32
C LEU A 96 2.30 2.94 10.15
N ARG A 97 3.49 2.60 9.66
CA ARG A 97 4.72 2.85 10.41
C ARG A 97 5.10 4.32 10.41
N SER A 98 4.44 5.09 9.55
CA SER A 98 4.66 6.51 9.47
C SER A 98 3.91 7.21 10.60
N PHE A 99 2.83 6.59 11.04
CA PHE A 99 2.06 7.13 12.16
C PHE A 99 2.69 6.69 13.47
N ILE A 100 2.88 5.38 13.62
CA ILE A 100 3.49 4.84 14.82
C ILE A 100 4.60 3.87 14.45
N GLN A 101 5.73 4.00 15.13
CA GLN A 101 6.87 3.13 14.89
C GLN A 101 7.35 2.52 16.19
N PHE A 102 7.41 1.19 16.23
CA PHE A 102 7.87 0.48 17.40
C PHE A 102 9.09 -0.36 17.05
N LYS A 103 10.26 0.27 17.12
CA LYS A 103 11.54 -0.37 16.82
C LYS A 103 11.57 -0.94 15.40
N ASP A 104 11.65 -0.05 14.42
CA ASP A 104 11.70 -0.45 13.02
C ASP A 104 13.15 -0.70 12.61
N GLY A 105 13.96 0.35 12.66
CA GLY A 105 15.37 0.21 12.35
C GLY A 105 15.69 0.57 10.92
N ALA A 106 14.71 0.42 10.03
CA ALA A 106 14.92 0.71 8.62
C ALA A 106 14.57 2.15 8.33
N VAL A 107 15.58 2.90 7.90
CA VAL A 107 15.43 4.32 7.66
C VAL A 107 14.98 4.61 6.24
N LEU A 108 14.20 5.66 6.08
CA LEU A 108 13.75 6.08 4.76
C LEU A 108 14.86 6.82 4.03
N SER A 109 15.84 6.07 3.56
CA SER A 109 17.01 6.61 2.88
C SER A 109 17.57 5.56 1.94
N PRO A 110 18.49 5.95 1.03
CA PRO A 110 19.14 5.01 0.12
C PRO A 110 19.84 3.88 0.86
N LEU A 111 19.20 2.72 0.89
CA LEU A 111 19.76 1.54 1.53
C LEU A 111 20.28 0.59 0.46
N LYS A 112 21.57 0.72 0.14
CA LYS A 112 22.21 -0.07 -0.91
C LYS A 112 21.61 0.29 -2.28
N PRO A 113 22.12 -0.29 -3.39
CA PRO A 113 21.64 -0.02 -4.76
C PRO A 113 20.13 0.14 -4.84
N ALA A 114 19.70 1.37 -5.08
CA ALA A 114 18.29 1.69 -5.20
C ALA A 114 18.04 2.50 -6.47
N SER A 22 -6.20 -0.16 -19.56
CA SER A 22 -5.16 0.02 -20.60
C SER A 22 -4.09 -1.07 -20.48
N ASP A 23 -3.68 -1.63 -21.61
CA ASP A 23 -2.65 -2.66 -21.67
C ASP A 23 -3.18 -3.96 -21.08
N PRO A 24 -3.55 -4.92 -21.95
CA PRO A 24 -4.22 -6.17 -21.54
C PRO A 24 -3.31 -7.08 -20.71
N LYS A 25 -3.67 -7.27 -19.45
CA LYS A 25 -2.90 -8.11 -18.56
C LYS A 25 -3.72 -8.43 -17.30
N LYS A 26 -3.15 -9.24 -16.42
CA LYS A 26 -3.81 -9.56 -15.17
C LYS A 26 -3.48 -8.55 -14.09
N LYS A 27 -4.51 -7.87 -13.61
CA LYS A 27 -4.39 -6.93 -12.50
C LYS A 27 -4.10 -7.70 -11.21
N MET A 28 -4.41 -8.98 -11.23
CA MET A 28 -4.18 -9.88 -10.14
C MET A 28 -4.04 -11.29 -10.71
N CYS A 29 -2.92 -11.94 -10.43
CA CYS A 29 -2.66 -13.26 -10.98
C CYS A 29 -3.63 -14.30 -10.42
N LYS A 30 -3.37 -14.73 -9.19
CA LYS A 30 -4.24 -15.67 -8.49
C LYS A 30 -3.87 -15.66 -7.01
N GLU A 31 -4.87 -15.63 -6.15
CA GLU A 31 -4.64 -15.52 -4.73
C GLU A 31 -4.08 -16.82 -4.16
N ARG A 32 -2.76 -16.87 -4.07
CA ARG A 32 -2.06 -18.02 -3.50
C ARG A 32 -2.05 -17.95 -1.99
N ILE A 33 -2.25 -16.75 -1.46
CA ILE A 33 -2.25 -16.53 -0.02
C ILE A 33 -3.42 -15.65 0.38
N PRO A 34 -3.98 -15.87 1.58
CA PRO A 34 -5.08 -15.07 2.10
C PRO A 34 -4.60 -13.77 2.74
N GLN A 35 -5.50 -13.07 3.42
CA GLN A 35 -5.16 -11.82 4.07
C GLN A 35 -4.91 -12.03 5.55
N PRO A 36 -3.76 -11.57 6.05
CA PRO A 36 -3.50 -11.47 7.47
C PRO A 36 -4.16 -10.22 8.04
N LYS A 37 -3.51 -9.55 8.98
CA LYS A 37 -3.98 -8.26 9.42
C LYS A 37 -3.58 -7.19 8.41
N ASN A 38 -4.34 -7.11 7.31
CA ASN A 38 -4.02 -6.21 6.21
C ASN A 38 -3.94 -4.78 6.68
N THR A 39 -2.85 -4.16 6.27
CA THR A 39 -2.51 -2.81 6.65
C THR A 39 -3.57 -1.81 6.19
N VAL A 40 -4.28 -2.18 5.13
CA VAL A 40 -5.37 -1.37 4.61
C VAL A 40 -6.44 -1.16 5.67
N ALA A 41 -6.83 -2.24 6.34
CA ALA A 41 -7.82 -2.17 7.41
C ALA A 41 -7.26 -1.39 8.60
N MET A 42 -5.97 -1.58 8.85
CA MET A 42 -5.27 -0.87 9.90
C MET A 42 -5.35 0.63 9.67
N LEU A 43 -5.18 1.04 8.41
CA LEU A 43 -5.27 2.44 8.03
C LEU A 43 -6.66 3.00 8.29
N ASN A 44 -7.68 2.15 8.15
CA ASN A 44 -9.07 2.57 8.34
C ASN A 44 -9.29 2.93 9.81
N GLU A 45 -8.51 2.29 10.66
CA GLU A 45 -8.56 2.51 12.09
C GLU A 45 -7.80 3.78 12.49
N LEU A 46 -6.85 4.17 11.66
CA LEU A 46 -6.02 5.33 11.94
C LEU A 46 -6.62 6.60 11.34
N ARG A 47 -6.72 6.66 10.02
CA ARG A 47 -7.14 7.87 9.34
C ARG A 47 -8.08 7.59 8.19
N HIS A 48 -9.04 8.47 8.01
CA HIS A 48 -9.88 8.47 6.82
C HIS A 48 -9.24 9.36 5.76
N GLY A 49 -9.65 9.20 4.51
CA GLY A 49 -9.04 9.97 3.45
C GLY A 49 -7.82 9.26 2.91
N LEU A 50 -7.94 7.95 2.78
CA LEU A 50 -6.87 7.12 2.25
C LEU A 50 -7.22 6.66 0.85
N ILE A 51 -6.66 7.33 -0.15
CA ILE A 51 -6.97 7.03 -1.53
C ILE A 51 -5.88 6.18 -2.16
N TYR A 52 -6.19 4.91 -2.45
CA TYR A 52 -5.26 4.02 -3.10
C TYR A 52 -5.41 4.13 -4.61
N LYS A 53 -4.34 4.49 -5.29
CA LYS A 53 -4.37 4.60 -6.75
C LYS A 53 -3.15 3.92 -7.36
N LEU A 54 -3.35 3.20 -8.45
CA LEU A 54 -2.24 2.61 -9.18
C LEU A 54 -1.57 3.68 -10.02
N GLU A 55 -0.42 4.17 -9.57
CA GLU A 55 0.23 5.27 -10.27
C GLU A 55 1.11 4.77 -11.41
N SER A 56 1.64 3.56 -11.27
CA SER A 56 2.46 2.96 -12.31
C SER A 56 2.41 1.45 -12.22
N GLN A 57 2.36 0.80 -13.37
CA GLN A 57 2.43 -0.65 -13.43
C GLN A 57 3.48 -1.05 -14.46
N THR A 58 4.55 -1.67 -14.00
CA THR A 58 5.67 -2.02 -14.85
C THR A 58 6.22 -3.40 -14.50
N GLY A 59 6.76 -4.09 -15.48
CA GLY A 59 7.40 -5.36 -15.22
C GLY A 59 6.94 -6.43 -16.18
N PRO A 60 7.48 -7.65 -16.06
CA PRO A 60 7.09 -8.77 -16.92
C PRO A 60 5.65 -9.21 -16.64
N VAL A 61 5.09 -10.04 -17.51
CA VAL A 61 3.72 -10.51 -17.33
C VAL A 61 3.67 -11.73 -16.42
N HIS A 62 4.82 -12.35 -16.18
CA HIS A 62 4.86 -13.50 -15.28
C HIS A 62 5.00 -13.03 -13.83
N ALA A 63 5.60 -11.86 -13.65
CA ALA A 63 5.75 -11.28 -12.32
C ALA A 63 5.79 -9.76 -12.43
N PRO A 64 4.62 -9.13 -12.64
CA PRO A 64 4.54 -7.69 -12.81
C PRO A 64 4.66 -6.95 -11.49
N LEU A 65 5.10 -5.71 -11.57
CA LEU A 65 5.22 -4.88 -10.39
C LEU A 65 4.18 -3.76 -10.44
N PHE A 66 3.28 -3.79 -9.48
CA PHE A 66 2.23 -2.80 -9.39
C PHE A 66 2.60 -1.78 -8.32
N THR A 67 2.48 -0.51 -8.65
CA THR A 67 2.87 0.56 -7.73
C THR A 67 1.64 1.34 -7.31
N ILE A 68 1.17 1.05 -6.11
CA ILE A 68 -0.01 1.71 -5.57
C ILE A 68 0.41 2.84 -4.66
N SER A 69 -0.12 4.01 -4.93
CA SER A 69 0.13 5.16 -4.11
C SER A 69 -1.12 5.48 -3.29
N VAL A 70 -0.95 5.53 -1.99
CA VAL A 70 -2.05 5.89 -1.12
C VAL A 70 -1.76 7.18 -0.41
N GLU A 71 -2.61 8.15 -0.62
CA GLU A 71 -2.48 9.43 0.04
C GLU A 71 -3.40 9.44 1.25
N VAL A 72 -2.80 9.51 2.42
CA VAL A 72 -3.54 9.48 3.67
C VAL A 72 -3.23 10.72 4.49
N ASP A 73 -4.26 11.52 4.74
CA ASP A 73 -4.14 12.70 5.60
C ASP A 73 -3.23 13.75 4.95
N GLY A 74 -3.02 13.60 3.65
CA GLY A 74 -2.15 14.51 2.93
C GLY A 74 -0.84 13.87 2.52
N GLN A 75 -0.42 12.86 3.26
CA GLN A 75 0.85 12.19 3.01
C GLN A 75 0.66 11.06 2.01
N LYS A 76 1.48 11.03 0.96
CA LYS A 76 1.37 9.98 -0.05
C LYS A 76 2.38 8.87 0.25
N TYR A 77 1.87 7.68 0.49
CA TYR A 77 2.70 6.52 0.75
C TYR A 77 2.69 5.59 -0.45
N LEU A 78 3.83 4.98 -0.75
CA LEU A 78 3.94 4.13 -1.91
C LEU A 78 4.05 2.66 -1.50
N GLY A 79 3.46 1.80 -2.31
CA GLY A 79 3.55 0.36 -2.07
C GLY A 79 3.68 -0.40 -3.36
N GLN A 80 4.53 -1.42 -3.37
CA GLN A 80 4.83 -2.14 -4.59
C GLN A 80 4.58 -3.63 -4.40
N GLY A 81 3.73 -4.19 -5.24
CA GLY A 81 3.38 -5.60 -5.13
C GLY A 81 3.26 -6.26 -6.49
N ARG A 82 2.94 -7.55 -6.49
CA ARG A 82 2.86 -8.32 -7.74
C ARG A 82 1.47 -8.18 -8.36
N SER A 83 0.62 -7.43 -7.69
CA SER A 83 -0.76 -7.18 -8.13
C SER A 83 -1.28 -5.95 -7.41
N LYS A 84 -2.38 -5.39 -7.91
CA LYS A 84 -2.98 -4.20 -7.29
C LYS A 84 -3.27 -4.46 -5.81
N LYS A 85 -3.81 -5.63 -5.52
CA LYS A 85 -4.19 -6.00 -4.17
C LYS A 85 -2.98 -6.00 -3.24
N VAL A 86 -1.94 -6.68 -3.66
CA VAL A 86 -0.69 -6.73 -2.91
C VAL A 86 -0.13 -5.33 -2.70
N ALA A 87 0.01 -4.58 -3.79
CA ALA A 87 0.59 -3.24 -3.76
C ALA A 87 -0.19 -2.31 -2.84
N ARG A 88 -1.51 -2.47 -2.84
CA ARG A 88 -2.38 -1.67 -1.98
C ARG A 88 -2.02 -1.88 -0.51
N ILE A 89 -1.83 -3.13 -0.13
CA ILE A 89 -1.42 -3.49 1.22
C ILE A 89 0.00 -2.98 1.53
N GLU A 90 0.92 -3.17 0.60
CA GLU A 90 2.29 -2.69 0.77
C GLU A 90 2.32 -1.18 0.98
N ALA A 91 1.46 -0.48 0.26
CA ALA A 91 1.34 0.97 0.37
C ALA A 91 0.88 1.38 1.76
N ALA A 92 -0.15 0.70 2.24
CA ALA A 92 -0.72 0.99 3.55
C ALA A 92 0.27 0.65 4.66
N ALA A 93 1.15 -0.31 4.38
CA ALA A 93 2.20 -0.70 5.34
C ALA A 93 3.12 0.48 5.64
N THR A 94 3.53 1.18 4.59
CA THR A 94 4.36 2.37 4.74
C THR A 94 3.60 3.45 5.52
N ALA A 95 2.31 3.57 5.23
CA ALA A 95 1.47 4.55 5.90
C ALA A 95 1.48 4.34 7.40
N LEU A 96 1.20 3.11 7.82
CA LEU A 96 1.09 2.78 9.24
C LEU A 96 2.31 3.24 10.02
N ARG A 97 3.49 2.89 9.53
CA ARG A 97 4.73 3.16 10.25
C ARG A 97 5.00 4.65 10.35
N SER A 98 4.39 5.43 9.47
CA SER A 98 4.56 6.87 9.49
C SER A 98 3.68 7.50 10.57
N PHE A 99 2.55 6.85 10.86
CA PHE A 99 1.64 7.36 11.88
C PHE A 99 2.11 6.96 13.27
N ILE A 100 2.17 5.66 13.51
CA ILE A 100 2.62 5.17 14.79
C ILE A 100 3.93 4.41 14.61
N GLN A 101 4.85 4.64 15.52
CA GLN A 101 6.15 4.00 15.43
C GLN A 101 6.45 3.18 16.68
N PHE A 102 7.07 2.04 16.46
CA PHE A 102 7.46 1.16 17.54
C PHE A 102 8.87 0.66 17.27
N LYS A 103 9.63 0.44 18.33
CA LYS A 103 11.00 0.00 18.17
C LYS A 103 11.03 -1.45 17.73
N ASP A 104 11.81 -1.70 16.68
CA ASP A 104 11.85 -3.00 16.01
C ASP A 104 10.51 -3.31 15.35
N GLY A 105 9.70 -2.28 15.15
CA GLY A 105 8.48 -2.42 14.37
C GLY A 105 8.78 -2.23 12.90
N ALA A 106 9.80 -2.92 12.44
CA ALA A 106 10.34 -2.73 11.11
C ALA A 106 9.47 -3.38 10.05
N VAL A 107 9.46 -2.78 8.86
CA VAL A 107 8.72 -3.30 7.73
C VAL A 107 9.68 -3.87 6.69
N LEU A 108 9.30 -4.95 6.06
CA LEU A 108 10.11 -5.56 5.02
C LEU A 108 9.33 -5.67 3.73
N SER A 109 9.26 -4.58 2.99
CA SER A 109 8.56 -4.54 1.72
C SER A 109 9.56 -4.51 0.57
N PRO A 110 9.19 -5.06 -0.60
CA PRO A 110 10.07 -5.11 -1.78
C PRO A 110 10.21 -3.77 -2.49
N LEU A 111 10.59 -2.75 -1.72
CA LEU A 111 10.78 -1.42 -2.25
C LEU A 111 12.01 -1.38 -3.16
N LYS A 112 13.03 -2.14 -2.81
CA LYS A 112 14.22 -2.22 -3.62
C LYS A 112 14.64 -3.69 -3.74
N PRO A 113 14.08 -4.40 -4.73
CA PRO A 113 14.41 -5.80 -4.98
C PRO A 113 15.72 -5.94 -5.75
N ALA A 114 15.70 -5.59 -7.03
CA ALA A 114 16.88 -5.70 -7.88
C ALA A 114 16.98 -4.49 -8.78
N SER A 22 -7.64 0.72 -14.37
CA SER A 22 -8.95 0.07 -14.61
C SER A 22 -9.41 -0.69 -13.38
N ASP A 23 -8.87 -0.34 -12.22
CA ASP A 23 -9.30 -0.94 -10.97
C ASP A 23 -9.53 0.16 -9.93
N PRO A 24 -10.78 0.37 -9.52
CA PRO A 24 -11.11 1.38 -8.53
C PRO A 24 -10.87 0.88 -7.10
N LYS A 25 -10.57 -0.42 -7.00
CA LYS A 25 -10.37 -1.10 -5.72
C LYS A 25 -11.66 -1.19 -4.91
N LYS A 26 -12.73 -0.60 -5.44
CA LYS A 26 -14.01 -0.59 -4.76
C LYS A 26 -14.56 -2.00 -4.68
N LYS A 27 -14.64 -2.52 -3.44
CA LYS A 27 -15.16 -3.86 -3.16
C LYS A 27 -14.19 -4.95 -3.63
N MET A 28 -13.24 -4.58 -4.47
CA MET A 28 -12.23 -5.51 -4.96
C MET A 28 -11.05 -5.57 -3.98
N CYS A 29 -11.34 -6.05 -2.78
CA CYS A 29 -10.34 -6.14 -1.73
C CYS A 29 -10.54 -7.44 -0.95
N LYS A 30 -9.74 -7.63 0.09
CA LYS A 30 -9.78 -8.86 0.87
C LYS A 30 -10.18 -8.55 2.30
N GLU A 31 -10.98 -7.51 2.47
CA GLU A 31 -11.37 -7.05 3.80
C GLU A 31 -12.58 -7.83 4.30
N ARG A 32 -12.76 -9.05 3.79
CA ARG A 32 -13.91 -9.88 4.10
C ARG A 32 -13.79 -10.47 5.50
N ILE A 33 -12.57 -10.52 6.01
CA ILE A 33 -12.29 -11.21 7.26
C ILE A 33 -12.39 -10.26 8.45
N PRO A 34 -12.97 -10.74 9.56
CA PRO A 34 -13.15 -9.96 10.80
C PRO A 34 -11.81 -9.56 11.42
N GLN A 35 -10.77 -10.34 11.12
CA GLN A 35 -9.43 -10.01 11.57
C GLN A 35 -8.60 -9.55 10.38
N PRO A 36 -8.38 -8.23 10.28
CA PRO A 36 -7.68 -7.61 9.15
C PRO A 36 -6.28 -8.18 8.91
N LYS A 37 -6.09 -8.81 7.76
CA LYS A 37 -4.78 -9.32 7.36
C LYS A 37 -4.03 -8.30 6.52
N ASN A 38 -4.64 -7.15 6.32
CA ASN A 38 -4.02 -6.11 5.51
C ASN A 38 -3.89 -4.82 6.29
N THR A 39 -2.81 -4.12 6.00
CA THR A 39 -2.54 -2.84 6.60
C THR A 39 -3.55 -1.79 6.12
N VAL A 40 -4.30 -2.13 5.09
CA VAL A 40 -5.30 -1.25 4.53
C VAL A 40 -6.46 -1.05 5.51
N ALA A 41 -6.95 -2.16 6.05
CA ALA A 41 -7.99 -2.09 7.06
C ALA A 41 -7.48 -1.37 8.30
N MET A 42 -6.22 -1.63 8.63
CA MET A 42 -5.55 -0.94 9.74
C MET A 42 -5.56 0.57 9.52
N LEU A 43 -5.34 0.98 8.28
CA LEU A 43 -5.34 2.40 7.93
C LEU A 43 -6.71 3.03 8.15
N ASN A 44 -7.77 2.26 7.91
CA ASN A 44 -9.14 2.77 8.06
C ASN A 44 -9.45 2.99 9.53
N GLU A 45 -8.70 2.31 10.38
CA GLU A 45 -8.83 2.47 11.81
C GLU A 45 -8.13 3.74 12.28
N LEU A 46 -7.07 4.10 11.59
CA LEU A 46 -6.24 5.23 11.99
C LEU A 46 -6.72 6.54 11.34
N ARG A 47 -6.90 6.52 10.03
CA ARG A 47 -7.24 7.72 9.30
C ARG A 47 -8.31 7.45 8.25
N HIS A 48 -8.93 8.51 7.76
CA HIS A 48 -9.87 8.42 6.67
C HIS A 48 -9.45 9.37 5.55
N GLY A 49 -10.03 9.24 4.38
CA GLY A 49 -9.63 10.06 3.26
C GLY A 49 -8.44 9.45 2.54
N LEU A 50 -8.31 8.14 2.66
CA LEU A 50 -7.21 7.42 2.03
C LEU A 50 -7.65 6.87 0.68
N ILE A 51 -6.99 7.32 -0.37
CA ILE A 51 -7.33 6.89 -1.72
C ILE A 51 -6.19 6.07 -2.33
N TYR A 52 -6.44 4.80 -2.59
CA TYR A 52 -5.46 3.93 -3.21
C TYR A 52 -5.59 4.00 -4.72
N LYS A 53 -4.51 4.34 -5.38
CA LYS A 53 -4.50 4.46 -6.83
C LYS A 53 -3.26 3.81 -7.42
N LEU A 54 -3.45 3.05 -8.50
CA LEU A 54 -2.35 2.48 -9.24
C LEU A 54 -1.69 3.56 -10.08
N GLU A 55 -0.55 4.06 -9.63
CA GLU A 55 0.10 5.17 -10.33
C GLU A 55 1.12 4.67 -11.34
N SER A 56 1.61 3.45 -11.16
CA SER A 56 2.60 2.89 -12.07
C SER A 56 2.47 1.38 -12.13
N GLN A 57 2.71 0.83 -13.31
CA GLN A 57 2.68 -0.61 -13.52
C GLN A 57 3.71 -1.00 -14.56
N THR A 58 4.65 -1.85 -14.16
CA THR A 58 5.72 -2.30 -15.05
C THR A 58 6.13 -3.73 -14.72
N GLY A 59 6.68 -4.42 -15.71
CA GLY A 59 7.17 -5.76 -15.48
C GLY A 59 6.48 -6.79 -16.35
N PRO A 60 6.93 -8.06 -16.28
CA PRO A 60 6.34 -9.16 -17.06
C PRO A 60 4.98 -9.56 -16.50
N VAL A 61 4.12 -10.11 -17.34
CA VAL A 61 2.76 -10.46 -16.91
C VAL A 61 2.76 -11.62 -15.91
N HIS A 62 3.83 -12.42 -15.90
CA HIS A 62 3.92 -13.54 -14.97
C HIS A 62 4.30 -13.06 -13.56
N ALA A 63 5.10 -12.00 -13.51
CA ALA A 63 5.53 -11.44 -12.23
C ALA A 63 5.72 -9.93 -12.35
N PRO A 64 4.63 -9.18 -12.46
CA PRO A 64 4.67 -7.74 -12.66
C PRO A 64 4.90 -6.98 -11.38
N LEU A 65 5.27 -5.72 -11.52
CA LEU A 65 5.44 -4.84 -10.39
C LEU A 65 4.36 -3.76 -10.45
N PHE A 66 3.53 -3.72 -9.42
CA PHE A 66 2.46 -2.77 -9.31
C PHE A 66 2.81 -1.71 -8.28
N THR A 67 2.57 -0.45 -8.62
CA THR A 67 2.89 0.64 -7.73
C THR A 67 1.63 1.39 -7.32
N ILE A 68 1.15 1.11 -6.12
CA ILE A 68 -0.04 1.74 -5.60
C ILE A 68 0.36 2.87 -4.67
N SER A 69 -0.21 4.04 -4.89
CA SER A 69 -0.01 5.15 -3.99
C SER A 69 -1.27 5.43 -3.21
N VAL A 70 -1.11 5.83 -1.96
CA VAL A 70 -2.23 6.20 -1.15
C VAL A 70 -1.91 7.46 -0.35
N GLU A 71 -2.76 8.46 -0.49
CA GLU A 71 -2.60 9.68 0.25
C GLU A 71 -3.43 9.62 1.52
N VAL A 72 -2.74 9.62 2.65
CA VAL A 72 -3.39 9.46 3.94
C VAL A 72 -3.06 10.64 4.83
N ASP A 73 -4.09 11.39 5.19
CA ASP A 73 -3.96 12.54 6.07
C ASP A 73 -3.08 13.61 5.43
N GLY A 74 -2.97 13.56 4.11
CA GLY A 74 -2.17 14.54 3.40
C GLY A 74 -0.86 13.95 2.88
N GLN A 75 -0.36 12.95 3.56
CA GLN A 75 0.89 12.31 3.18
C GLN A 75 0.66 11.22 2.15
N LYS A 76 1.39 11.27 1.06
CA LYS A 76 1.23 10.32 -0.02
C LYS A 76 2.26 9.20 0.11
N TYR A 77 1.78 8.02 0.45
CA TYR A 77 2.65 6.87 0.64
C TYR A 77 2.67 6.02 -0.61
N LEU A 78 3.63 5.11 -0.72
CA LEU A 78 3.78 4.29 -1.91
C LEU A 78 4.00 2.82 -1.52
N GLY A 79 3.46 1.93 -2.33
CA GLY A 79 3.67 0.51 -2.12
C GLY A 79 3.83 -0.24 -3.41
N GLN A 80 4.81 -1.13 -3.46
CA GLN A 80 5.11 -1.85 -4.69
C GLN A 80 5.00 -3.36 -4.47
N GLY A 81 4.10 -3.98 -5.22
CA GLY A 81 3.87 -5.41 -5.06
C GLY A 81 3.75 -6.12 -6.39
N ARG A 82 3.64 -7.44 -6.35
CA ARG A 82 3.55 -8.25 -7.56
C ARG A 82 2.12 -8.32 -8.08
N SER A 83 1.25 -7.57 -7.44
CA SER A 83 -0.16 -7.53 -7.81
C SER A 83 -0.76 -6.24 -7.25
N LYS A 84 -1.91 -5.85 -7.79
CA LYS A 84 -2.61 -4.66 -7.32
C LYS A 84 -2.96 -4.80 -5.84
N LYS A 85 -3.32 -6.02 -5.47
CA LYS A 85 -3.65 -6.36 -4.08
C LYS A 85 -2.44 -6.17 -3.17
N VAL A 86 -1.29 -6.67 -3.61
CA VAL A 86 -0.07 -6.57 -2.84
C VAL A 86 0.34 -5.11 -2.66
N ALA A 87 0.44 -4.40 -3.78
CA ALA A 87 0.90 -3.03 -3.78
C ALA A 87 0.04 -2.14 -2.90
N ARG A 88 -1.27 -2.38 -2.93
CA ARG A 88 -2.21 -1.63 -2.11
C ARG A 88 -1.86 -1.77 -0.63
N ILE A 89 -1.56 -2.99 -0.23
CA ILE A 89 -1.18 -3.29 1.14
C ILE A 89 0.18 -2.70 1.49
N GLU A 90 1.16 -2.87 0.61
CA GLU A 90 2.49 -2.32 0.83
C GLU A 90 2.44 -0.81 1.00
N ALA A 91 1.55 -0.16 0.28
CA ALA A 91 1.36 1.28 0.39
C ALA A 91 0.85 1.63 1.78
N ALA A 92 -0.10 0.85 2.27
CA ALA A 92 -0.69 1.08 3.58
C ALA A 92 0.31 0.77 4.69
N ALA A 93 1.22 -0.16 4.43
CA ALA A 93 2.26 -0.52 5.39
C ALA A 93 3.15 0.67 5.68
N THR A 94 3.56 1.35 4.62
CA THR A 94 4.37 2.57 4.74
C THR A 94 3.62 3.62 5.54
N ALA A 95 2.30 3.68 5.35
CA ALA A 95 1.45 4.64 6.05
C ALA A 95 1.42 4.35 7.54
N LEU A 96 1.20 3.09 7.91
CA LEU A 96 1.10 2.71 9.30
C LEU A 96 2.36 3.07 10.08
N ARG A 97 3.51 2.73 9.51
CA ARG A 97 4.79 2.97 10.19
C ARG A 97 5.07 4.47 10.28
N SER A 98 4.40 5.24 9.44
CA SER A 98 4.53 6.69 9.46
C SER A 98 3.80 7.26 10.68
N PHE A 99 2.75 6.59 11.10
CA PHE A 99 1.98 7.03 12.26
C PHE A 99 2.60 6.50 13.55
N ILE A 100 2.72 5.17 13.65
CA ILE A 100 3.23 4.56 14.85
C ILE A 100 4.40 3.62 14.53
N GLN A 101 5.43 3.69 15.35
CA GLN A 101 6.56 2.79 15.22
C GLN A 101 7.14 2.46 16.59
N PHE A 102 7.43 1.19 16.78
CA PHE A 102 8.06 0.71 18.00
C PHE A 102 9.39 0.06 17.65
N LYS A 103 9.88 0.42 16.47
CA LYS A 103 11.08 -0.19 15.91
C LYS A 103 11.71 0.79 14.93
N ASP A 104 12.89 0.45 14.42
CA ASP A 104 13.53 1.22 13.35
C ASP A 104 12.60 1.25 12.14
N GLY A 105 12.05 0.08 11.82
CA GLY A 105 11.05 -0.03 10.76
C GLY A 105 11.64 0.14 9.38
N ALA A 106 12.95 0.19 9.28
CA ALA A 106 13.61 0.40 8.00
C ALA A 106 14.90 -0.39 7.92
N VAL A 107 15.36 -0.63 6.70
CA VAL A 107 16.64 -1.26 6.45
C VAL A 107 17.46 -0.36 5.54
N LEU A 108 18.68 -0.04 5.96
CA LEU A 108 19.52 0.88 5.20
C LEU A 108 20.31 0.16 4.12
N SER A 109 19.65 -0.04 3.00
CA SER A 109 20.27 -0.62 1.83
C SER A 109 20.50 0.47 0.79
N PRO A 110 21.34 0.23 -0.23
CA PRO A 110 21.56 1.18 -1.31
C PRO A 110 20.33 1.31 -2.21
N LEU A 111 19.29 1.93 -1.68
CA LEU A 111 18.04 2.11 -2.41
C LEU A 111 18.05 3.42 -3.16
N LYS A 112 18.92 4.34 -2.73
CA LYS A 112 19.14 5.58 -3.45
C LYS A 112 20.45 5.47 -4.23
N PRO A 113 20.37 5.26 -5.55
CA PRO A 113 21.54 5.06 -6.39
C PRO A 113 22.20 6.37 -6.75
N ALA A 114 23.28 6.70 -6.05
CA ALA A 114 24.03 7.90 -6.34
C ALA A 114 25.53 7.59 -6.29
N SER A 22 11.92 -11.44 -22.14
CA SER A 22 10.50 -11.12 -21.90
C SER A 22 9.66 -11.47 -23.11
N ASP A 23 9.00 -12.62 -23.05
CA ASP A 23 8.18 -13.09 -24.15
C ASP A 23 6.71 -13.03 -23.76
N PRO A 24 5.79 -13.12 -24.74
CA PRO A 24 4.34 -13.09 -24.50
C PRO A 24 3.83 -14.38 -23.86
N LYS A 25 4.60 -14.94 -22.95
CA LYS A 25 4.22 -16.16 -22.25
C LYS A 25 3.23 -15.84 -21.13
N LYS A 26 1.99 -15.59 -21.52
CA LYS A 26 0.95 -15.26 -20.57
C LYS A 26 0.56 -16.49 -19.77
N LYS A 27 0.71 -16.40 -18.45
CA LYS A 27 0.42 -17.52 -17.58
C LYS A 27 -0.90 -17.28 -16.85
N MET A 28 -1.81 -18.24 -16.96
CA MET A 28 -3.10 -18.14 -16.29
C MET A 28 -3.28 -19.31 -15.34
N CYS A 29 -3.68 -19.03 -14.12
CA CYS A 29 -3.91 -20.04 -13.11
C CYS A 29 -4.72 -19.44 -11.97
N LYS A 30 -5.26 -20.27 -11.11
CA LYS A 30 -6.05 -19.79 -9.98
C LYS A 30 -5.46 -20.26 -8.65
N GLU A 31 -5.25 -19.32 -7.76
CA GLU A 31 -4.78 -19.62 -6.41
C GLU A 31 -5.64 -18.87 -5.40
N ARG A 32 -5.37 -19.07 -4.12
CA ARG A 32 -6.13 -18.40 -3.08
C ARG A 32 -5.46 -17.08 -2.69
N ILE A 33 -6.25 -16.01 -2.70
CA ILE A 33 -5.77 -14.70 -2.32
C ILE A 33 -6.48 -14.26 -1.04
N PRO A 34 -5.87 -14.52 0.12
CA PRO A 34 -6.46 -14.19 1.41
C PRO A 34 -6.03 -12.82 1.95
N GLN A 35 -6.87 -12.25 2.80
CA GLN A 35 -6.54 -11.01 3.49
C GLN A 35 -6.99 -11.08 4.94
N PRO A 36 -6.13 -11.59 5.83
CA PRO A 36 -6.43 -11.68 7.26
C PRO A 36 -6.47 -10.30 7.91
N LYS A 37 -5.30 -9.68 8.03
CA LYS A 37 -5.20 -8.32 8.51
C LYS A 37 -4.31 -7.52 7.58
N ASN A 38 -4.92 -6.97 6.54
CA ASN A 38 -4.21 -6.15 5.59
C ASN A 38 -4.09 -4.73 6.11
N THR A 39 -2.94 -4.14 5.85
CA THR A 39 -2.64 -2.77 6.27
C THR A 39 -3.68 -1.79 5.74
N VAL A 40 -4.28 -2.16 4.60
CA VAL A 40 -5.36 -1.38 4.00
C VAL A 40 -6.52 -1.21 4.99
N ALA A 41 -6.90 -2.32 5.62
CA ALA A 41 -7.96 -2.29 6.62
C ALA A 41 -7.49 -1.53 7.85
N MET A 42 -6.24 -1.75 8.22
CA MET A 42 -5.62 -1.06 9.36
C MET A 42 -5.70 0.45 9.19
N LEU A 43 -5.42 0.92 7.99
CA LEU A 43 -5.47 2.35 7.69
C LEU A 43 -6.88 2.89 7.86
N ASN A 44 -7.88 2.07 7.53
CA ASN A 44 -9.28 2.46 7.68
C ASN A 44 -9.66 2.48 9.14
N GLU A 45 -8.84 1.84 9.97
CA GLU A 45 -9.07 1.81 11.40
C GLU A 45 -8.33 2.96 12.08
N LEU A 46 -7.39 3.54 11.36
CA LEU A 46 -6.59 4.65 11.89
C LEU A 46 -7.07 5.98 11.36
N ARG A 47 -6.85 6.21 10.08
CA ARG A 47 -7.12 7.50 9.48
C ARG A 47 -7.91 7.34 8.18
N HIS A 48 -9.18 7.73 8.21
CA HIS A 48 -9.98 7.68 7.00
C HIS A 48 -9.70 8.91 6.16
N GLY A 49 -10.02 8.84 4.88
CA GLY A 49 -9.56 9.84 3.94
C GLY A 49 -8.36 9.35 3.19
N LEU A 50 -8.26 8.02 3.11
CA LEU A 50 -7.17 7.35 2.44
C LEU A 50 -7.58 6.96 1.03
N ILE A 51 -6.90 7.52 0.04
CA ILE A 51 -7.21 7.21 -1.34
C ILE A 51 -6.09 6.43 -1.99
N TYR A 52 -6.31 5.14 -2.20
CA TYR A 52 -5.36 4.30 -2.92
C TYR A 52 -5.59 4.46 -4.42
N LYS A 53 -4.52 4.50 -5.18
CA LYS A 53 -4.62 4.58 -6.62
C LYS A 53 -3.40 3.92 -7.26
N LEU A 54 -3.58 3.39 -8.46
CA LEU A 54 -2.49 2.76 -9.17
C LEU A 54 -1.80 3.79 -10.05
N GLU A 55 -0.61 4.22 -9.65
CA GLU A 55 0.07 5.28 -10.38
C GLU A 55 0.94 4.70 -11.49
N SER A 56 1.37 3.45 -11.34
CA SER A 56 2.20 2.81 -12.35
C SER A 56 2.09 1.29 -12.27
N GLN A 57 2.27 0.63 -13.41
CA GLN A 57 2.30 -0.82 -13.47
C GLN A 57 3.33 -1.27 -14.50
N THR A 58 4.35 -1.98 -14.06
CA THR A 58 5.43 -2.39 -14.94
C THR A 58 5.98 -3.75 -14.54
N GLY A 59 6.32 -4.57 -15.52
CA GLY A 59 6.95 -5.85 -15.22
C GLY A 59 6.47 -6.96 -16.13
N PRO A 60 7.06 -8.16 -15.98
CA PRO A 60 6.65 -9.35 -16.73
C PRO A 60 5.30 -9.87 -16.25
N VAL A 61 4.74 -10.83 -16.97
CA VAL A 61 3.44 -11.37 -16.61
C VAL A 61 3.54 -12.41 -15.50
N HIS A 62 4.73 -12.96 -15.30
CA HIS A 62 4.94 -13.95 -14.25
C HIS A 62 5.19 -13.27 -12.90
N ALA A 63 5.75 -12.07 -12.96
CA ALA A 63 6.00 -11.28 -11.76
C ALA A 63 5.95 -9.79 -12.06
N PRO A 64 4.74 -9.26 -12.25
CA PRO A 64 4.56 -7.84 -12.55
C PRO A 64 4.67 -6.99 -11.29
N LEU A 65 5.00 -5.73 -11.46
CA LEU A 65 5.07 -4.82 -10.34
C LEU A 65 3.96 -3.79 -10.45
N PHE A 66 3.27 -3.58 -9.35
CA PHE A 66 2.21 -2.60 -9.28
C PHE A 66 2.59 -1.54 -8.27
N THR A 67 2.31 -0.30 -8.60
CA THR A 67 2.69 0.81 -7.75
C THR A 67 1.46 1.59 -7.31
N ILE A 68 1.07 1.37 -6.07
CA ILE A 68 -0.12 2.00 -5.50
C ILE A 68 0.28 3.17 -4.62
N SER A 69 -0.37 4.29 -4.84
CA SER A 69 -0.12 5.49 -4.07
C SER A 69 -1.34 5.83 -3.21
N VAL A 70 -1.19 5.74 -1.90
CA VAL A 70 -2.25 6.11 -0.98
C VAL A 70 -1.91 7.41 -0.30
N GLU A 71 -2.83 8.36 -0.36
CA GLU A 71 -2.59 9.65 0.25
C GLU A 71 -3.36 9.78 1.54
N VAL A 72 -2.63 9.85 2.63
CA VAL A 72 -3.22 9.92 3.96
C VAL A 72 -2.69 11.12 4.70
N ASP A 73 -3.62 11.94 5.18
CA ASP A 73 -3.30 13.14 5.94
C ASP A 73 -2.40 14.08 5.15
N GLY A 74 -2.54 14.06 3.83
CA GLY A 74 -1.73 14.91 2.98
C GLY A 74 -0.35 14.33 2.74
N GLN A 75 -0.19 13.05 3.03
CA GLN A 75 1.06 12.34 2.78
C GLN A 75 0.83 11.18 1.85
N LYS A 76 1.51 11.20 0.72
CA LYS A 76 1.36 10.17 -0.27
C LYS A 76 2.36 9.03 -0.03
N TYR A 77 1.84 7.91 0.44
CA TYR A 77 2.66 6.75 0.72
C TYR A 77 2.62 5.80 -0.46
N LEU A 78 3.79 5.32 -0.86
CA LEU A 78 3.89 4.45 -2.02
C LEU A 78 4.08 3.00 -1.61
N GLY A 79 3.49 2.10 -2.38
CA GLY A 79 3.67 0.68 -2.16
C GLY A 79 3.80 -0.06 -3.46
N GLN A 80 4.82 -0.89 -3.57
CA GLN A 80 5.08 -1.60 -4.82
C GLN A 80 5.01 -3.11 -4.58
N GLY A 81 4.06 -3.75 -5.25
CA GLY A 81 3.85 -5.17 -5.05
C GLY A 81 3.69 -5.91 -6.35
N ARG A 82 3.33 -7.19 -6.28
CA ARG A 82 3.24 -8.03 -7.48
C ARG A 82 1.85 -7.95 -8.10
N SER A 83 0.96 -7.23 -7.43
CA SER A 83 -0.43 -7.10 -7.85
C SER A 83 -1.05 -5.87 -7.20
N LYS A 84 -2.24 -5.48 -7.63
CA LYS A 84 -2.93 -4.32 -7.05
C LYS A 84 -3.11 -4.54 -5.56
N LYS A 85 -3.51 -5.75 -5.20
CA LYS A 85 -3.79 -6.11 -3.83
C LYS A 85 -2.52 -6.01 -2.99
N VAL A 86 -1.44 -6.58 -3.50
CA VAL A 86 -0.16 -6.55 -2.81
C VAL A 86 0.34 -5.12 -2.67
N ALA A 87 0.34 -4.38 -3.78
CA ALA A 87 0.86 -3.02 -3.81
C ALA A 87 0.06 -2.10 -2.89
N ARG A 88 -1.25 -2.29 -2.87
CA ARG A 88 -2.13 -1.49 -2.03
C ARG A 88 -1.80 -1.71 -0.56
N ILE A 89 -1.53 -2.96 -0.20
CA ILE A 89 -1.08 -3.30 1.14
C ILE A 89 0.26 -2.64 1.46
N GLU A 90 1.21 -2.78 0.55
CA GLU A 90 2.53 -2.19 0.72
C GLU A 90 2.45 -0.67 0.90
N ALA A 91 1.53 -0.05 0.18
CA ALA A 91 1.31 1.39 0.31
C ALA A 91 0.82 1.74 1.70
N ALA A 92 -0.20 1.02 2.15
CA ALA A 92 -0.78 1.25 3.46
C ALA A 92 0.21 0.93 4.57
N ALA A 93 1.09 -0.03 4.32
CA ALA A 93 2.11 -0.41 5.28
C ALA A 93 3.04 0.76 5.55
N THR A 94 3.43 1.45 4.48
CA THR A 94 4.26 2.64 4.60
C THR A 94 3.56 3.71 5.45
N ALA A 95 2.26 3.84 5.24
CA ALA A 95 1.46 4.79 6.01
C ALA A 95 1.46 4.42 7.50
N LEU A 96 1.16 3.16 7.79
CA LEU A 96 1.08 2.68 9.17
C LEU A 96 2.39 2.92 9.90
N ARG A 97 3.49 2.50 9.29
CA ARG A 97 4.81 2.57 9.93
C ARG A 97 5.28 4.01 10.06
N SER A 98 4.61 4.92 9.35
CA SER A 98 4.94 6.33 9.43
C SER A 98 4.19 6.96 10.61
N PHE A 99 3.05 6.36 10.97
CA PHE A 99 2.26 6.82 12.09
C PHE A 99 2.86 6.32 13.40
N ILE A 100 2.98 5.00 13.49
CA ILE A 100 3.43 4.36 14.72
C ILE A 100 4.49 3.31 14.43
N GLN A 101 5.41 3.16 15.38
CA GLN A 101 6.43 2.12 15.33
C GLN A 101 6.88 1.78 16.75
N PHE A 102 6.85 0.50 17.05
CA PHE A 102 7.30 0.01 18.35
C PHE A 102 8.79 -0.27 18.27
N LYS A 103 9.28 -0.33 17.03
CA LYS A 103 10.69 -0.46 16.75
C LYS A 103 11.20 0.85 16.16
N ASP A 104 12.38 0.83 15.58
CA ASP A 104 12.91 2.01 14.91
C ASP A 104 12.21 2.21 13.58
N GLY A 105 11.85 1.08 12.96
CA GLY A 105 11.19 1.13 11.68
C GLY A 105 12.16 1.42 10.55
N ALA A 106 13.45 1.26 10.85
CA ALA A 106 14.49 1.54 9.89
C ALA A 106 15.11 0.24 9.40
N VAL A 107 15.37 0.19 8.10
CA VAL A 107 15.98 -0.98 7.50
C VAL A 107 17.42 -0.67 7.12
N LEU A 108 18.38 -1.23 7.86
CA LEU A 108 19.78 -0.98 7.57
C LEU A 108 20.27 -1.92 6.48
N SER A 109 19.95 -1.57 5.24
CA SER A 109 20.37 -2.32 4.09
C SER A 109 20.42 -1.39 2.88
N PRO A 110 21.43 -1.56 2.01
CA PRO A 110 21.54 -0.76 0.78
C PRO A 110 20.35 -0.96 -0.13
N LEU A 111 19.48 0.03 -0.18
CA LEU A 111 18.28 -0.06 -0.98
C LEU A 111 18.44 0.74 -2.27
N LYS A 112 17.59 0.45 -3.23
CA LYS A 112 17.66 1.12 -4.52
C LYS A 112 16.57 2.18 -4.61
N PRO A 113 16.87 3.33 -5.24
CA PRO A 113 15.90 4.40 -5.40
C PRO A 113 14.97 4.17 -6.58
N ALA A 114 14.15 5.16 -6.88
CA ALA A 114 13.25 5.09 -8.02
C ALA A 114 13.83 5.89 -9.18
N SER A 22 -32.97 10.45 13.81
CA SER A 22 -31.55 10.71 14.16
C SER A 22 -30.74 9.42 14.11
N ASP A 23 -30.20 9.11 12.94
CA ASP A 23 -29.36 7.92 12.76
C ASP A 23 -28.77 7.89 11.36
N PRO A 24 -27.48 8.24 11.24
CA PRO A 24 -26.77 8.24 9.98
C PRO A 24 -26.07 6.90 9.71
N LYS A 25 -26.44 6.24 8.63
CA LYS A 25 -25.87 4.95 8.27
C LYS A 25 -25.23 5.02 6.88
N LYS A 26 -24.16 4.26 6.70
CA LYS A 26 -23.52 4.18 5.40
C LYS A 26 -24.18 3.12 4.55
N LYS A 27 -25.25 3.49 3.87
CA LYS A 27 -25.99 2.57 3.03
C LYS A 27 -25.24 2.32 1.72
N MET A 28 -24.98 1.06 1.43
CA MET A 28 -24.21 0.64 0.24
C MET A 28 -22.73 0.99 0.38
N CYS A 29 -22.44 2.04 1.15
CA CYS A 29 -21.07 2.46 1.42
C CYS A 29 -20.49 1.61 2.55
N LYS A 30 -20.58 0.30 2.38
CA LYS A 30 -20.10 -0.63 3.38
C LYS A 30 -18.86 -1.35 2.86
N GLU A 31 -17.71 -0.88 3.31
CA GLU A 31 -16.43 -1.46 2.94
C GLU A 31 -16.38 -2.96 3.25
N ARG A 32 -16.90 -3.31 4.43
CA ARG A 32 -17.02 -4.71 4.85
C ARG A 32 -15.68 -5.43 4.78
N ILE A 33 -14.88 -5.31 5.82
CA ILE A 33 -13.59 -5.98 5.88
C ILE A 33 -13.59 -7.03 6.99
N PRO A 34 -13.93 -8.28 6.65
CA PRO A 34 -13.85 -9.40 7.57
C PRO A 34 -12.41 -9.92 7.70
N GLN A 35 -11.98 -10.15 8.94
CA GLN A 35 -10.62 -10.59 9.22
C GLN A 35 -9.60 -9.56 8.73
N PRO A 36 -9.45 -8.46 9.49
CA PRO A 36 -8.59 -7.34 9.10
C PRO A 36 -7.10 -7.65 9.24
N LYS A 37 -6.61 -8.58 8.43
CA LYS A 37 -5.19 -8.92 8.42
C LYS A 37 -4.47 -8.13 7.34
N ASN A 38 -5.18 -7.19 6.75
CA ASN A 38 -4.61 -6.28 5.76
C ASN A 38 -4.45 -4.89 6.35
N THR A 39 -3.35 -4.27 6.00
CA THR A 39 -3.00 -2.96 6.50
C THR A 39 -4.01 -1.90 6.07
N VAL A 40 -4.72 -2.20 4.98
CA VAL A 40 -5.76 -1.33 4.46
C VAL A 40 -6.84 -1.09 5.50
N ALA A 41 -7.19 -2.15 6.22
CA ALA A 41 -8.17 -2.06 7.29
C ALA A 41 -7.60 -1.30 8.46
N MET A 42 -6.32 -1.55 8.75
CA MET A 42 -5.60 -0.88 9.82
C MET A 42 -5.60 0.63 9.60
N LEU A 43 -5.34 1.03 8.36
CA LEU A 43 -5.29 2.44 8.00
C LEU A 43 -6.63 3.11 8.27
N ASN A 44 -7.73 2.40 8.02
CA ASN A 44 -9.07 2.93 8.26
C ASN A 44 -9.29 3.16 9.75
N GLU A 45 -8.59 2.41 10.58
CA GLU A 45 -8.70 2.54 12.01
C GLU A 45 -7.87 3.72 12.51
N LEU A 46 -6.86 4.10 11.74
CA LEU A 46 -5.93 5.15 12.16
C LEU A 46 -6.29 6.49 11.55
N ARG A 47 -6.47 6.52 10.24
CA ARG A 47 -6.67 7.76 9.53
C ARG A 47 -7.89 7.67 8.60
N HIS A 48 -8.24 8.80 7.99
CA HIS A 48 -9.32 8.83 7.02
C HIS A 48 -8.84 9.49 5.73
N GLY A 49 -9.63 9.35 4.67
CA GLY A 49 -9.28 9.95 3.39
C GLY A 49 -8.19 9.19 2.67
N LEU A 50 -8.12 7.89 2.93
CA LEU A 50 -7.10 7.05 2.32
C LEU A 50 -7.55 6.55 0.94
N ILE A 51 -7.08 7.22 -0.09
CA ILE A 51 -7.42 6.88 -1.47
C ILE A 51 -6.32 6.04 -2.10
N TYR A 52 -6.64 4.79 -2.43
CA TYR A 52 -5.69 3.90 -3.09
C TYR A 52 -5.88 3.96 -4.60
N LYS A 53 -4.83 4.35 -5.30
CA LYS A 53 -4.89 4.41 -6.75
C LYS A 53 -3.64 3.78 -7.37
N LEU A 54 -3.84 3.05 -8.46
CA LEU A 54 -2.72 2.48 -9.19
C LEU A 54 -2.07 3.55 -10.06
N GLU A 55 -0.98 4.13 -9.58
CA GLU A 55 -0.35 5.23 -10.30
C GLU A 55 0.59 4.73 -11.38
N SER A 56 1.10 3.51 -11.23
CA SER A 56 1.97 2.91 -12.22
C SER A 56 1.98 1.39 -12.11
N GLN A 57 2.08 0.73 -13.24
CA GLN A 57 2.24 -0.72 -13.28
C GLN A 57 3.36 -1.06 -14.25
N THR A 58 4.47 -1.55 -13.71
CA THR A 58 5.65 -1.84 -14.51
C THR A 58 6.37 -3.07 -13.99
N GLY A 59 6.67 -4.00 -14.88
CA GLY A 59 7.38 -5.20 -14.49
C GLY A 59 7.29 -6.29 -15.54
N PRO A 60 7.96 -7.43 -15.32
CA PRO A 60 7.92 -8.56 -16.24
C PRO A 60 6.55 -9.25 -16.23
N VAL A 61 6.31 -10.10 -17.22
CA VAL A 61 5.03 -10.79 -17.33
C VAL A 61 4.92 -11.93 -16.32
N HIS A 62 6.06 -12.49 -15.90
CA HIS A 62 6.07 -13.60 -14.96
C HIS A 62 5.88 -13.10 -13.52
N ALA A 63 6.31 -11.87 -13.27
CA ALA A 63 6.17 -11.26 -11.95
C ALA A 63 5.99 -9.75 -12.07
N PRO A 64 4.82 -9.30 -12.55
CA PRO A 64 4.56 -7.88 -12.77
C PRO A 64 4.49 -7.10 -11.47
N LEU A 65 4.98 -5.87 -11.48
CA LEU A 65 4.96 -5.04 -10.31
C LEU A 65 3.91 -3.94 -10.44
N PHE A 66 3.16 -3.75 -9.37
CA PHE A 66 2.12 -2.74 -9.33
C PHE A 66 2.49 -1.68 -8.32
N THR A 67 2.19 -0.43 -8.63
CA THR A 67 2.53 0.67 -7.76
C THR A 67 1.27 1.43 -7.34
N ILE A 68 0.84 1.16 -6.13
CA ILE A 68 -0.36 1.79 -5.59
C ILE A 68 0.04 2.95 -4.69
N SER A 69 -0.54 4.10 -4.96
CA SER A 69 -0.31 5.28 -4.17
C SER A 69 -1.51 5.58 -3.30
N VAL A 70 -1.27 5.82 -2.03
CA VAL A 70 -2.33 6.22 -1.13
C VAL A 70 -1.94 7.50 -0.40
N GLU A 71 -2.78 8.50 -0.53
CA GLU A 71 -2.51 9.78 0.08
C GLU A 71 -3.23 9.87 1.41
N VAL A 72 -2.46 9.86 2.48
CA VAL A 72 -3.01 9.84 3.83
C VAL A 72 -2.52 11.05 4.61
N ASP A 73 -3.48 11.81 5.14
CA ASP A 73 -3.22 13.06 5.85
C ASP A 73 -2.55 14.09 4.94
N GLY A 74 -2.47 13.80 3.65
CA GLY A 74 -1.80 14.68 2.72
C GLY A 74 -0.46 14.12 2.29
N GLN A 75 0.01 13.12 3.02
CA GLN A 75 1.26 12.45 2.69
C GLN A 75 0.97 11.35 1.68
N LYS A 76 1.72 11.30 0.60
CA LYS A 76 1.49 10.28 -0.41
C LYS A 76 2.39 9.09 -0.17
N TYR A 77 1.80 8.01 0.30
CA TYR A 77 2.53 6.79 0.57
C TYR A 77 2.48 5.88 -0.63
N LEU A 78 3.57 5.16 -0.88
CA LEU A 78 3.67 4.33 -2.06
C LEU A 78 3.87 2.88 -1.68
N GLY A 79 3.18 2.00 -2.37
CA GLY A 79 3.30 0.59 -2.13
C GLY A 79 3.43 -0.19 -3.42
N GLN A 80 4.33 -1.15 -3.44
CA GLN A 80 4.60 -1.91 -4.65
C GLN A 80 4.45 -3.40 -4.39
N GLY A 81 3.74 -4.08 -5.27
CA GLY A 81 3.52 -5.50 -5.10
C GLY A 81 3.30 -6.19 -6.43
N ARG A 82 3.19 -7.51 -6.41
CA ARG A 82 3.03 -8.28 -7.64
C ARG A 82 1.58 -8.28 -8.13
N SER A 83 0.75 -7.46 -7.50
CA SER A 83 -0.66 -7.35 -7.85
C SER A 83 -1.22 -6.06 -7.25
N LYS A 84 -2.40 -5.64 -7.70
CA LYS A 84 -3.05 -4.46 -7.14
C LYS A 84 -3.26 -4.62 -5.65
N LYS A 85 -3.70 -5.82 -5.26
CA LYS A 85 -3.97 -6.15 -3.87
C LYS A 85 -2.72 -5.96 -3.03
N VAL A 86 -1.63 -6.59 -3.44
CA VAL A 86 -0.38 -6.52 -2.72
C VAL A 86 0.09 -5.08 -2.61
N ALA A 87 0.17 -4.41 -3.74
CA ALA A 87 0.64 -3.03 -3.79
C ALA A 87 -0.20 -2.12 -2.90
N ARG A 88 -1.49 -2.37 -2.87
CA ARG A 88 -2.41 -1.60 -2.03
C ARG A 88 -2.12 -1.81 -0.56
N ILE A 89 -1.94 -3.07 -0.17
CA ILE A 89 -1.58 -3.42 1.20
C ILE A 89 -0.19 -2.85 1.56
N GLU A 90 0.77 -2.99 0.67
CA GLU A 90 2.10 -2.45 0.90
C GLU A 90 2.04 -0.93 1.05
N ALA A 91 1.20 -0.28 0.24
CA ALA A 91 1.00 1.15 0.32
C ALA A 91 0.46 1.54 1.69
N ALA A 92 -0.56 0.83 2.14
CA ALA A 92 -1.14 1.06 3.46
C ALA A 92 -0.12 0.77 4.54
N ALA A 93 0.70 -0.25 4.31
CA ALA A 93 1.75 -0.62 5.24
C ALA A 93 2.77 0.51 5.38
N THR A 94 3.03 1.19 4.27
CA THR A 94 3.93 2.33 4.28
C THR A 94 3.37 3.44 5.15
N ALA A 95 2.06 3.66 5.03
CA ALA A 95 1.38 4.67 5.83
C ALA A 95 1.43 4.28 7.31
N LEU A 96 1.10 3.03 7.61
CA LEU A 96 1.13 2.54 8.98
C LEU A 96 2.50 2.75 9.60
N ARG A 97 3.53 2.27 8.91
CA ARG A 97 4.89 2.31 9.44
C ARG A 97 5.39 3.75 9.59
N SER A 98 4.67 4.69 9.00
CA SER A 98 4.96 6.09 9.15
C SER A 98 4.33 6.65 10.43
N PHE A 99 3.23 6.04 10.86
CA PHE A 99 2.49 6.52 12.02
C PHE A 99 3.10 6.00 13.32
N ILE A 100 3.35 4.68 13.37
CA ILE A 100 3.91 4.08 14.57
C ILE A 100 5.27 3.47 14.24
N GLN A 101 5.77 2.65 15.13
CA GLN A 101 7.10 2.09 14.99
C GLN A 101 7.10 0.87 14.07
N PHE A 102 8.24 0.18 14.01
CA PHE A 102 8.42 -0.97 13.11
C PHE A 102 8.33 -0.54 11.65
N LYS A 103 9.40 0.04 11.13
CA LYS A 103 9.38 0.60 9.79
C LYS A 103 10.72 0.48 9.07
N ASP A 104 11.01 -0.74 8.58
CA ASP A 104 12.18 -1.01 7.73
C ASP A 104 13.50 -0.83 8.47
N GLY A 105 13.76 0.40 8.89
CA GLY A 105 15.04 0.73 9.49
C GLY A 105 15.91 1.50 8.53
N ALA A 106 15.38 1.74 7.33
CA ALA A 106 16.10 2.47 6.31
C ALA A 106 15.37 3.76 5.95
N VAL A 107 16.11 4.86 5.94
CA VAL A 107 15.52 6.16 5.64
C VAL A 107 16.12 6.72 4.35
N LEU A 108 15.33 6.72 3.29
CA LEU A 108 15.80 7.21 2.00
C LEU A 108 15.60 8.72 1.92
N SER A 109 16.66 9.45 2.20
CA SER A 109 16.67 10.90 2.10
C SER A 109 18.10 11.39 1.90
N PRO A 110 18.28 12.56 1.26
CA PRO A 110 19.60 13.15 1.05
C PRO A 110 20.25 13.58 2.36
N LEU A 111 20.99 12.67 2.98
CA LEU A 111 21.70 12.95 4.21
C LEU A 111 22.82 11.94 4.44
N LYS A 112 23.88 12.38 5.09
CA LYS A 112 25.00 11.53 5.41
C LYS A 112 24.96 11.11 6.87
N PRO A 113 25.54 9.95 7.21
CA PRO A 113 25.60 9.47 8.59
C PRO A 113 26.43 10.39 9.50
N ALA A 114 26.10 10.39 10.77
CA ALA A 114 26.79 11.21 11.75
C ALA A 114 27.71 10.35 12.60
N SER A 22 -14.58 4.04 -16.31
CA SER A 22 -15.88 3.38 -16.55
C SER A 22 -16.70 3.30 -15.27
N ASP A 23 -16.02 3.09 -14.15
CA ASP A 23 -16.68 3.01 -12.86
C ASP A 23 -16.39 4.24 -12.04
N PRO A 24 -17.38 5.14 -11.88
CA PRO A 24 -17.23 6.38 -11.13
C PRO A 24 -17.02 6.12 -9.63
N LYS A 25 -17.91 5.33 -9.04
CA LYS A 25 -17.82 5.04 -7.62
C LYS A 25 -18.17 3.59 -7.33
N LYS A 26 -17.16 2.74 -7.35
CA LYS A 26 -17.29 1.36 -6.92
C LYS A 26 -16.24 1.05 -5.86
N LYS A 27 -16.67 1.01 -4.60
CA LYS A 27 -15.77 0.64 -3.53
C LYS A 27 -15.58 -0.87 -3.55
N MET A 28 -14.35 -1.30 -3.75
CA MET A 28 -14.02 -2.72 -3.89
C MET A 28 -14.34 -3.48 -2.61
N CYS A 29 -15.45 -4.22 -2.63
CA CYS A 29 -15.83 -5.05 -1.51
C CYS A 29 -15.42 -6.50 -1.77
N LYS A 30 -14.69 -7.07 -0.82
CA LYS A 30 -14.18 -8.42 -0.99
C LYS A 30 -15.19 -9.46 -0.53
N GLU A 31 -15.12 -10.64 -1.13
CA GLU A 31 -16.00 -11.75 -0.81
C GLU A 31 -16.02 -12.03 0.69
N ARG A 32 -14.84 -12.34 1.23
CA ARG A 32 -14.69 -12.62 2.65
C ARG A 32 -14.15 -11.40 3.37
N ILE A 33 -14.77 -11.05 4.48
CA ILE A 33 -14.30 -9.94 5.32
C ILE A 33 -13.85 -10.46 6.68
N PRO A 34 -12.56 -10.80 6.81
CA PRO A 34 -11.99 -11.31 8.04
C PRO A 34 -11.33 -10.20 8.86
N GLN A 35 -10.43 -10.60 9.75
CA GLN A 35 -9.73 -9.67 10.62
C GLN A 35 -8.72 -8.83 9.85
N PRO A 36 -8.20 -7.73 10.45
CA PRO A 36 -7.24 -6.83 9.81
C PRO A 36 -5.85 -7.47 9.63
N LYS A 37 -5.79 -8.50 8.79
CA LYS A 37 -4.53 -9.14 8.45
C LYS A 37 -3.78 -8.31 7.40
N ASN A 38 -4.48 -7.35 6.82
CA ASN A 38 -3.90 -6.46 5.82
C ASN A 38 -3.89 -5.03 6.33
N THR A 39 -2.77 -4.38 6.09
CA THR A 39 -2.53 -3.01 6.54
C THR A 39 -3.56 -2.05 5.97
N VAL A 40 -4.14 -2.42 4.84
CA VAL A 40 -5.18 -1.63 4.19
C VAL A 40 -6.35 -1.39 5.13
N ALA A 41 -6.76 -2.43 5.83
CA ALA A 41 -7.86 -2.33 6.78
C ALA A 41 -7.43 -1.49 7.98
N MET A 42 -6.19 -1.69 8.40
CA MET A 42 -5.61 -0.95 9.53
C MET A 42 -5.64 0.55 9.26
N LEU A 43 -5.34 0.93 8.02
CA LEU A 43 -5.33 2.34 7.64
C LEU A 43 -6.70 2.97 7.79
N ASN A 44 -7.73 2.23 7.39
CA ASN A 44 -9.11 2.70 7.50
C ASN A 44 -9.47 2.97 8.96
N GLU A 45 -8.82 2.27 9.87
CA GLU A 45 -9.06 2.43 11.29
C GLU A 45 -8.30 3.64 11.84
N LEU A 46 -7.18 3.98 11.21
CA LEU A 46 -6.33 5.06 11.70
C LEU A 46 -6.79 6.42 11.20
N ARG A 47 -6.84 6.61 9.89
CA ARG A 47 -7.13 7.90 9.33
C ARG A 47 -8.00 7.76 8.08
N HIS A 48 -9.15 8.40 8.10
CA HIS A 48 -10.01 8.44 6.92
C HIS A 48 -9.39 9.35 5.87
N GLY A 49 -9.77 9.15 4.62
CA GLY A 49 -9.15 9.90 3.54
C GLY A 49 -7.92 9.20 3.03
N LEU A 50 -8.01 7.89 2.90
CA LEU A 50 -6.92 7.08 2.39
C LEU A 50 -7.24 6.65 0.95
N ILE A 51 -6.71 7.38 0.00
CA ILE A 51 -6.99 7.11 -1.40
C ILE A 51 -5.85 6.31 -2.03
N TYR A 52 -6.10 5.03 -2.30
CA TYR A 52 -5.13 4.18 -2.98
C TYR A 52 -5.31 4.33 -4.49
N LYS A 53 -4.23 4.65 -5.19
CA LYS A 53 -4.29 4.79 -6.63
C LYS A 53 -3.12 4.06 -7.29
N LEU A 54 -3.41 3.28 -8.31
CA LEU A 54 -2.37 2.62 -9.07
C LEU A 54 -1.72 3.62 -10.02
N GLU A 55 -0.57 4.14 -9.63
CA GLU A 55 0.07 5.18 -10.41
C GLU A 55 0.96 4.58 -11.49
N SER A 56 1.58 3.46 -11.18
CA SER A 56 2.55 2.85 -12.09
C SER A 56 2.38 1.33 -12.12
N GLN A 57 2.54 0.76 -13.30
CA GLN A 57 2.51 -0.69 -13.46
C GLN A 57 3.52 -1.09 -14.53
N THR A 58 4.50 -1.90 -14.14
CA THR A 58 5.55 -2.31 -15.06
C THR A 58 5.98 -3.76 -14.79
N GLY A 59 6.22 -4.51 -15.85
CA GLY A 59 6.72 -5.86 -15.69
C GLY A 59 6.00 -6.86 -16.56
N PRO A 60 6.48 -8.10 -16.60
CA PRO A 60 5.85 -9.19 -17.34
C PRO A 60 4.53 -9.62 -16.71
N VAL A 61 3.82 -10.56 -17.33
CA VAL A 61 2.55 -11.01 -16.79
C VAL A 61 2.76 -12.13 -15.76
N HIS A 62 3.91 -12.79 -15.82
CA HIS A 62 4.22 -13.84 -14.86
C HIS A 62 4.67 -13.22 -13.54
N ALA A 63 5.19 -12.00 -13.62
CA ALA A 63 5.61 -11.27 -12.42
C ALA A 63 5.58 -9.77 -12.67
N PRO A 64 4.39 -9.16 -12.65
CA PRO A 64 4.22 -7.75 -12.90
C PRO A 64 4.35 -6.92 -11.61
N LEU A 65 4.96 -5.77 -11.72
CA LEU A 65 5.07 -4.88 -10.57
C LEU A 65 3.97 -3.84 -10.61
N PHE A 66 3.35 -3.64 -9.48
CA PHE A 66 2.28 -2.66 -9.33
C PHE A 66 2.70 -1.63 -8.31
N THR A 67 2.47 -0.37 -8.61
CA THR A 67 2.86 0.71 -7.74
C THR A 67 1.63 1.51 -7.30
N ILE A 68 1.22 1.27 -6.07
CA ILE A 68 0.06 1.93 -5.52
C ILE A 68 0.49 3.07 -4.62
N SER A 69 -0.06 4.24 -4.85
CA SER A 69 0.19 5.37 -3.99
C SER A 69 -1.07 5.71 -3.20
N VAL A 70 -0.95 5.69 -1.88
CA VAL A 70 -2.07 6.06 -1.04
C VAL A 70 -1.76 7.35 -0.32
N GLU A 71 -2.62 8.33 -0.50
CA GLU A 71 -2.44 9.60 0.15
C GLU A 71 -3.38 9.68 1.34
N VAL A 72 -2.79 9.63 2.53
CA VAL A 72 -3.55 9.60 3.76
C VAL A 72 -3.30 10.86 4.56
N ASP A 73 -4.37 11.58 4.86
CA ASP A 73 -4.31 12.83 5.63
C ASP A 73 -3.48 13.90 4.90
N GLY A 74 -3.10 13.61 3.65
CA GLY A 74 -2.26 14.53 2.89
C GLY A 74 -0.86 13.99 2.67
N GLN A 75 -0.55 12.88 3.34
CA GLN A 75 0.75 12.23 3.16
C GLN A 75 0.62 11.09 2.18
N LYS A 76 1.44 11.11 1.14
CA LYS A 76 1.38 10.09 0.10
C LYS A 76 2.39 8.98 0.37
N TYR A 77 1.89 7.78 0.60
CA TYR A 77 2.71 6.61 0.85
C TYR A 77 2.68 5.70 -0.37
N LEU A 78 3.85 5.25 -0.81
CA LEU A 78 3.94 4.42 -1.99
C LEU A 78 4.15 2.97 -1.62
N GLY A 79 3.51 2.07 -2.37
CA GLY A 79 3.67 0.66 -2.15
C GLY A 79 3.84 -0.10 -3.44
N GLN A 80 4.82 -0.98 -3.50
CA GLN A 80 5.13 -1.71 -4.71
C GLN A 80 5.09 -3.21 -4.49
N GLY A 81 4.25 -3.89 -5.25
CA GLY A 81 4.11 -5.33 -5.11
C GLY A 81 3.89 -5.99 -6.46
N ARG A 82 3.80 -7.31 -6.49
CA ARG A 82 3.65 -8.03 -7.75
C ARG A 82 2.17 -8.13 -8.15
N SER A 83 1.34 -7.36 -7.46
CA SER A 83 -0.09 -7.35 -7.70
C SER A 83 -0.69 -6.07 -7.09
N LYS A 84 -1.87 -5.68 -7.56
CA LYS A 84 -2.54 -4.50 -7.03
C LYS A 84 -2.78 -4.66 -5.53
N LYS A 85 -3.23 -5.85 -5.16
CA LYS A 85 -3.47 -6.21 -3.76
C LYS A 85 -2.22 -5.98 -2.92
N VAL A 86 -1.11 -6.56 -3.38
CA VAL A 86 0.14 -6.47 -2.65
C VAL A 86 0.61 -5.02 -2.54
N ALA A 87 0.61 -4.32 -3.66
CA ALA A 87 1.06 -2.94 -3.70
C ALA A 87 0.23 -2.06 -2.77
N ARG A 88 -1.06 -2.33 -2.72
CA ARG A 88 -1.97 -1.59 -1.86
C ARG A 88 -1.63 -1.82 -0.39
N ILE A 89 -1.33 -3.07 -0.04
CA ILE A 89 -0.89 -3.43 1.30
C ILE A 89 0.45 -2.78 1.64
N GLU A 90 1.41 -2.85 0.73
CA GLU A 90 2.73 -2.25 0.92
C GLU A 90 2.63 -0.74 1.14
N ALA A 91 1.72 -0.11 0.40
CA ALA A 91 1.48 1.31 0.54
C ALA A 91 0.93 1.62 1.93
N ALA A 92 -0.07 0.84 2.33
CA ALA A 92 -0.71 1.01 3.63
C ALA A 92 0.26 0.71 4.78
N ALA A 93 1.15 -0.25 4.56
CA ALA A 93 2.15 -0.62 5.57
C ALA A 93 3.04 0.57 5.87
N THR A 94 3.46 1.25 4.81
CA THR A 94 4.27 2.45 4.94
C THR A 94 3.51 3.54 5.70
N ALA A 95 2.22 3.64 5.42
CA ALA A 95 1.38 4.60 6.10
C ALA A 95 1.34 4.32 7.59
N LEU A 96 1.06 3.08 7.96
CA LEU A 96 0.94 2.70 9.37
C LEU A 96 2.20 3.06 10.14
N ARG A 97 3.35 2.68 9.58
CA ARG A 97 4.64 2.88 10.25
C ARG A 97 5.00 4.36 10.32
N SER A 98 4.26 5.19 9.60
CA SER A 98 4.45 6.63 9.67
C SER A 98 3.58 7.24 10.76
N PHE A 99 2.47 6.59 11.09
CA PHE A 99 1.56 7.10 12.11
C PHE A 99 2.04 6.72 13.50
N ILE A 100 2.23 5.44 13.73
CA ILE A 100 2.65 4.96 15.03
C ILE A 100 4.00 4.26 14.94
N GLN A 101 4.89 4.62 15.83
CA GLN A 101 6.21 4.02 15.88
C GLN A 101 6.53 3.60 17.31
N PHE A 102 5.98 4.35 18.26
CA PHE A 102 6.22 4.11 19.69
C PHE A 102 7.69 4.28 20.00
N LYS A 103 8.18 5.48 19.75
CA LYS A 103 9.57 5.83 19.98
C LYS A 103 9.75 6.26 21.44
N ASP A 104 10.99 6.41 21.88
CA ASP A 104 11.29 6.85 23.24
C ASP A 104 10.66 8.21 23.50
N GLY A 105 10.75 9.09 22.52
CA GLY A 105 10.18 10.41 22.65
C GLY A 105 11.19 11.39 23.23
N ALA A 106 11.95 10.89 24.20
CA ALA A 106 13.02 11.67 24.81
C ALA A 106 14.25 11.68 23.90
N VAL A 107 14.79 12.86 23.68
CA VAL A 107 15.95 13.01 22.82
C VAL A 107 17.16 13.50 23.62
N LEU A 108 18.24 12.73 23.57
CA LEU A 108 19.44 13.06 24.31
C LEU A 108 20.38 13.93 23.48
N SER A 109 20.17 15.23 23.55
CA SER A 109 20.98 16.19 22.83
C SER A 109 20.66 17.60 23.32
N PRO A 110 21.69 18.47 23.43
CA PRO A 110 21.50 19.85 23.89
C PRO A 110 20.67 20.68 22.92
N LEU A 111 19.37 20.68 23.12
CA LEU A 111 18.45 21.42 22.28
C LEU A 111 17.46 22.21 23.12
N LYS A 112 16.74 23.11 22.47
CA LYS A 112 15.72 23.89 23.14
C LYS A 112 14.35 23.46 22.65
N PRO A 113 13.62 22.68 23.44
CA PRO A 113 12.32 22.12 23.04
C PRO A 113 11.20 23.15 23.07
N ALA A 114 10.37 23.13 22.03
CA ALA A 114 9.19 23.97 21.98
C ALA A 114 8.02 23.24 22.61
N SER A 22 -7.30 7.24 -20.61
CA SER A 22 -6.34 6.46 -19.79
C SER A 22 -7.10 5.75 -18.68
N ASP A 23 -7.45 4.50 -18.93
CA ASP A 23 -8.28 3.74 -18.01
C ASP A 23 -7.56 2.47 -17.58
N PRO A 24 -7.26 2.35 -16.28
CA PRO A 24 -6.61 1.14 -15.72
C PRO A 24 -7.53 -0.08 -15.82
N LYS A 25 -6.95 -1.21 -16.17
CA LYS A 25 -7.73 -2.44 -16.31
C LYS A 25 -7.75 -3.19 -14.98
N LYS A 26 -8.90 -3.77 -14.67
CA LYS A 26 -9.06 -4.50 -13.42
C LYS A 26 -9.44 -5.95 -13.72
N LYS A 27 -8.98 -6.86 -12.88
CA LYS A 27 -9.36 -8.26 -13.01
C LYS A 27 -10.74 -8.46 -12.41
N MET A 28 -11.57 -9.23 -13.10
CA MET A 28 -12.92 -9.47 -12.63
C MET A 28 -12.93 -10.61 -11.63
N CYS A 29 -12.47 -10.31 -10.44
CA CYS A 29 -12.51 -11.26 -9.34
C CYS A 29 -13.36 -10.68 -8.23
N LYS A 30 -14.67 -10.89 -8.35
CA LYS A 30 -15.63 -10.36 -7.39
C LYS A 30 -15.60 -11.19 -6.11
N GLU A 31 -15.22 -12.45 -6.26
CA GLU A 31 -15.11 -13.35 -5.12
C GLU A 31 -13.67 -13.37 -4.63
N ARG A 32 -13.45 -12.78 -3.47
CA ARG A 32 -12.10 -12.61 -2.96
C ARG A 32 -11.81 -13.58 -1.82
N ILE A 33 -10.53 -13.70 -1.50
CA ILE A 33 -10.06 -14.64 -0.48
C ILE A 33 -9.97 -13.96 0.88
N PRO A 34 -9.96 -14.76 1.97
CA PRO A 34 -9.77 -14.25 3.33
C PRO A 34 -8.44 -13.51 3.48
N GLN A 35 -8.32 -12.72 4.52
CA GLN A 35 -7.17 -11.85 4.66
C GLN A 35 -6.53 -11.97 6.04
N PRO A 36 -5.20 -12.21 6.06
CA PRO A 36 -4.40 -12.23 7.29
C PRO A 36 -4.15 -10.81 7.80
N LYS A 37 -5.21 -10.01 7.82
CA LYS A 37 -5.16 -8.61 8.22
C LYS A 37 -4.21 -7.80 7.34
N ASN A 38 -4.77 -7.21 6.30
CA ASN A 38 -4.02 -6.32 5.43
C ASN A 38 -3.84 -4.97 6.07
N THR A 39 -2.72 -4.34 5.77
CA THR A 39 -2.38 -3.03 6.29
C THR A 39 -3.43 -1.99 5.91
N VAL A 40 -4.10 -2.24 4.79
CA VAL A 40 -5.19 -1.41 4.31
C VAL A 40 -6.30 -1.32 5.36
N ALA A 41 -6.56 -2.44 6.02
CA ALA A 41 -7.57 -2.50 7.06
C ALA A 41 -7.11 -1.71 8.28
N MET A 42 -5.81 -1.81 8.58
CA MET A 42 -5.25 -1.09 9.72
C MET A 42 -5.32 0.41 9.48
N LEU A 43 -5.14 0.81 8.22
CA LEU A 43 -5.21 2.21 7.84
C LEU A 43 -6.60 2.78 8.09
N ASN A 44 -7.61 1.94 7.88
CA ASN A 44 -8.99 2.35 8.10
C ASN A 44 -9.27 2.54 9.58
N GLU A 45 -8.47 1.86 10.39
CA GLU A 45 -8.57 1.97 11.84
C GLU A 45 -7.81 3.19 12.33
N LEU A 46 -6.81 3.61 11.58
CA LEU A 46 -5.98 4.73 11.96
C LEU A 46 -6.54 6.05 11.46
N ARG A 47 -6.56 6.22 10.14
CA ARG A 47 -6.92 7.50 9.55
C ARG A 47 -7.72 7.29 8.27
N HIS A 48 -8.95 7.77 8.27
CA HIS A 48 -9.77 7.74 7.06
C HIS A 48 -9.25 8.80 6.08
N GLY A 49 -9.61 8.65 4.82
CA GLY A 49 -9.07 9.51 3.80
C GLY A 49 -7.81 8.93 3.22
N LEU A 50 -7.88 7.63 2.94
CA LEU A 50 -6.77 6.89 2.37
C LEU A 50 -7.09 6.51 0.93
N ILE A 51 -6.65 7.34 0.00
CA ILE A 51 -6.97 7.13 -1.41
C ILE A 51 -5.84 6.37 -2.10
N TYR A 52 -6.12 5.12 -2.47
CA TYR A 52 -5.16 4.31 -3.21
C TYR A 52 -5.36 4.50 -4.70
N LYS A 53 -4.28 4.79 -5.40
CA LYS A 53 -4.32 4.91 -6.86
C LYS A 53 -3.08 4.28 -7.47
N LEU A 54 -3.24 3.64 -8.62
CA LEU A 54 -2.11 3.04 -9.32
C LEU A 54 -1.39 4.11 -10.12
N GLU A 55 -0.13 4.35 -9.80
CA GLU A 55 0.62 5.37 -10.52
C GLU A 55 1.62 4.77 -11.49
N SER A 56 2.14 3.60 -11.17
CA SER A 56 3.11 2.94 -12.03
C SER A 56 2.85 1.44 -12.09
N GLN A 57 3.12 0.84 -13.24
CA GLN A 57 2.94 -0.59 -13.43
C GLN A 57 3.97 -1.12 -14.42
N THR A 58 4.75 -2.11 -13.99
CA THR A 58 5.79 -2.70 -14.82
C THR A 58 5.89 -4.21 -14.56
N GLY A 59 6.95 -4.83 -15.07
CA GLY A 59 7.19 -6.23 -14.79
C GLY A 59 6.59 -7.15 -15.84
N PRO A 60 6.77 -8.47 -15.66
CA PRO A 60 6.21 -9.49 -16.56
C PRO A 60 4.69 -9.61 -16.42
N VAL A 61 4.12 -10.70 -16.91
CA VAL A 61 2.69 -10.93 -16.76
C VAL A 61 2.41 -11.97 -15.70
N HIS A 62 3.40 -12.83 -15.45
CA HIS A 62 3.27 -13.87 -14.45
C HIS A 62 3.57 -13.33 -13.06
N ALA A 63 4.40 -12.29 -13.00
CA ALA A 63 4.75 -11.66 -11.72
C ALA A 63 5.17 -10.22 -11.92
N PRO A 64 4.22 -9.34 -12.26
CA PRO A 64 4.49 -7.94 -12.55
C PRO A 64 4.72 -7.13 -11.29
N LEU A 65 5.01 -5.86 -11.48
CA LEU A 65 5.15 -4.96 -10.36
C LEU A 65 4.17 -3.81 -10.48
N PHE A 66 3.46 -3.55 -9.41
CA PHE A 66 2.45 -2.51 -9.38
C PHE A 66 2.84 -1.48 -8.34
N THR A 67 2.68 -0.22 -8.66
CA THR A 67 3.04 0.85 -7.75
C THR A 67 1.81 1.65 -7.36
N ILE A 68 1.33 1.40 -6.17
CA ILE A 68 0.14 2.06 -5.65
C ILE A 68 0.54 3.22 -4.76
N SER A 69 -0.01 4.37 -5.04
CA SER A 69 0.18 5.53 -4.19
C SER A 69 -1.05 5.74 -3.35
N VAL A 70 -0.89 5.70 -2.04
CA VAL A 70 -1.99 5.96 -1.15
C VAL A 70 -1.81 7.31 -0.48
N GLU A 71 -2.80 8.15 -0.61
CA GLU A 71 -2.78 9.44 0.02
C GLU A 71 -3.65 9.39 1.27
N VAL A 72 -3.01 9.46 2.42
CA VAL A 72 -3.70 9.35 3.70
C VAL A 72 -3.43 10.58 4.54
N ASP A 73 -4.50 11.18 5.06
CA ASP A 73 -4.40 12.38 5.91
C ASP A 73 -3.91 13.60 5.13
N GLY A 74 -3.42 13.35 3.92
CA GLY A 74 -2.80 14.40 3.15
C GLY A 74 -1.34 14.07 2.83
N GLN A 75 -0.92 12.89 3.25
CA GLN A 75 0.41 12.40 2.95
C GLN A 75 0.35 11.24 1.98
N LYS A 76 1.24 11.25 1.01
CA LYS A 76 1.23 10.23 -0.03
C LYS A 76 2.31 9.20 0.24
N TYR A 77 1.89 7.98 0.44
CA TYR A 77 2.79 6.87 0.68
C TYR A 77 2.81 5.95 -0.53
N LEU A 78 3.93 5.31 -0.79
CA LEU A 78 4.07 4.50 -1.98
C LEU A 78 4.25 3.03 -1.60
N GLY A 79 3.76 2.15 -2.45
CA GLY A 79 3.92 0.72 -2.23
C GLY A 79 4.02 -0.03 -3.53
N GLN A 80 4.93 -0.98 -3.61
CA GLN A 80 5.13 -1.72 -4.83
C GLN A 80 4.94 -3.21 -4.57
N GLY A 81 4.02 -3.82 -5.31
CA GLY A 81 3.71 -5.21 -5.10
C GLY A 81 3.56 -5.95 -6.41
N ARG A 82 3.32 -7.25 -6.33
CA ARG A 82 3.22 -8.08 -7.54
C ARG A 82 1.83 -8.01 -8.15
N SER A 83 0.98 -7.18 -7.56
CA SER A 83 -0.40 -7.02 -7.99
C SER A 83 -0.95 -5.74 -7.39
N LYS A 84 -2.07 -5.24 -7.91
CA LYS A 84 -2.69 -4.03 -7.37
C LYS A 84 -3.02 -4.22 -5.90
N LYS A 85 -3.51 -5.41 -5.58
CA LYS A 85 -3.89 -5.76 -4.23
C LYS A 85 -2.67 -5.72 -3.30
N VAL A 86 -1.61 -6.39 -3.71
CA VAL A 86 -0.36 -6.42 -2.94
C VAL A 86 0.22 -5.03 -2.77
N ALA A 87 0.29 -4.28 -3.87
CA ALA A 87 0.85 -2.94 -3.85
C ALA A 87 0.03 -2.00 -2.97
N ARG A 88 -1.28 -2.22 -2.97
CA ARG A 88 -2.19 -1.46 -2.12
C ARG A 88 -1.84 -1.70 -0.65
N ILE A 89 -1.53 -2.96 -0.33
CA ILE A 89 -1.08 -3.34 1.00
C ILE A 89 0.29 -2.71 1.31
N GLU A 90 1.23 -2.84 0.38
CA GLU A 90 2.56 -2.28 0.54
C GLU A 90 2.51 -0.78 0.81
N ALA A 91 1.65 -0.08 0.06
CA ALA A 91 1.49 1.36 0.22
C ALA A 91 0.96 1.69 1.61
N ALA A 92 -0.03 0.92 2.04
CA ALA A 92 -0.65 1.12 3.35
C ALA A 92 0.34 0.86 4.47
N ALA A 93 1.27 -0.07 4.25
CA ALA A 93 2.28 -0.41 5.24
C ALA A 93 3.13 0.82 5.57
N THR A 94 3.49 1.58 4.54
CA THR A 94 4.26 2.80 4.71
C THR A 94 3.45 3.84 5.49
N ALA A 95 2.17 3.94 5.17
CA ALA A 95 1.28 4.87 5.87
C ALA A 95 1.23 4.53 7.35
N LEU A 96 0.96 3.26 7.65
CA LEU A 96 0.85 2.78 9.03
C LEU A 96 2.03 3.22 9.87
N ARG A 97 3.23 2.92 9.38
CA ARG A 97 4.45 3.16 10.14
C ARG A 97 4.73 4.65 10.31
N SER A 98 4.10 5.48 9.49
CA SER A 98 4.24 6.92 9.63
C SER A 98 3.44 7.41 10.83
N PHE A 99 2.34 6.73 11.12
CA PHE A 99 1.46 7.12 12.21
C PHE A 99 2.02 6.66 13.56
N ILE A 100 2.26 5.37 13.69
CA ILE A 100 2.81 4.84 14.92
C ILE A 100 4.23 4.34 14.69
N GLN A 101 5.14 4.75 15.55
CA GLN A 101 6.53 4.41 15.40
C GLN A 101 7.05 3.58 16.56
N PHE A 102 7.13 2.29 16.32
CA PHE A 102 7.71 1.36 17.26
C PHE A 102 9.08 0.94 16.73
N LYS A 103 9.76 0.03 17.42
CA LYS A 103 11.07 -0.39 16.97
C LYS A 103 10.94 -1.61 16.06
N ASP A 104 10.64 -1.35 14.80
CA ASP A 104 10.51 -2.40 13.80
C ASP A 104 11.89 -2.93 13.44
N GLY A 105 12.85 -2.02 13.39
CA GLY A 105 14.23 -2.40 13.13
C GLY A 105 14.41 -3.04 11.77
N ALA A 106 13.54 -2.67 10.83
CA ALA A 106 13.60 -3.22 9.49
C ALA A 106 14.60 -2.46 8.64
N VAL A 107 15.03 -3.08 7.56
CA VAL A 107 15.94 -2.45 6.63
C VAL A 107 15.16 -1.55 5.68
N LEU A 108 15.36 -0.24 5.81
CA LEU A 108 14.75 0.70 4.90
C LEU A 108 15.25 0.45 3.48
N SER A 109 14.43 -0.21 2.69
CA SER A 109 14.79 -0.60 1.34
C SER A 109 15.22 0.62 0.51
N PRO A 110 16.29 0.45 -0.28
CA PRO A 110 16.86 1.53 -1.11
C PRO A 110 15.98 1.88 -2.31
N LEU A 111 14.69 2.03 -2.07
CA LEU A 111 13.75 2.46 -3.09
C LEU A 111 13.48 3.95 -2.93
N LYS A 112 12.96 4.56 -3.98
CA LYS A 112 12.69 5.99 -3.95
C LYS A 112 11.29 6.26 -4.48
N PRO A 113 10.67 7.38 -4.06
CA PRO A 113 9.35 7.78 -4.55
C PRO A 113 9.44 8.32 -5.97
N ALA A 114 8.33 8.78 -6.49
CA ALA A 114 8.29 9.33 -7.84
C ALA A 114 7.81 10.77 -7.81
N SER A 22 2.36 -2.47 -23.74
CA SER A 22 3.59 -3.30 -23.86
C SER A 22 3.51 -4.46 -22.89
N ASP A 23 2.29 -4.88 -22.58
CA ASP A 23 2.04 -5.77 -21.46
C ASP A 23 0.67 -6.43 -21.58
N PRO A 24 0.57 -7.70 -21.16
CA PRO A 24 -0.72 -8.40 -21.06
C PRO A 24 -1.57 -7.81 -19.94
N LYS A 25 -2.73 -7.26 -20.31
CA LYS A 25 -3.61 -6.59 -19.36
C LYS A 25 -4.09 -7.58 -18.31
N LYS A 26 -3.69 -7.35 -17.06
CA LYS A 26 -4.06 -8.23 -15.96
C LYS A 26 -5.50 -7.89 -15.54
N LYS A 27 -6.15 -8.80 -14.84
CA LYS A 27 -7.54 -8.59 -14.44
C LYS A 27 -7.69 -7.31 -13.62
N MET A 28 -8.78 -6.60 -13.88
CA MET A 28 -9.02 -5.29 -13.28
C MET A 28 -9.17 -5.38 -11.77
N CYS A 29 -10.08 -6.23 -11.31
CA CYS A 29 -10.46 -6.24 -9.90
C CYS A 29 -9.58 -7.16 -9.07
N LYS A 30 -8.94 -6.57 -8.07
CA LYS A 30 -8.24 -7.33 -7.06
C LYS A 30 -8.98 -7.19 -5.73
N GLU A 31 -8.93 -8.22 -4.91
CA GLU A 31 -9.69 -8.23 -3.66
C GLU A 31 -9.11 -7.26 -2.64
N ARG A 32 -9.97 -6.76 -1.77
CA ARG A 32 -9.55 -5.86 -0.71
C ARG A 32 -9.28 -6.66 0.55
N ILE A 33 -10.30 -7.40 0.99
CA ILE A 33 -10.22 -8.24 2.19
C ILE A 33 -10.04 -7.39 3.46
N PRO A 34 -11.13 -7.19 4.21
CA PRO A 34 -11.13 -6.37 5.42
C PRO A 34 -10.62 -7.15 6.65
N GLN A 35 -9.53 -7.87 6.46
CA GLN A 35 -8.93 -8.62 7.57
C GLN A 35 -7.79 -7.81 8.19
N PRO A 36 -7.60 -7.93 9.51
CA PRO A 36 -6.54 -7.21 10.24
C PRO A 36 -5.14 -7.70 9.87
N LYS A 37 -5.07 -8.68 8.98
CA LYS A 37 -3.80 -9.20 8.51
C LYS A 37 -3.15 -8.20 7.54
N ASN A 38 -3.97 -7.55 6.74
CA ASN A 38 -3.47 -6.62 5.74
C ASN A 38 -3.66 -5.17 6.19
N THR A 39 -2.64 -4.38 5.90
CA THR A 39 -2.50 -3.03 6.39
C THR A 39 -3.61 -2.10 5.91
N VAL A 40 -4.27 -2.44 4.82
CA VAL A 40 -5.31 -1.57 4.26
C VAL A 40 -6.51 -1.50 5.20
N ALA A 41 -6.76 -2.58 5.93
CA ALA A 41 -7.82 -2.60 6.92
C ALA A 41 -7.35 -1.82 8.14
N MET A 42 -6.08 -2.02 8.49
CA MET A 42 -5.45 -1.31 9.59
C MET A 42 -5.55 0.21 9.38
N LEU A 43 -5.25 0.65 8.17
CA LEU A 43 -5.31 2.07 7.83
C LEU A 43 -6.71 2.63 7.98
N ASN A 44 -7.72 1.83 7.66
CA ASN A 44 -9.12 2.26 7.75
C ASN A 44 -9.50 2.52 9.19
N GLU A 45 -8.82 1.84 10.10
CA GLU A 45 -9.05 2.00 11.53
C GLU A 45 -8.34 3.23 12.07
N LEU A 46 -7.25 3.62 11.41
CA LEU A 46 -6.44 4.74 11.88
C LEU A 46 -6.93 6.08 11.31
N ARG A 47 -6.95 6.19 9.99
CA ARG A 47 -7.27 7.45 9.35
C ARG A 47 -8.24 7.27 8.19
N HIS A 48 -8.77 8.39 7.72
CA HIS A 48 -9.68 8.38 6.58
C HIS A 48 -9.06 9.13 5.41
N GLY A 49 -9.68 9.01 4.25
CA GLY A 49 -9.13 9.64 3.07
C GLY A 49 -7.93 8.89 2.54
N LEU A 50 -7.83 7.61 2.91
CA LEU A 50 -6.74 6.76 2.45
C LEU A 50 -6.98 6.33 1.00
N ILE A 51 -6.68 7.22 0.09
CA ILE A 51 -6.92 6.99 -1.31
C ILE A 51 -5.81 6.16 -1.94
N TYR A 52 -6.10 4.90 -2.21
CA TYR A 52 -5.16 4.05 -2.92
C TYR A 52 -5.30 4.25 -4.41
N LYS A 53 -4.31 4.87 -5.00
CA LYS A 53 -4.35 5.20 -6.42
C LYS A 53 -3.18 4.54 -7.12
N LEU A 54 -3.47 3.75 -8.15
CA LEU A 54 -2.43 3.11 -8.94
C LEU A 54 -1.78 4.14 -9.82
N GLU A 55 -0.52 4.45 -9.55
CA GLU A 55 0.15 5.51 -10.29
C GLU A 55 0.92 4.95 -11.48
N SER A 56 1.38 3.71 -11.36
CA SER A 56 2.12 3.06 -12.43
C SER A 56 2.04 1.55 -12.30
N GLN A 57 2.14 0.84 -13.41
CA GLN A 57 2.14 -0.61 -13.42
C GLN A 57 2.93 -1.12 -14.62
N THR A 58 4.01 -1.83 -14.33
CA THR A 58 4.87 -2.40 -15.37
C THR A 58 5.57 -3.65 -14.85
N GLY A 59 6.13 -4.45 -15.74
CA GLY A 59 6.87 -5.62 -15.33
C GLY A 59 6.55 -6.82 -16.20
N PRO A 60 7.08 -8.01 -15.84
CA PRO A 60 6.80 -9.25 -16.58
C PRO A 60 5.38 -9.74 -16.33
N VAL A 61 4.97 -10.79 -17.02
CA VAL A 61 3.62 -11.30 -16.86
C VAL A 61 3.59 -12.32 -15.71
N HIS A 62 4.71 -12.99 -15.47
CA HIS A 62 4.77 -13.98 -14.40
C HIS A 62 4.77 -13.29 -13.03
N ALA A 63 5.26 -12.04 -13.00
CA ALA A 63 5.29 -11.27 -11.77
C ALA A 63 5.33 -9.79 -12.07
N PRO A 64 4.20 -9.22 -12.52
CA PRO A 64 4.11 -7.79 -12.83
C PRO A 64 4.16 -6.93 -11.58
N LEU A 65 4.76 -5.77 -11.68
CA LEU A 65 4.83 -4.87 -10.55
C LEU A 65 3.75 -3.81 -10.63
N PHE A 66 3.09 -3.61 -9.52
CA PHE A 66 2.05 -2.61 -9.41
C PHE A 66 2.50 -1.56 -8.42
N THR A 67 2.34 -0.30 -8.78
CA THR A 67 2.78 0.78 -7.92
C THR A 67 1.58 1.57 -7.41
N ILE A 68 1.17 1.27 -6.20
CA ILE A 68 0.04 1.92 -5.59
C ILE A 68 0.52 3.02 -4.67
N SER A 69 -0.06 4.19 -4.86
CA SER A 69 0.23 5.31 -4.01
C SER A 69 -0.98 5.61 -3.14
N VAL A 70 -0.80 5.54 -1.83
CA VAL A 70 -1.87 5.90 -0.94
C VAL A 70 -1.60 7.28 -0.36
N GLU A 71 -2.56 8.15 -0.50
CA GLU A 71 -2.39 9.50 0.00
C GLU A 71 -3.25 9.69 1.23
N VAL A 72 -2.59 9.75 2.37
CA VAL A 72 -3.28 9.82 3.66
C VAL A 72 -2.88 11.08 4.40
N ASP A 73 -3.88 11.85 4.79
CA ASP A 73 -3.69 13.13 5.48
C ASP A 73 -2.80 14.07 4.65
N GLY A 74 -2.73 13.81 3.34
CA GLY A 74 -1.91 14.62 2.46
C GLY A 74 -0.55 13.99 2.20
N GLN A 75 -0.23 12.94 2.93
CA GLN A 75 1.04 12.26 2.76
C GLN A 75 0.91 11.08 1.83
N LYS A 76 1.78 11.01 0.85
CA LYS A 76 1.72 9.98 -0.15
C LYS A 76 2.72 8.88 0.17
N TYR A 77 2.20 7.69 0.42
CA TYR A 77 3.01 6.53 0.71
C TYR A 77 2.97 5.57 -0.47
N LEU A 78 4.12 5.06 -0.88
CA LEU A 78 4.19 4.27 -2.09
C LEU A 78 4.38 2.78 -1.78
N GLY A 79 3.67 1.95 -2.53
CA GLY A 79 3.83 0.51 -2.40
C GLY A 79 3.92 -0.14 -3.77
N GLN A 80 4.78 -1.13 -3.89
CA GLN A 80 5.03 -1.76 -5.18
C GLN A 80 4.95 -3.27 -5.07
N GLY A 81 3.84 -3.81 -5.48
CA GLY A 81 3.57 -5.21 -5.24
C GLY A 81 3.44 -5.99 -6.52
N ARG A 82 3.17 -7.28 -6.39
CA ARG A 82 3.02 -8.14 -7.56
C ARG A 82 1.58 -8.09 -8.06
N SER A 83 0.78 -7.27 -7.40
CA SER A 83 -0.63 -7.12 -7.73
C SER A 83 -1.15 -5.83 -7.10
N LYS A 84 -2.29 -5.35 -7.57
CA LYS A 84 -2.89 -4.13 -7.03
C LYS A 84 -3.11 -4.25 -5.53
N LYS A 85 -3.54 -5.43 -5.08
CA LYS A 85 -3.78 -5.68 -3.67
C LYS A 85 -2.48 -5.58 -2.87
N VAL A 86 -1.45 -6.29 -3.32
CA VAL A 86 -0.16 -6.29 -2.64
C VAL A 86 0.40 -4.87 -2.56
N ALA A 87 0.36 -4.16 -3.69
CA ALA A 87 0.85 -2.79 -3.74
C ALA A 87 0.06 -1.89 -2.79
N ARG A 88 -1.24 -2.15 -2.71
CA ARG A 88 -2.11 -1.44 -1.79
C ARG A 88 -1.68 -1.70 -0.34
N ILE A 89 -1.31 -2.94 -0.06
CA ILE A 89 -0.82 -3.32 1.27
C ILE A 89 0.52 -2.66 1.58
N GLU A 90 1.44 -2.70 0.63
CA GLU A 90 2.76 -2.07 0.82
C GLU A 90 2.60 -0.58 1.12
N ALA A 91 1.70 0.07 0.37
CA ALA A 91 1.45 1.48 0.57
C ALA A 91 0.89 1.75 1.96
N ALA A 92 -0.09 0.95 2.35
CA ALA A 92 -0.73 1.10 3.65
C ALA A 92 0.25 0.81 4.79
N ALA A 93 1.15 -0.14 4.57
CA ALA A 93 2.15 -0.50 5.56
C ALA A 93 3.06 0.69 5.87
N THR A 94 3.31 1.50 4.84
CA THR A 94 4.13 2.68 5.00
C THR A 94 3.35 3.78 5.73
N ALA A 95 2.06 3.87 5.45
CA ALA A 95 1.20 4.82 6.13
C ALA A 95 1.13 4.50 7.62
N LEU A 96 0.96 3.22 7.94
CA LEU A 96 0.88 2.77 9.33
C LEU A 96 2.12 3.18 10.11
N ARG A 97 3.29 2.87 9.55
CA ARG A 97 4.57 3.13 10.21
C ARG A 97 4.81 4.64 10.36
N SER A 98 4.04 5.43 9.64
CA SER A 98 4.11 6.88 9.75
C SER A 98 3.30 7.35 10.95
N PHE A 99 2.25 6.61 11.29
CA PHE A 99 1.39 6.96 12.41
C PHE A 99 1.95 6.41 13.71
N ILE A 100 2.12 5.10 13.75
CA ILE A 100 2.69 4.46 14.92
C ILE A 100 4.04 3.85 14.56
N GLN A 101 5.02 4.14 15.37
CA GLN A 101 6.37 3.68 15.12
C GLN A 101 6.91 2.97 16.35
N PHE A 102 7.97 2.21 16.15
CA PHE A 102 8.60 1.49 17.24
C PHE A 102 10.11 1.66 17.19
N LYS A 103 10.69 2.02 18.33
CA LYS A 103 12.13 2.19 18.42
C LYS A 103 12.70 1.21 19.44
N ASP A 104 11.79 0.52 20.13
CA ASP A 104 12.18 -0.47 21.12
C ASP A 104 12.68 -1.74 20.43
N GLY A 105 13.97 -1.75 20.13
CA GLY A 105 14.58 -2.90 19.49
C GLY A 105 14.06 -3.11 18.09
N ALA A 106 13.60 -2.04 17.46
CA ALA A 106 13.00 -2.12 16.14
C ALA A 106 13.70 -1.18 15.18
N VAL A 107 13.80 -1.59 13.92
CA VAL A 107 14.44 -0.77 12.91
C VAL A 107 13.43 -0.34 11.85
N LEU A 108 13.68 0.80 11.24
CA LEU A 108 12.79 1.36 10.24
C LEU A 108 13.36 1.15 8.86
N SER A 109 14.00 0.02 8.67
CA SER A 109 14.56 -0.35 7.38
C SER A 109 13.46 -0.61 6.36
N PRO A 110 13.62 -0.09 5.13
CA PRO A 110 12.68 -0.34 4.04
C PRO A 110 12.72 -1.79 3.57
N LEU A 111 12.07 -2.67 4.33
CA LEU A 111 12.03 -4.08 4.02
C LEU A 111 10.59 -4.54 3.94
N LYS A 112 10.25 -5.20 2.84
CA LYS A 112 8.88 -5.58 2.57
C LYS A 112 8.67 -7.07 2.79
N PRO A 113 7.42 -7.49 3.06
CA PRO A 113 7.08 -8.89 3.32
C PRO A 113 6.96 -9.70 2.04
N ALA A 114 7.99 -9.62 1.21
CA ALA A 114 7.99 -10.33 -0.07
C ALA A 114 8.02 -11.84 0.15
N SER A 22 -12.86 5.97 -24.77
CA SER A 22 -11.77 5.22 -24.13
C SER A 22 -11.35 5.87 -22.82
N ASP A 23 -11.43 5.11 -21.74
CA ASP A 23 -11.09 5.59 -20.40
C ASP A 23 -10.89 4.39 -19.48
N PRO A 24 -9.65 3.87 -19.42
CA PRO A 24 -9.33 2.63 -18.71
C PRO A 24 -9.40 2.76 -17.19
N LYS A 25 -10.35 2.06 -16.60
CA LYS A 25 -10.47 2.04 -15.14
C LYS A 25 -9.63 0.90 -14.56
N LYS A 26 -8.56 1.27 -13.87
CA LYS A 26 -7.78 0.28 -13.12
C LYS A 26 -8.62 -0.26 -11.96
N LYS A 27 -9.55 0.57 -11.50
CA LYS A 27 -10.55 0.14 -10.55
C LYS A 27 -11.84 -0.19 -11.30
N MET A 28 -12.03 -1.46 -11.59
CA MET A 28 -13.17 -1.89 -12.39
C MET A 28 -14.43 -2.04 -11.55
N CYS A 29 -14.26 -2.00 -10.23
CA CYS A 29 -15.37 -2.08 -9.27
C CYS A 29 -15.95 -3.50 -9.17
N LYS A 30 -15.97 -4.20 -10.29
CA LYS A 30 -16.47 -5.57 -10.34
C LYS A 30 -15.43 -6.57 -9.83
N GLU A 31 -14.29 -6.06 -9.39
CA GLU A 31 -13.26 -6.89 -8.79
C GLU A 31 -13.20 -6.62 -7.30
N ARG A 32 -13.92 -7.42 -6.53
CA ARG A 32 -13.91 -7.32 -5.08
C ARG A 32 -12.92 -8.32 -4.51
N ILE A 33 -11.75 -7.84 -4.14
CA ILE A 33 -10.68 -8.68 -3.64
C ILE A 33 -10.81 -8.89 -2.14
N PRO A 34 -10.87 -10.16 -1.69
CA PRO A 34 -10.96 -10.49 -0.26
C PRO A 34 -9.76 -9.98 0.53
N GLN A 35 -10.02 -9.43 1.71
CA GLN A 35 -8.98 -8.86 2.54
C GLN A 35 -9.04 -9.44 3.95
N PRO A 36 -8.35 -10.57 4.18
CA PRO A 36 -8.34 -11.23 5.49
C PRO A 36 -7.52 -10.46 6.52
N LYS A 37 -6.22 -10.33 6.25
CA LYS A 37 -5.32 -9.59 7.13
C LYS A 37 -4.48 -8.65 6.28
N ASN A 38 -4.77 -7.36 6.38
CA ASN A 38 -4.12 -6.39 5.52
C ASN A 38 -3.97 -5.03 6.19
N THR A 39 -2.93 -4.34 5.80
CA THR A 39 -2.57 -3.06 6.38
C THR A 39 -3.55 -1.96 5.98
N VAL A 40 -4.25 -2.14 4.85
CA VAL A 40 -5.17 -1.12 4.38
C VAL A 40 -6.38 -1.02 5.33
N ALA A 41 -6.73 -2.13 5.96
CA ALA A 41 -7.78 -2.13 6.96
C ALA A 41 -7.28 -1.42 8.20
N MET A 42 -6.03 -1.72 8.57
CA MET A 42 -5.36 -1.07 9.69
C MET A 42 -5.38 0.44 9.50
N LEU A 43 -5.14 0.89 8.28
CA LEU A 43 -5.10 2.30 7.94
C LEU A 43 -6.45 2.97 8.16
N ASN A 44 -7.53 2.25 7.87
CA ASN A 44 -8.88 2.81 8.00
C ASN A 44 -9.21 3.06 9.45
N GLU A 45 -8.55 2.31 10.31
CA GLU A 45 -8.72 2.44 11.75
C GLU A 45 -7.92 3.62 12.27
N LEU A 46 -6.87 3.97 11.56
CA LEU A 46 -6.00 5.07 11.95
C LEU A 46 -6.49 6.38 11.37
N ARG A 47 -6.54 6.47 10.05
CA ARG A 47 -6.84 7.70 9.38
C ARG A 47 -7.66 7.45 8.12
N HIS A 48 -8.83 8.07 8.03
CA HIS A 48 -9.65 7.96 6.84
C HIS A 48 -9.22 8.98 5.79
N GLY A 49 -9.78 8.89 4.60
CA GLY A 49 -9.33 9.75 3.52
C GLY A 49 -8.11 9.17 2.86
N LEU A 50 -8.01 7.84 2.89
CA LEU A 50 -6.88 7.13 2.33
C LEU A 50 -7.21 6.63 0.93
N ILE A 51 -6.89 7.43 -0.06
CA ILE A 51 -7.22 7.08 -1.44
C ILE A 51 -6.09 6.28 -2.07
N TYR A 52 -6.37 5.03 -2.40
CA TYR A 52 -5.42 4.18 -3.09
C TYR A 52 -5.63 4.28 -4.59
N LYS A 53 -4.58 4.65 -5.31
CA LYS A 53 -4.67 4.77 -6.75
C LYS A 53 -3.47 4.09 -7.41
N LEU A 54 -3.73 3.39 -8.50
CA LEU A 54 -2.65 2.77 -9.25
C LEU A 54 -1.99 3.82 -10.13
N GLU A 55 -0.81 4.26 -9.73
CA GLU A 55 -0.14 5.33 -10.45
C GLU A 55 0.81 4.78 -11.51
N SER A 56 1.34 3.59 -11.28
CA SER A 56 2.27 2.98 -12.21
C SER A 56 2.19 1.45 -12.14
N GLN A 57 2.62 0.81 -13.21
CA GLN A 57 2.62 -0.64 -13.29
C GLN A 57 3.76 -1.10 -14.19
N THR A 58 4.75 -1.75 -13.62
CA THR A 58 5.94 -2.16 -14.35
C THR A 58 6.42 -3.52 -13.90
N GLY A 59 7.07 -4.26 -14.79
CA GLY A 59 7.67 -5.51 -14.38
C GLY A 59 7.48 -6.62 -15.40
N PRO A 60 7.84 -7.86 -15.04
CA PRO A 60 7.70 -9.02 -15.92
C PRO A 60 6.25 -9.46 -16.05
N VAL A 61 5.98 -10.36 -16.98
CA VAL A 61 4.62 -10.83 -17.20
C VAL A 61 4.25 -11.93 -16.19
N HIS A 62 5.26 -12.62 -15.67
CA HIS A 62 5.02 -13.70 -14.70
C HIS A 62 4.70 -13.12 -13.33
N ALA A 63 5.33 -12.01 -12.99
CA ALA A 63 5.11 -11.37 -11.70
C ALA A 63 5.26 -9.86 -11.82
N PRO A 64 4.29 -9.21 -12.47
CA PRO A 64 4.34 -7.77 -12.69
C PRO A 64 4.21 -6.99 -11.40
N LEU A 65 4.88 -5.86 -11.34
CA LEU A 65 4.86 -5.03 -10.15
C LEU A 65 3.85 -3.90 -10.32
N PHE A 66 3.05 -3.70 -9.30
CA PHE A 66 2.02 -2.68 -9.31
C PHE A 66 2.38 -1.60 -8.30
N THR A 67 2.15 -0.35 -8.66
CA THR A 67 2.54 0.75 -7.82
C THR A 67 1.33 1.55 -7.40
N ILE A 68 0.87 1.29 -6.19
CA ILE A 68 -0.29 1.96 -5.64
C ILE A 68 0.15 3.10 -4.74
N SER A 69 -0.36 4.29 -5.02
CA SER A 69 -0.11 5.44 -4.18
C SER A 69 -1.31 5.69 -3.29
N VAL A 70 -1.06 5.80 -2.01
CA VAL A 70 -2.12 6.10 -1.07
C VAL A 70 -1.84 7.41 -0.37
N GLU A 71 -2.79 8.31 -0.45
CA GLU A 71 -2.66 9.59 0.22
C GLU A 71 -3.41 9.54 1.54
N VAL A 72 -2.67 9.72 2.62
CA VAL A 72 -3.24 9.65 3.96
C VAL A 72 -3.03 10.96 4.69
N ASP A 73 -4.14 11.63 5.00
CA ASP A 73 -4.15 12.94 5.64
C ASP A 73 -3.44 14.01 4.81
N GLY A 74 -3.02 13.64 3.61
CA GLY A 74 -2.28 14.56 2.76
C GLY A 74 -0.92 14.02 2.39
N GLN A 75 -0.41 13.09 3.18
CA GLN A 75 0.88 12.47 2.89
C GLN A 75 0.68 11.37 1.86
N LYS A 76 1.50 11.37 0.82
CA LYS A 76 1.35 10.38 -0.24
C LYS A 76 2.37 9.26 -0.05
N TYR A 77 1.88 8.08 0.28
CA TYR A 77 2.73 6.91 0.48
C TYR A 77 2.67 6.02 -0.76
N LEU A 78 3.68 5.19 -0.93
CA LEU A 78 3.76 4.33 -2.10
C LEU A 78 3.85 2.86 -1.68
N GLY A 79 3.28 2.00 -2.49
CA GLY A 79 3.39 0.57 -2.25
C GLY A 79 3.48 -0.21 -3.53
N GLN A 80 4.41 -1.14 -3.60
CA GLN A 80 4.64 -1.90 -4.81
C GLN A 80 4.51 -3.39 -4.55
N GLY A 81 3.55 -4.01 -5.22
CA GLY A 81 3.32 -5.43 -5.04
C GLY A 81 3.17 -6.14 -6.37
N ARG A 82 2.85 -7.43 -6.33
CA ARG A 82 2.75 -8.23 -7.56
C ARG A 82 1.35 -8.17 -8.15
N SER A 83 0.51 -7.34 -7.55
CA SER A 83 -0.87 -7.15 -7.98
C SER A 83 -1.42 -5.89 -7.33
N LYS A 84 -2.58 -5.44 -7.79
CA LYS A 84 -3.23 -4.25 -7.24
C LYS A 84 -3.50 -4.45 -5.75
N LYS A 85 -3.89 -5.68 -5.41
CA LYS A 85 -4.17 -6.07 -4.04
C LYS A 85 -2.91 -5.91 -3.17
N VAL A 86 -1.82 -6.52 -3.61
CA VAL A 86 -0.57 -6.53 -2.84
C VAL A 86 0.00 -5.13 -2.75
N ALA A 87 -0.02 -4.40 -3.86
CA ALA A 87 0.51 -3.05 -3.91
C ALA A 87 -0.24 -2.12 -2.96
N ARG A 88 -1.56 -2.30 -2.91
CA ARG A 88 -2.40 -1.52 -2.01
C ARG A 88 -2.00 -1.75 -0.55
N ILE A 89 -1.72 -3.01 -0.24
CA ILE A 89 -1.26 -3.40 1.09
C ILE A 89 0.12 -2.82 1.39
N GLU A 90 1.06 -3.01 0.47
CA GLU A 90 2.41 -2.48 0.62
C GLU A 90 2.40 -0.96 0.82
N ALA A 91 1.45 -0.30 0.16
CA ALA A 91 1.30 1.14 0.29
C ALA A 91 0.87 1.52 1.70
N ALA A 92 -0.11 0.78 2.21
CA ALA A 92 -0.63 1.02 3.55
C ALA A 92 0.41 0.67 4.61
N ALA A 93 1.27 -0.29 4.30
CA ALA A 93 2.32 -0.70 5.22
C ALA A 93 3.26 0.47 5.49
N THR A 94 3.58 1.21 4.44
CA THR A 94 4.42 2.39 4.56
C THR A 94 3.73 3.44 5.42
N ALA A 95 2.43 3.62 5.19
CA ALA A 95 1.65 4.59 5.94
C ALA A 95 1.63 4.26 7.42
N LEU A 96 1.34 3.00 7.75
CA LEU A 96 1.24 2.56 9.14
C LEU A 96 2.51 2.90 9.91
N ARG A 97 3.66 2.55 9.34
CA ARG A 97 4.94 2.74 10.02
C ARG A 97 5.30 4.22 10.11
N SER A 98 4.61 5.05 9.34
CA SER A 98 4.79 6.49 9.41
C SER A 98 4.01 7.07 10.59
N PHE A 99 2.94 6.39 10.99
CA PHE A 99 2.14 6.82 12.13
C PHE A 99 2.71 6.24 13.42
N ILE A 100 2.84 4.92 13.46
CA ILE A 100 3.36 4.23 14.64
C ILE A 100 4.50 3.30 14.24
N GLN A 101 5.18 2.73 15.22
CA GLN A 101 6.35 1.91 14.95
C GLN A 101 6.28 0.60 15.74
N PHE A 102 6.32 -0.52 15.03
CA PHE A 102 6.31 -1.82 15.66
C PHE A 102 7.54 -2.63 15.26
N LYS A 103 8.45 -2.81 16.21
CA LYS A 103 9.62 -3.65 15.99
C LYS A 103 9.39 -5.03 16.59
N ASP A 104 8.90 -5.94 15.76
CA ASP A 104 8.73 -7.32 16.16
C ASP A 104 9.99 -8.11 15.85
N GLY A 105 10.53 -7.92 14.64
CA GLY A 105 11.74 -8.60 14.24
C GLY A 105 11.55 -10.09 14.06
N ALA A 106 10.31 -10.49 13.82
CA ALA A 106 9.99 -11.90 13.68
C ALA A 106 9.93 -12.31 12.21
N VAL A 107 10.63 -13.39 11.88
CA VAL A 107 10.67 -13.90 10.51
C VAL A 107 11.25 -12.84 9.56
N LEU A 108 12.13 -12.01 10.11
CA LEU A 108 12.77 -10.96 9.32
C LEU A 108 14.09 -11.46 8.77
N SER A 109 14.34 -12.73 9.02
CA SER A 109 15.53 -13.39 8.54
C SER A 109 15.14 -14.65 7.76
N PRO A 110 15.77 -14.88 6.60
CA PRO A 110 15.45 -16.02 5.75
C PRO A 110 15.92 -17.34 6.34
N LEU A 111 15.19 -17.85 7.32
CA LEU A 111 15.44 -19.17 7.86
C LEU A 111 14.68 -20.19 7.04
N LYS A 112 13.37 -19.98 6.99
CA LYS A 112 12.50 -20.73 6.11
C LYS A 112 11.51 -19.76 5.48
N PRO A 113 11.84 -19.24 4.29
CA PRO A 113 11.03 -18.24 3.59
C PRO A 113 9.90 -18.86 2.79
N ALA A 114 9.10 -18.02 2.17
CA ALA A 114 8.01 -18.48 1.33
C ALA A 114 8.31 -18.19 -0.13
N SER A 22 -29.38 12.27 -5.48
CA SER A 22 -28.81 10.98 -5.94
C SER A 22 -27.30 11.00 -5.78
N ASP A 23 -26.73 9.84 -5.46
CA ASP A 23 -25.31 9.74 -5.20
C ASP A 23 -24.68 8.65 -6.06
N PRO A 24 -23.87 9.04 -7.05
CA PRO A 24 -23.16 8.10 -7.92
C PRO A 24 -21.95 7.49 -7.23
N LYS A 25 -22.05 6.22 -6.87
CA LYS A 25 -20.99 5.53 -6.16
C LYS A 25 -20.60 4.25 -6.88
N LYS A 26 -19.44 3.72 -6.53
CA LYS A 26 -18.96 2.47 -7.10
C LYS A 26 -19.60 1.30 -6.37
N LYS A 27 -19.88 0.23 -7.08
CA LYS A 27 -20.44 -0.96 -6.46
C LYS A 27 -19.33 -1.79 -5.83
N MET A 28 -19.44 -2.03 -4.54
CA MET A 28 -18.42 -2.77 -3.82
C MET A 28 -18.44 -4.24 -4.22
N CYS A 29 -17.40 -4.67 -4.91
CA CYS A 29 -17.25 -6.06 -5.30
C CYS A 29 -16.54 -6.83 -4.19
N LYS A 30 -17.22 -7.82 -3.63
CA LYS A 30 -16.65 -8.61 -2.55
C LYS A 30 -15.71 -9.65 -3.10
N GLU A 31 -14.43 -9.34 -3.07
CA GLU A 31 -13.42 -10.25 -3.57
C GLU A 31 -13.12 -11.30 -2.51
N ARG A 32 -12.71 -12.49 -2.95
CA ARG A 32 -12.38 -13.56 -2.03
C ARG A 32 -11.10 -13.22 -1.27
N ILE A 33 -11.13 -13.37 0.04
CA ILE A 33 -9.97 -13.06 0.86
C ILE A 33 -9.49 -14.28 1.64
N PRO A 34 -8.64 -15.12 1.01
CA PRO A 34 -7.96 -16.21 1.69
C PRO A 34 -6.73 -15.71 2.44
N GLN A 35 -6.24 -14.57 1.98
CA GLN A 35 -5.09 -13.90 2.57
C GLN A 35 -5.55 -12.61 3.24
N PRO A 36 -5.89 -12.68 4.54
CA PRO A 36 -6.41 -11.56 5.29
C PRO A 36 -5.33 -10.81 6.06
N LYS A 37 -5.75 -10.05 7.07
CA LYS A 37 -4.86 -9.26 7.90
C LYS A 37 -4.09 -8.27 7.04
N ASN A 38 -4.83 -7.37 6.41
CA ASN A 38 -4.23 -6.38 5.54
C ASN A 38 -4.12 -5.02 6.21
N THR A 39 -3.06 -4.32 5.86
CA THR A 39 -2.77 -3.01 6.41
C THR A 39 -3.79 -1.98 5.93
N VAL A 40 -4.45 -2.30 4.82
CA VAL A 40 -5.49 -1.45 4.26
C VAL A 40 -6.63 -1.28 5.27
N ALA A 41 -7.02 -2.38 5.90
CA ALA A 41 -8.04 -2.34 6.94
C ALA A 41 -7.52 -1.55 8.14
N MET A 42 -6.24 -1.77 8.47
CA MET A 42 -5.59 -1.08 9.58
C MET A 42 -5.63 0.43 9.40
N LEU A 43 -5.39 0.88 8.17
CA LEU A 43 -5.40 2.31 7.86
C LEU A 43 -6.77 2.92 8.11
N ASN A 44 -7.81 2.14 7.83
CA ASN A 44 -9.19 2.59 8.05
C ASN A 44 -9.47 2.75 9.54
N GLU A 45 -8.70 2.02 10.34
CA GLU A 45 -8.83 2.09 11.79
C GLU A 45 -8.11 3.31 12.34
N LEU A 46 -7.15 3.80 11.58
CA LEU A 46 -6.33 4.93 12.02
C LEU A 46 -6.80 6.25 11.43
N ARG A 47 -6.66 6.40 10.12
CA ARG A 47 -6.87 7.69 9.47
C ARG A 47 -7.77 7.54 8.25
N HIS A 48 -8.85 8.31 8.21
CA HIS A 48 -9.74 8.35 7.04
C HIS A 48 -9.11 9.20 5.94
N GLY A 49 -9.66 9.13 4.74
CA GLY A 49 -9.12 9.88 3.63
C GLY A 49 -7.96 9.15 3.01
N LEU A 50 -8.05 7.82 2.97
CA LEU A 50 -7.02 7.00 2.38
C LEU A 50 -7.43 6.56 0.99
N ILE A 51 -6.88 7.24 -0.01
CA ILE A 51 -7.20 6.94 -1.40
C ILE A 51 -6.08 6.15 -2.06
N TYR A 52 -6.38 4.91 -2.44
CA TYR A 52 -5.41 4.07 -3.13
C TYR A 52 -5.59 4.18 -4.63
N LYS A 53 -4.53 4.53 -5.33
CA LYS A 53 -4.58 4.65 -6.77
C LYS A 53 -3.35 4.00 -7.40
N LEU A 54 -3.54 3.37 -8.55
CA LEU A 54 -2.44 2.76 -9.27
C LEU A 54 -1.75 3.82 -10.13
N GLU A 55 -0.57 4.25 -9.71
CA GLU A 55 0.11 5.33 -10.41
C GLU A 55 1.01 4.79 -11.52
N SER A 56 1.53 3.58 -11.34
CA SER A 56 2.37 2.97 -12.36
C SER A 56 2.32 1.44 -12.27
N GLN A 57 2.42 0.79 -13.42
CA GLN A 57 2.45 -0.66 -13.48
C GLN A 57 3.41 -1.10 -14.58
N THR A 58 4.47 -1.79 -14.20
CA THR A 58 5.49 -2.22 -15.13
C THR A 58 6.01 -3.61 -14.78
N GLY A 59 6.33 -4.41 -15.78
CA GLY A 59 6.96 -5.69 -15.51
C GLY A 59 6.37 -6.83 -16.32
N PRO A 60 6.91 -8.04 -16.13
CA PRO A 60 6.46 -9.24 -16.84
C PRO A 60 5.09 -9.71 -16.38
N VAL A 61 4.63 -10.84 -16.92
CA VAL A 61 3.33 -11.38 -16.55
C VAL A 61 3.47 -12.41 -15.43
N HIS A 62 4.67 -12.96 -15.27
CA HIS A 62 4.93 -13.93 -14.22
C HIS A 62 5.19 -13.23 -12.90
N ALA A 63 5.62 -11.97 -12.99
CA ALA A 63 5.89 -11.17 -11.79
C ALA A 63 5.85 -9.69 -12.13
N PRO A 64 4.65 -9.12 -12.29
CA PRO A 64 4.47 -7.71 -12.60
C PRO A 64 4.72 -6.83 -11.38
N LEU A 65 5.09 -5.58 -11.60
CA LEU A 65 5.26 -4.65 -10.52
C LEU A 65 4.15 -3.61 -10.55
N PHE A 66 3.35 -3.61 -9.51
CA PHE A 66 2.28 -2.66 -9.35
C PHE A 66 2.68 -1.59 -8.35
N THR A 67 2.44 -0.34 -8.68
CA THR A 67 2.80 0.75 -7.81
C THR A 67 1.55 1.52 -7.38
N ILE A 68 1.11 1.25 -6.18
CA ILE A 68 -0.07 1.89 -5.62
C ILE A 68 0.34 3.04 -4.72
N SER A 69 -0.25 4.19 -4.96
CA SER A 69 -0.02 5.34 -4.11
C SER A 69 -1.24 5.63 -3.27
N VAL A 70 -1.03 5.81 -1.98
CA VAL A 70 -2.11 6.17 -1.10
C VAL A 70 -1.77 7.45 -0.38
N GLU A 71 -2.64 8.43 -0.51
CA GLU A 71 -2.43 9.69 0.15
C GLU A 71 -3.22 9.73 1.44
N VAL A 72 -2.51 9.64 2.55
CA VAL A 72 -3.14 9.56 3.85
C VAL A 72 -2.85 10.84 4.63
N ASP A 73 -3.92 11.49 5.09
CA ASP A 73 -3.84 12.79 5.78
C ASP A 73 -3.44 13.90 4.81
N GLY A 74 -2.66 13.55 3.83
CA GLY A 74 -2.13 14.50 2.90
C GLY A 74 -0.75 14.08 2.44
N GLN A 75 -0.19 13.11 3.13
CA GLN A 75 1.11 12.54 2.76
C GLN A 75 0.89 11.42 1.75
N LYS A 76 1.66 11.41 0.67
CA LYS A 76 1.49 10.40 -0.35
C LYS A 76 2.48 9.26 -0.14
N TYR A 77 1.95 8.12 0.27
CA TYR A 77 2.76 6.94 0.52
C TYR A 77 2.75 6.03 -0.69
N LEU A 78 3.76 5.19 -0.83
CA LEU A 78 3.87 4.34 -2.01
C LEU A 78 3.98 2.88 -1.61
N GLY A 79 3.35 2.02 -2.38
CA GLY A 79 3.45 0.59 -2.16
C GLY A 79 3.66 -0.14 -3.47
N GLN A 80 4.65 -1.01 -3.50
CA GLN A 80 4.98 -1.73 -4.72
C GLN A 80 4.89 -3.23 -4.49
N GLY A 81 4.08 -3.89 -5.31
CA GLY A 81 3.87 -5.32 -5.16
C GLY A 81 3.66 -6.00 -6.50
N ARG A 82 3.46 -7.31 -6.47
CA ARG A 82 3.29 -8.08 -7.70
C ARG A 82 1.85 -8.03 -8.19
N SER A 83 0.99 -7.38 -7.43
CA SER A 83 -0.43 -7.29 -7.77
C SER A 83 -0.98 -6.00 -7.20
N LYS A 84 -2.17 -5.58 -7.68
CA LYS A 84 -2.79 -4.36 -7.18
C LYS A 84 -3.06 -4.47 -5.69
N LYS A 85 -3.42 -5.66 -5.24
CA LYS A 85 -3.69 -5.91 -3.83
C LYS A 85 -2.43 -5.77 -3.01
N VAL A 86 -1.38 -6.48 -3.43
CA VAL A 86 -0.09 -6.43 -2.74
C VAL A 86 0.40 -4.99 -2.62
N ALA A 87 0.42 -4.30 -3.75
CA ALA A 87 0.89 -2.92 -3.81
C ALA A 87 0.06 -2.02 -2.91
N ARG A 88 -1.25 -2.27 -2.89
CA ARG A 88 -2.16 -1.50 -2.07
C ARG A 88 -1.83 -1.69 -0.58
N ILE A 89 -1.62 -2.95 -0.20
CA ILE A 89 -1.23 -3.29 1.17
C ILE A 89 0.13 -2.67 1.53
N GLU A 90 1.10 -2.80 0.64
CA GLU A 90 2.43 -2.23 0.88
C GLU A 90 2.35 -0.72 1.06
N ALA A 91 1.48 -0.07 0.30
CA ALA A 91 1.28 1.36 0.42
C ALA A 91 0.74 1.72 1.81
N ALA A 92 -0.27 0.96 2.24
CA ALA A 92 -0.88 1.16 3.54
C ALA A 92 0.09 0.84 4.67
N ALA A 93 0.96 -0.14 4.43
CA ALA A 93 1.95 -0.55 5.42
C ALA A 93 2.91 0.61 5.73
N THR A 94 3.32 1.32 4.69
CA THR A 94 4.19 2.46 4.86
C THR A 94 3.47 3.60 5.60
N ALA A 95 2.18 3.72 5.33
CA ALA A 95 1.37 4.71 6.03
C ALA A 95 1.29 4.39 7.52
N LEU A 96 1.05 3.12 7.84
CA LEU A 96 0.96 2.67 9.23
C LEU A 96 2.23 2.99 10.00
N ARG A 97 3.37 2.58 9.44
CA ARG A 97 4.66 2.75 10.11
C ARG A 97 5.07 4.21 10.15
N SER A 98 4.36 5.05 9.43
CA SER A 98 4.57 6.49 9.48
C SER A 98 3.86 7.06 10.70
N PHE A 99 2.78 6.41 11.10
CA PHE A 99 2.01 6.85 12.24
C PHE A 99 2.61 6.29 13.52
N ILE A 100 2.77 4.97 13.58
CA ILE A 100 3.33 4.33 14.75
C ILE A 100 4.51 3.44 14.34
N GLN A 101 5.57 3.53 15.12
CA GLN A 101 6.75 2.70 14.91
C GLN A 101 6.66 1.47 15.77
N PHE A 102 7.47 0.47 15.47
CA PHE A 102 7.42 -0.78 16.20
C PHE A 102 8.80 -1.11 16.78
N LYS A 103 9.84 -0.65 16.11
CA LYS A 103 11.20 -0.90 16.57
C LYS A 103 11.77 0.36 17.21
N ASP A 104 13.03 0.27 17.66
CA ASP A 104 13.70 1.38 18.32
C ASP A 104 14.45 2.25 17.32
N GLY A 105 13.98 2.24 16.08
CA GLY A 105 14.57 3.06 15.04
C GLY A 105 14.11 4.50 15.13
N ALA A 106 14.31 5.11 16.27
CA ALA A 106 13.89 6.49 16.53
C ALA A 106 14.77 7.48 15.77
N VAL A 107 14.51 8.77 15.95
CA VAL A 107 15.28 9.81 15.28
C VAL A 107 16.77 9.65 15.56
N LEU A 108 17.53 9.51 14.48
CA LEU A 108 18.99 9.43 14.57
C LEU A 108 19.55 10.75 15.11
N SER A 109 19.89 10.74 16.39
CA SER A 109 20.37 11.93 17.06
C SER A 109 21.45 11.54 18.06
N PRO A 110 22.40 12.43 18.35
CA PRO A 110 23.52 12.13 19.26
C PRO A 110 23.12 12.18 20.73
N LEU A 111 21.85 11.97 20.99
CA LEU A 111 21.33 11.97 22.34
C LEU A 111 21.67 10.64 23.01
N LYS A 112 22.70 10.66 23.83
CA LYS A 112 23.24 9.45 24.42
C LYS A 112 23.47 9.63 25.91
N PRO A 113 22.80 8.82 26.74
CA PRO A 113 22.99 8.80 28.18
C PRO A 113 24.13 7.88 28.59
N ALA A 114 24.97 8.34 29.50
CA ALA A 114 26.09 7.56 29.97
C ALA A 114 25.81 7.03 31.38
N SER A 22 -1.27 6.97 -26.37
CA SER A 22 -0.33 6.32 -25.41
C SER A 22 -1.06 5.99 -24.12
N ASP A 23 -1.17 4.70 -23.84
CA ASP A 23 -1.84 4.23 -22.63
C ASP A 23 -1.10 3.06 -22.00
N PRO A 24 -0.03 3.35 -21.25
CA PRO A 24 0.76 2.33 -20.57
C PRO A 24 0.13 1.90 -19.25
N LYS A 25 -0.91 2.62 -18.84
CA LYS A 25 -1.58 2.35 -17.58
C LYS A 25 -2.64 1.26 -17.74
N LYS A 26 -2.72 0.36 -16.78
CA LYS A 26 -3.75 -0.66 -16.78
C LYS A 26 -4.89 -0.23 -15.86
N LYS A 27 -5.85 0.49 -16.45
CA LYS A 27 -6.95 1.07 -15.69
C LYS A 27 -7.77 -0.02 -15.00
N MET A 28 -8.32 0.34 -13.84
CA MET A 28 -9.04 -0.60 -13.01
C MET A 28 -10.32 -1.10 -13.70
N CYS A 29 -10.38 -2.40 -13.95
CA CYS A 29 -11.56 -3.01 -14.54
C CYS A 29 -12.47 -3.52 -13.42
N LYS A 30 -11.90 -4.34 -12.55
CA LYS A 30 -12.60 -4.82 -11.38
C LYS A 30 -11.61 -5.21 -10.29
N GLU A 31 -12.07 -5.20 -9.04
CA GLU A 31 -11.21 -5.46 -7.91
C GLU A 31 -11.11 -6.94 -7.59
N ARG A 32 -10.07 -7.32 -6.87
CA ARG A 32 -9.90 -8.67 -6.38
C ARG A 32 -9.99 -8.67 -4.86
N ILE A 33 -10.74 -9.62 -4.31
CA ILE A 33 -11.03 -9.66 -2.89
C ILE A 33 -9.74 -9.69 -2.04
N PRO A 34 -9.54 -8.65 -1.22
CA PRO A 34 -8.38 -8.57 -0.32
C PRO A 34 -8.48 -9.57 0.83
N GLN A 35 -7.37 -9.79 1.51
CA GLN A 35 -7.32 -10.75 2.59
C GLN A 35 -7.24 -10.04 3.93
N PRO A 36 -7.73 -10.68 5.01
CA PRO A 36 -7.73 -10.11 6.36
C PRO A 36 -6.33 -9.85 6.89
N LYS A 37 -6.26 -9.09 7.98
CA LYS A 37 -5.00 -8.68 8.61
C LYS A 37 -4.20 -7.77 7.68
N ASN A 38 -4.91 -7.15 6.75
CA ASN A 38 -4.30 -6.23 5.81
C ASN A 38 -4.12 -4.86 6.44
N THR A 39 -3.03 -4.24 6.07
CA THR A 39 -2.66 -2.92 6.57
C THR A 39 -3.69 -1.87 6.16
N VAL A 40 -4.43 -2.18 5.10
CA VAL A 40 -5.47 -1.31 4.58
C VAL A 40 -6.56 -1.10 5.63
N ALA A 41 -6.96 -2.18 6.28
CA ALA A 41 -7.96 -2.11 7.33
C ALA A 41 -7.41 -1.33 8.53
N MET A 42 -6.13 -1.56 8.80
CA MET A 42 -5.44 -0.87 9.89
C MET A 42 -5.46 0.63 9.68
N LEU A 43 -5.23 1.04 8.43
CA LEU A 43 -5.24 2.45 8.07
C LEU A 43 -6.60 3.08 8.30
N ASN A 44 -7.66 2.32 8.04
CA ASN A 44 -9.02 2.80 8.21
C ASN A 44 -9.33 3.03 9.68
N GLU A 45 -8.58 2.39 10.56
CA GLU A 45 -8.74 2.58 11.99
C GLU A 45 -8.00 3.84 12.44
N LEU A 46 -6.95 4.19 11.72
CA LEU A 46 -6.12 5.34 12.08
C LEU A 46 -6.67 6.64 11.51
N ARG A 47 -6.85 6.68 10.20
CA ARG A 47 -7.28 7.89 9.53
C ARG A 47 -8.34 7.59 8.47
N HIS A 48 -8.83 8.64 7.83
CA HIS A 48 -9.78 8.51 6.74
C HIS A 48 -9.26 9.28 5.53
N GLY A 49 -9.91 9.09 4.39
CA GLY A 49 -9.50 9.77 3.18
C GLY A 49 -8.31 9.11 2.53
N LEU A 50 -8.10 7.84 2.86
CA LEU A 50 -6.99 7.07 2.34
C LEU A 50 -7.30 6.58 0.92
N ILE A 51 -6.84 7.34 -0.06
CA ILE A 51 -7.08 7.03 -1.47
C ILE A 51 -6.01 6.11 -2.03
N TYR A 52 -6.38 4.87 -2.34
CA TYR A 52 -5.48 3.94 -3.01
C TYR A 52 -5.65 4.05 -4.51
N LYS A 53 -4.61 4.49 -5.18
CA LYS A 53 -4.64 4.65 -6.63
C LYS A 53 -3.40 4.03 -7.26
N LEU A 54 -3.57 3.41 -8.42
CA LEU A 54 -2.45 2.83 -9.13
C LEU A 54 -1.75 3.91 -9.95
N GLU A 55 -0.59 4.35 -9.49
CA GLU A 55 0.10 5.42 -10.16
C GLU A 55 1.02 4.87 -11.25
N SER A 56 1.64 3.74 -10.99
CA SER A 56 2.62 3.17 -11.90
C SER A 56 2.45 1.65 -12.01
N GLN A 57 2.83 1.10 -13.16
CA GLN A 57 2.73 -0.34 -13.37
C GLN A 57 3.71 -0.78 -14.46
N THR A 58 4.55 -1.74 -14.13
CA THR A 58 5.54 -2.29 -15.07
C THR A 58 5.82 -3.76 -14.74
N GLY A 59 6.89 -4.31 -15.26
CA GLY A 59 7.34 -5.62 -14.84
C GLY A 59 7.06 -6.71 -15.86
N PRO A 60 7.54 -7.94 -15.60
CA PRO A 60 7.30 -9.11 -16.47
C PRO A 60 5.86 -9.58 -16.43
N VAL A 61 5.52 -10.53 -17.27
CA VAL A 61 4.15 -11.03 -17.32
C VAL A 61 3.92 -12.13 -16.29
N HIS A 62 4.99 -12.75 -15.81
CA HIS A 62 4.87 -13.78 -14.79
C HIS A 62 4.71 -13.14 -13.41
N ALA A 63 5.29 -11.95 -13.24
CA ALA A 63 5.22 -11.25 -11.96
C ALA A 63 5.41 -9.75 -12.17
N PRO A 64 4.37 -9.05 -12.62
CA PRO A 64 4.47 -7.62 -12.88
C PRO A 64 4.58 -6.82 -11.60
N LEU A 65 5.06 -5.59 -11.72
CA LEU A 65 5.23 -4.73 -10.58
C LEU A 65 4.16 -3.64 -10.60
N PHE A 66 3.34 -3.64 -9.58
CA PHE A 66 2.27 -2.67 -9.44
C PHE A 66 2.65 -1.65 -8.38
N THR A 67 2.40 -0.38 -8.66
CA THR A 67 2.76 0.68 -7.76
C THR A 67 1.52 1.44 -7.32
N ILE A 68 1.05 1.12 -6.13
CA ILE A 68 -0.13 1.77 -5.57
C ILE A 68 0.29 2.90 -4.65
N SER A 69 -0.30 4.04 -4.85
CA SER A 69 -0.06 5.18 -3.99
C SER A 69 -1.28 5.41 -3.12
N VAL A 70 -1.05 5.62 -1.84
CA VAL A 70 -2.15 5.90 -0.93
C VAL A 70 -1.94 7.25 -0.28
N GLU A 71 -2.93 8.10 -0.40
CA GLU A 71 -2.85 9.42 0.15
C GLU A 71 -3.60 9.46 1.47
N VAL A 72 -2.87 9.71 2.54
CA VAL A 72 -3.45 9.69 3.87
C VAL A 72 -3.02 10.92 4.65
N ASP A 73 -3.99 11.71 5.11
CA ASP A 73 -3.75 12.93 5.88
C ASP A 73 -2.93 13.94 5.07
N GLY A 74 -2.85 13.71 3.77
CA GLY A 74 -2.08 14.59 2.92
C GLY A 74 -0.75 13.98 2.51
N GLN A 75 -0.38 12.90 3.19
CA GLN A 75 0.86 12.20 2.88
C GLN A 75 0.63 11.12 1.86
N LYS A 76 1.47 11.10 0.84
CA LYS A 76 1.32 10.14 -0.24
C LYS A 76 2.33 9.01 -0.06
N TYR A 77 1.82 7.86 0.37
CA TYR A 77 2.65 6.70 0.62
C TYR A 77 2.66 5.79 -0.59
N LEU A 78 3.68 4.97 -0.73
CA LEU A 78 3.81 4.12 -1.90
C LEU A 78 3.95 2.65 -1.51
N GLY A 79 3.34 1.79 -2.31
CA GLY A 79 3.46 0.36 -2.11
C GLY A 79 3.65 -0.37 -3.41
N GLN A 80 4.64 -1.25 -3.47
CA GLN A 80 4.94 -1.99 -4.67
C GLN A 80 4.72 -3.47 -4.47
N GLY A 81 4.00 -4.09 -5.39
CA GLY A 81 3.68 -5.50 -5.28
C GLY A 81 3.51 -6.14 -6.64
N ARG A 82 3.28 -7.45 -6.65
CA ARG A 82 3.15 -8.18 -7.91
C ARG A 82 1.71 -8.20 -8.41
N SER A 83 0.85 -7.44 -7.73
CA SER A 83 -0.54 -7.31 -8.10
C SER A 83 -1.10 -6.04 -7.45
N LYS A 84 -2.26 -5.58 -7.93
CA LYS A 84 -2.89 -4.40 -7.34
C LYS A 84 -3.24 -4.66 -5.88
N LYS A 85 -3.54 -5.93 -5.60
CA LYS A 85 -3.82 -6.38 -4.24
C LYS A 85 -2.63 -6.14 -3.32
N VAL A 86 -1.48 -6.69 -3.71
CA VAL A 86 -0.27 -6.59 -2.91
C VAL A 86 0.14 -5.14 -2.72
N ALA A 87 0.18 -4.41 -3.84
CA ALA A 87 0.63 -3.04 -3.86
C ALA A 87 -0.21 -2.14 -2.94
N ARG A 88 -1.52 -2.42 -2.88
CA ARG A 88 -2.42 -1.67 -2.02
C ARG A 88 -2.03 -1.86 -0.55
N ILE A 89 -1.79 -3.11 -0.18
CA ILE A 89 -1.37 -3.46 1.18
C ILE A 89 0.01 -2.87 1.49
N GLU A 90 0.94 -3.02 0.57
CA GLU A 90 2.29 -2.49 0.73
C GLU A 90 2.27 -0.97 0.92
N ALA A 91 1.36 -0.30 0.22
CA ALA A 91 1.21 1.14 0.35
C ALA A 91 0.76 1.51 1.76
N ALA A 92 -0.23 0.80 2.25
CA ALA A 92 -0.76 1.04 3.59
C ALA A 92 0.28 0.71 4.66
N ALA A 93 1.14 -0.26 4.36
CA ALA A 93 2.22 -0.62 5.27
C ALA A 93 3.15 0.57 5.53
N THR A 94 3.52 1.26 4.46
CA THR A 94 4.34 2.47 4.55
C THR A 94 3.62 3.54 5.37
N ALA A 95 2.31 3.64 5.17
CA ALA A 95 1.50 4.60 5.88
C ALA A 95 1.52 4.33 7.38
N LEU A 96 1.24 3.08 7.75
CA LEU A 96 1.17 2.69 9.17
C LEU A 96 2.45 3.08 9.91
N ARG A 97 3.60 2.74 9.32
CA ARG A 97 4.88 2.98 9.99
C ARG A 97 5.17 4.47 10.11
N SER A 98 4.52 5.28 9.28
CA SER A 98 4.68 6.73 9.37
C SER A 98 3.85 7.28 10.53
N PHE A 99 2.81 6.56 10.92
CA PHE A 99 2.00 6.95 12.07
C PHE A 99 2.62 6.40 13.35
N ILE A 100 2.83 5.10 13.39
CA ILE A 100 3.44 4.47 14.55
C ILE A 100 4.54 3.51 14.11
N GLN A 101 5.60 3.45 14.89
CA GLN A 101 6.68 2.50 14.65
C GLN A 101 6.88 1.64 15.89
N PHE A 102 7.74 0.64 15.81
CA PHE A 102 7.92 -0.27 16.92
C PHE A 102 9.38 -0.36 17.35
N LYS A 103 10.22 0.52 16.78
CA LYS A 103 11.66 0.48 17.03
C LYS A 103 12.20 -0.91 16.67
N ASP A 104 11.71 -1.42 15.55
CA ASP A 104 12.01 -2.78 15.09
C ASP A 104 13.51 -3.04 15.02
N GLY A 105 14.23 -2.13 14.39
CA GLY A 105 15.67 -2.30 14.22
C GLY A 105 15.99 -3.45 13.28
N ALA A 106 15.19 -3.57 12.23
CA ALA A 106 15.39 -4.62 11.24
C ALA A 106 15.94 -4.01 9.95
N VAL A 107 16.46 -4.86 9.07
CA VAL A 107 17.02 -4.39 7.82
C VAL A 107 16.22 -4.91 6.64
N LEU A 108 15.99 -4.05 5.67
CA LEU A 108 15.25 -4.42 4.47
C LEU A 108 16.17 -5.14 3.50
N SER A 109 16.34 -6.44 3.73
CA SER A 109 17.18 -7.27 2.87
C SER A 109 16.61 -7.39 1.45
N PRO A 110 15.30 -7.67 1.28
CA PRO A 110 14.66 -7.67 -0.03
C PRO A 110 14.28 -6.26 -0.45
N LEU A 111 15.27 -5.38 -0.52
CA LEU A 111 15.04 -4.00 -0.91
C LEU A 111 14.51 -3.92 -2.35
N LYS A 112 13.68 -2.92 -2.60
CA LYS A 112 13.08 -2.75 -3.90
C LYS A 112 13.45 -1.41 -4.50
N PRO A 113 14.23 -1.42 -5.59
CA PRO A 113 14.54 -0.19 -6.33
C PRO A 113 13.30 0.39 -6.99
N ALA A 114 13.18 1.70 -6.98
CA ALA A 114 12.01 2.36 -7.51
C ALA A 114 12.18 2.66 -9.00
#